data_6RCV
#
_entry.id   6RCV
#
_cell.length_a   140.994
_cell.length_b   150.991
_cell.length_c   163.974
_cell.angle_alpha   90.00
_cell.angle_beta   90.00
_cell.angle_gamma   90.00
#
_symmetry.space_group_name_H-M   'P 21 21 21'
#
loop_
_entity.id
_entity.type
_entity.pdbx_description
1 polymer 'Reticulocyte binding protein homologue 5'
2 polymer 'R5.011 light chain'
3 polymer 'R5.011 heavy chain'
4 polymer 'R5.016 light chain'
5 polymer 'R5.016 heavy chain'
#
loop_
_entity_poly.entity_id
_entity_poly.type
_entity_poly.pdbx_seq_one_letter_code
_entity_poly.pdbx_strand_id
1 'polypeptide(L)'
;ENAIKKTKNQENQLTLLPIKSTEEEKDDIKNGKDIKKEIDNDKENIKTNNAKDHSTYIKSYLNTNVNDGLKYLFIPSHNS
FIKKYSVFNQINDGMLLNEKNDVKNNEDYKNVDYKNVNFLQYHFKELSNYNIANSIDILQEKEGHLDFVIIPHYTFLDYY
KHLSYNSIYHKSSTYGKCIAVDAFIKKINEAYDKVKSKCNDIKNDLIATIKKLEHPYDINNKNDDSYRYDISEEIDDKSE
ETDDETEEVEDSIQDTDSNHTPSNKKKNDLMNRTFKKMMDEYNTKKKKLIKCIKNHENDFNKICMDMKNYGTNLFEQLSC
YNNNFCNTNGIRYHYDEYIHKLILSVKSKNLNKDLSDMTNILQQSELLLTNLNKKMGSYIYIDTIKFIHKEMKHIFNRIE
YHTKIINDKTKIIQDKIKLNIWRTFQKDELLKRILDMSNEYSLFITSDHLRQMLYNTFYSKEKHLNNIFHHLIYVLQMKF
NDVPIKMEYFQTYKKNKPLTQ
;
A,F
2 'polypeptide(L)'
;SVTSYELTQPPSVSVAPGQTATITCGGKNIGSKSVHWYQQKPGQAPVLVVYDDSDRPSGIPERFSGSNSGNTATLTISRV
EAGDEADYYCQVWDSSSDHRVFGGGTKLTVLGQPKAAPSVTLFPPSSEELQANKATLVCLISDFYPGAVTVAWKADSSPV
KAGVETTTPSKQSNNKYAASSYLSLTPEQWKSHRSYSCQVTHEGSTVEKTVAPTECS
;
B,G
3 'polypeptide(L)'
;VHSEVQLVQSGSDLKKPGASVKVSCKASGYTFTSYAMNWVRQAPGQGLEWVGWINTNTGNPTYAQGFTGRFVFSLDTSVS
TAYLQISSLKAEDTAVYYCARESPNYYDSSGYYSGYYFDYWGQGTLVTVSSASTKGPSVFPLAPSSKSTSGGTAALGCLV
KDYFPEPVTVSWNSGALTSGVHTFPAVLQSSGLYSLSSVVTVPSSSLGTQTYICNVNHKPSNTKVDKKVEPKSCDKTHTC
;
C,H
4 'polypeptide(L)'
;TGVHCAIRMTQSPSTLSASVGDRVTITCRASQSINTWLAWYQQKPGKAPNLLISKASSLESGVPSRFSGSGSGTEFTLTI
SSLQPDDFATYFCQQYNSYLYTFGQGTKVEIRRTVAAPSVFIFPPSDEQLKSGTASVVCLLNNFYPREAKVQWKVDNALQ
SGNSQESVTEQDSKDSTYSLSSTLTLSKADYEKHKVYACEVTHQGLSSPVTKSFNRGEC
;
D,I
5 'polypeptide(L)'
;TGVHSQVQLVQSGAEVKKPGASVRVSCKASGYTFTSYGISWVRQAPGQGLEWMGWISGYDGNTNYAQKLQGRVTMTTDTS
TSTAYMELRSLRSDDTAVYYCARDGPQVGDFDWQVYYYYGMDVWGQGTTVTVSSASTKGPSVFPLAPSSKSTSGGTAALG
CLVKDYFPEPVTVSWNSGALTSGVHTFPAVLQSSGLYSLSSVVTVPSSSLGTQTYICNVNHKPSNTKVDKKVEPKSCDKT
HTCPPCPAPELLGGPSVFLFPPKPKDTLMISRTPEVTCVVVDVSHEDPEVKFNWYVDGVEVHNAKTKPREEQYNSTYRVV
SVLTVLHQDWLNGKEYKCKVSNKALPAPIEKTISKAKGQPREPQVYTLPPSRDELTKNQVSLTCLVKGFYPSDIAVEWES
NGQPENNYKTTPPVLDSDGSFFLYSKLTVDKSRWQQGNVFSCSVMHEALHNHYTQKSLSLSPGK
;
E,J
#
# COMPACT_ATOMS: atom_id res chain seq x y z
N PHE A 119 9.29 -8.16 14.93
CA PHE A 119 9.97 -8.41 13.65
C PHE A 119 9.13 -8.00 12.42
N LEU A 120 9.74 -7.07 11.68
CA LEU A 120 9.18 -6.34 10.55
C LEU A 120 8.96 -7.22 9.31
N GLN A 121 8.31 -6.62 8.32
CA GLN A 121 8.15 -7.18 6.97
C GLN A 121 8.96 -6.29 6.01
N TYR A 122 10.21 -6.67 5.81
CA TYR A 122 11.10 -5.91 4.94
C TYR A 122 10.68 -6.22 3.52
N HIS A 123 10.74 -5.23 2.61
CA HIS A 123 10.36 -5.65 1.27
C HIS A 123 11.56 -5.93 0.38
N PHE A 124 12.77 -5.61 0.82
CA PHE A 124 13.98 -6.09 0.18
C PHE A 124 14.52 -7.11 1.16
N LYS A 125 14.37 -8.39 0.81
CA LYS A 125 14.62 -9.47 1.75
C LYS A 125 15.40 -10.61 1.11
N GLU A 126 14.92 -11.09 -0.03
CA GLU A 126 15.59 -12.15 -0.77
C GLU A 126 16.48 -11.57 -1.85
N LEU A 127 17.61 -12.25 -2.08
CA LEU A 127 18.50 -11.91 -3.17
C LEU A 127 18.88 -13.17 -3.93
N SER A 128 18.30 -14.31 -3.54
CA SER A 128 18.54 -15.63 -4.10
C SER A 128 17.20 -16.29 -4.39
N ASN A 129 16.29 -15.50 -4.96
CA ASN A 129 14.97 -15.94 -5.39
C ASN A 129 14.94 -15.77 -6.90
N TYR A 130 15.22 -16.87 -7.60
CA TYR A 130 15.47 -16.93 -9.02
C TYR A 130 14.23 -16.63 -9.86
N ASN A 131 13.10 -16.34 -9.21
CA ASN A 131 11.88 -16.01 -9.95
C ASN A 131 12.03 -14.73 -10.75
N ILE A 132 12.77 -13.75 -10.21
CA ILE A 132 12.99 -12.46 -10.86
C ILE A 132 14.44 -12.34 -11.31
N ALA A 133 14.61 -12.09 -12.61
CA ALA A 133 15.91 -12.01 -13.26
C ALA A 133 16.73 -10.83 -12.78
N ASN A 134 18.01 -11.07 -12.52
CA ASN A 134 18.96 -10.06 -12.06
C ASN A 134 19.36 -9.22 -13.27
N SER A 135 18.73 -8.05 -13.41
CA SER A 135 18.96 -7.19 -14.57
C SER A 135 20.29 -6.44 -14.46
N ILE A 136 21.15 -6.62 -15.47
CA ILE A 136 22.48 -6.05 -15.51
C ILE A 136 22.47 -4.88 -16.48
N ASP A 137 22.95 -3.73 -16.02
CA ASP A 137 23.03 -2.53 -16.84
C ASP A 137 24.48 -2.28 -17.26
N ILE A 138 24.67 -2.00 -18.53
CA ILE A 138 25.98 -1.69 -19.10
C ILE A 138 26.06 -0.19 -19.33
N LEU A 139 27.16 0.42 -18.87
CA LEU A 139 27.37 1.86 -18.97
C LEU A 139 28.73 2.15 -19.60
N GLN A 140 28.72 2.95 -20.66
CA GLN A 140 29.90 3.32 -21.44
C GLN A 140 29.96 4.84 -21.53
N GLU A 141 30.11 5.47 -20.37
CA GLU A 141 30.10 6.94 -20.27
C GLU A 141 31.13 7.60 -21.18
N LYS A 142 32.38 7.17 -21.13
CA LYS A 142 33.43 7.77 -21.96
C LYS A 142 33.94 6.72 -22.93
N GLU A 143 34.36 7.18 -24.11
CA GLU A 143 34.86 6.25 -25.13
C GLU A 143 36.02 5.43 -24.59
N GLY A 144 35.87 4.10 -24.64
CA GLY A 144 36.91 3.20 -24.20
C GLY A 144 36.83 2.78 -22.76
N HIS A 145 35.74 3.08 -22.07
CA HIS A 145 35.53 2.68 -20.68
C HIS A 145 34.23 1.91 -20.59
N LEU A 146 34.16 0.97 -19.64
CA LEU A 146 32.96 0.16 -19.48
C LEU A 146 32.73 -0.16 -18.01
N ASP A 147 31.45 -0.20 -17.62
CA ASP A 147 31.07 -0.54 -16.25
C ASP A 147 29.69 -1.20 -16.26
N PHE A 148 29.39 -1.91 -15.18
CA PHE A 148 28.14 -2.64 -15.08
C PHE A 148 27.56 -2.54 -13.68
N VAL A 149 26.23 -2.58 -13.61
CA VAL A 149 25.51 -2.56 -12.33
C VAL A 149 24.49 -3.69 -12.32
N ILE A 150 24.47 -4.48 -11.25
CA ILE A 150 23.44 -5.50 -11.09
C ILE A 150 22.35 -4.82 -10.28
N ILE A 151 21.35 -4.26 -10.99
CA ILE A 151 20.33 -3.44 -10.36
C ILE A 151 19.76 -4.02 -9.07
N PRO A 152 19.38 -5.31 -9.01
CA PRO A 152 18.93 -5.87 -7.71
C PRO A 152 19.88 -5.54 -6.56
N HIS A 153 21.17 -5.77 -6.78
CA HIS A 153 22.17 -5.52 -5.75
C HIS A 153 22.29 -4.04 -5.42
N TYR A 154 22.24 -3.18 -6.43
CA TYR A 154 22.34 -1.73 -6.18
C TYR A 154 21.19 -1.28 -5.30
N THR A 155 19.97 -1.67 -5.65
CA THR A 155 18.82 -1.21 -4.88
C THR A 155 18.87 -1.79 -3.47
N PHE A 156 19.04 -3.11 -3.36
CA PHE A 156 19.19 -3.76 -2.06
C PHE A 156 20.14 -2.97 -1.13
N LEU A 157 21.40 -2.84 -1.57
CA LEU A 157 22.41 -2.12 -0.80
C LEU A 157 21.95 -0.71 -0.41
N ASP A 158 21.32 0.00 -1.34
CA ASP A 158 20.91 1.36 -1.03
C ASP A 158 19.78 1.37 0.01
N TYR A 159 18.81 0.47 -0.15
CA TYR A 159 17.71 0.34 0.80
C TYR A 159 18.25 0.17 2.21
N TYR A 160 19.26 -0.69 2.38
CA TYR A 160 19.79 -0.81 3.73
C TYR A 160 20.68 0.36 4.13
N LYS A 161 21.04 1.23 3.17
CA LYS A 161 21.81 2.42 3.53
C LYS A 161 20.86 3.45 4.13
N HIS A 162 19.65 3.52 3.58
CA HIS A 162 18.67 4.45 4.13
C HIS A 162 18.16 3.93 5.46
N LEU A 163 18.01 2.61 5.58
CA LEU A 163 17.55 2.07 6.84
C LEU A 163 18.54 2.43 7.95
N SER A 164 19.83 2.20 7.69
CA SER A 164 20.86 2.51 8.69
C SER A 164 20.85 3.98 9.07
N TYR A 165 20.82 4.88 8.08
CA TYR A 165 20.81 6.31 8.41
C TYR A 165 19.55 6.73 9.15
N ASN A 166 18.37 6.30 8.71
CA ASN A 166 17.15 6.68 9.43
C ASN A 166 17.19 6.17 10.86
N SER A 167 17.95 5.09 11.08
CA SER A 167 18.07 4.51 12.42
C SER A 167 18.96 5.39 13.29
N ILE A 168 20.11 5.81 12.79
CA ILE A 168 20.96 6.62 13.65
C ILE A 168 20.45 8.06 13.78
N TYR A 169 19.63 8.54 12.85
CA TYR A 169 19.15 9.92 12.94
C TYR A 169 17.86 10.07 13.72
N HIS A 170 17.12 8.98 13.97
CA HIS A 170 15.86 9.13 14.70
C HIS A 170 16.09 9.83 16.04
N LYS A 171 17.06 9.37 16.83
CA LYS A 171 17.36 9.96 18.13
C LYS A 171 18.61 10.85 18.01
N SER A 172 18.59 11.98 18.73
CA SER A 172 19.71 12.92 18.67
C SER A 172 21.02 12.34 19.21
N SER A 173 20.94 11.43 20.19
CA SER A 173 22.15 10.85 20.79
C SER A 173 23.01 10.10 19.77
N THR A 174 22.41 9.56 18.73
CA THR A 174 23.16 8.79 17.75
C THR A 174 23.49 9.58 16.49
N TYR A 175 23.06 10.84 16.40
CA TYR A 175 23.32 11.67 15.22
C TYR A 175 24.80 11.61 14.84
N GLY A 176 25.67 11.90 15.81
CA GLY A 176 27.10 11.96 15.56
C GLY A 176 27.69 10.71 14.96
N LYS A 177 27.13 9.54 15.28
CA LYS A 177 27.68 8.29 14.77
C LYS A 177 27.57 8.17 13.24
N CYS A 178 27.13 9.24 12.56
CA CYS A 178 26.99 9.22 11.11
C CYS A 178 28.23 8.70 10.38
N ILE A 179 29.39 9.31 10.62
CA ILE A 179 30.58 8.93 9.89
C ILE A 179 31.03 7.50 10.18
N ALA A 180 30.52 6.88 11.24
CA ALA A 180 30.86 5.48 11.42
C ALA A 180 30.03 4.61 10.50
N VAL A 181 28.80 5.04 10.22
CA VAL A 181 27.98 4.34 9.26
C VAL A 181 28.56 4.55 7.88
N ASP A 182 29.00 5.77 7.61
CA ASP A 182 29.68 6.06 6.36
C ASP A 182 30.88 5.15 6.21
N ALA A 183 31.64 4.94 7.29
CA ALA A 183 32.78 4.04 7.19
C ALA A 183 32.34 2.64 6.79
N PHE A 184 31.32 2.11 7.47
CA PHE A 184 30.85 0.76 7.18
C PHE A 184 30.43 0.66 5.72
N ILE A 185 29.42 1.45 5.34
CA ILE A 185 28.93 1.45 3.97
C ILE A 185 30.08 1.51 2.98
N LYS A 186 31.07 2.38 3.24
CA LYS A 186 32.20 2.48 2.30
C LYS A 186 32.96 1.18 2.20
N LYS A 187 33.24 0.53 3.33
CA LYS A 187 33.96 -0.73 3.27
C LYS A 187 33.13 -1.77 2.56
N ILE A 188 31.81 -1.74 2.75
CA ILE A 188 30.96 -2.69 2.05
C ILE A 188 31.04 -2.42 0.56
N ASN A 189 30.94 -1.16 0.17
CA ASN A 189 31.07 -0.81 -1.23
C ASN A 189 32.44 -1.24 -1.75
N GLU A 190 33.48 -0.95 -0.97
CA GLU A 190 34.84 -1.36 -1.35
C GLU A 190 34.90 -2.85 -1.60
N ALA A 191 34.18 -3.64 -0.82
CA ALA A 191 34.19 -5.08 -1.01
C ALA A 191 33.42 -5.48 -2.27
N TYR A 192 32.30 -4.81 -2.56
CA TYR A 192 31.54 -5.13 -3.76
C TYR A 192 32.36 -4.82 -5.00
N ASP A 193 33.09 -3.70 -4.99
CA ASP A 193 33.91 -3.37 -6.14
C ASP A 193 34.97 -4.43 -6.36
N LYS A 194 35.47 -5.04 -5.27
CA LYS A 194 36.50 -6.05 -5.43
C LYS A 194 35.96 -7.25 -6.19
N VAL A 195 34.66 -7.51 -6.07
CA VAL A 195 34.10 -8.65 -6.78
C VAL A 195 33.85 -8.26 -8.23
N LYS A 196 33.45 -7.00 -8.48
CA LYS A 196 33.25 -6.56 -9.85
C LYS A 196 34.57 -6.58 -10.62
N SER A 197 35.66 -6.27 -9.94
CA SER A 197 36.95 -6.27 -10.59
C SER A 197 37.41 -7.67 -10.93
N LYS A 198 36.74 -8.70 -10.40
CA LYS A 198 37.13 -10.05 -10.74
C LYS A 198 36.70 -10.42 -12.15
N CYS A 199 35.90 -9.56 -12.78
CA CYS A 199 35.44 -9.79 -14.12
C CYS A 199 36.19 -8.91 -15.11
N ASN A 200 37.16 -8.13 -14.61
CA ASN A 200 37.83 -7.13 -15.44
C ASN A 200 38.41 -7.73 -16.72
N ASP A 201 38.91 -8.96 -16.65
CA ASP A 201 39.47 -9.58 -17.85
C ASP A 201 38.47 -9.57 -18.97
N ILE A 202 37.31 -10.19 -18.73
CA ILE A 202 36.28 -10.24 -19.76
C ILE A 202 35.81 -8.83 -20.10
N LYS A 203 35.77 -7.96 -19.09
CA LYS A 203 35.34 -6.59 -19.32
C LYS A 203 36.32 -5.89 -20.24
N ASN A 204 37.61 -6.04 -19.99
CA ASN A 204 38.55 -5.38 -20.87
C ASN A 204 38.56 -6.05 -22.22
N ASP A 205 38.35 -7.37 -22.24
CA ASP A 205 38.34 -8.07 -23.52
C ASP A 205 37.21 -7.53 -24.38
N LEU A 206 36.08 -7.16 -23.76
CA LEU A 206 34.99 -6.57 -24.51
C LEU A 206 35.31 -5.16 -24.98
N ILE A 207 35.95 -4.35 -24.13
CA ILE A 207 36.26 -2.97 -24.51
C ILE A 207 37.07 -2.91 -25.80
N ALA A 208 38.15 -3.68 -25.87
CA ALA A 208 38.96 -3.64 -27.09
C ALA A 208 38.18 -4.16 -28.28
N THR A 209 37.19 -5.02 -28.03
CA THR A 209 36.39 -5.53 -29.13
C THR A 209 35.57 -4.37 -29.69
N ILE A 210 34.89 -3.65 -28.80
CA ILE A 210 34.11 -2.52 -29.25
C ILE A 210 35.02 -1.53 -29.95
N LYS A 211 36.23 -1.35 -29.41
CA LYS A 211 37.19 -0.43 -30.01
C LYS A 211 37.46 -0.81 -31.47
N LYS A 212 37.68 -2.09 -31.74
CA LYS A 212 37.90 -2.51 -33.11
C LYS A 212 36.62 -2.38 -33.94
N LEU A 213 35.47 -2.68 -33.33
CA LEU A 213 34.21 -2.64 -34.06
C LEU A 213 33.76 -1.23 -34.41
N GLU A 214 34.06 -0.24 -33.59
CA GLU A 214 33.61 1.11 -33.89
C GLU A 214 34.51 1.84 -34.89
N HIS A 215 35.76 1.42 -35.05
CA HIS A 215 36.67 2.07 -35.99
C HIS A 215 37.10 1.07 -37.06
N THR A 274 35.19 -8.82 -42.18
CA THR A 274 35.54 -9.04 -40.77
C THR A 274 34.32 -8.92 -39.87
N PHE A 275 33.44 -7.97 -40.19
CA PHE A 275 32.27 -7.65 -39.39
C PHE A 275 31.55 -8.89 -38.87
N LYS A 276 31.49 -9.97 -39.65
CA LYS A 276 30.91 -11.20 -39.12
C LYS A 276 31.76 -11.75 -37.98
N LYS A 277 33.07 -11.89 -38.20
CA LYS A 277 33.98 -12.32 -37.15
C LYS A 277 34.02 -11.30 -36.02
N MET A 278 33.89 -10.01 -36.35
CA MET A 278 33.89 -8.94 -35.36
C MET A 278 32.67 -9.05 -34.46
N MET A 279 31.50 -9.26 -35.07
CA MET A 279 30.25 -9.37 -34.33
C MET A 279 30.24 -10.66 -33.51
N ASP A 280 30.84 -11.72 -34.04
CA ASP A 280 30.93 -12.97 -33.29
C ASP A 280 31.79 -12.77 -32.06
N GLU A 281 32.82 -11.91 -32.21
CA GLU A 281 33.70 -11.60 -31.09
C GLU A 281 32.93 -10.82 -30.04
N TYR A 282 32.18 -9.80 -30.47
CA TYR A 282 31.37 -9.01 -29.54
C TYR A 282 30.38 -9.89 -28.78
N ASN A 283 29.62 -10.70 -29.50
CA ASN A 283 28.62 -11.55 -28.87
C ASN A 283 29.25 -12.49 -27.84
N THR A 284 30.38 -13.11 -28.21
CA THR A 284 31.02 -14.03 -27.29
C THR A 284 31.52 -13.33 -26.02
N LYS A 285 32.21 -12.20 -26.18
CA LYS A 285 32.73 -11.49 -25.00
C LYS A 285 31.62 -10.94 -24.12
N LYS A 286 30.55 -10.40 -24.70
CA LYS A 286 29.44 -9.87 -23.90
C LYS A 286 28.79 -10.99 -23.10
N LYS A 287 28.56 -12.13 -23.75
CA LYS A 287 27.95 -13.25 -23.04
C LYS A 287 28.88 -13.75 -21.95
N LYS A 288 30.19 -13.72 -22.20
CA LYS A 288 31.12 -14.18 -21.18
C LYS A 288 31.13 -13.22 -19.99
N LEU A 289 30.79 -11.95 -20.23
CA LEU A 289 30.73 -10.97 -19.15
C LEU A 289 29.57 -11.29 -18.23
N ILE A 290 28.40 -11.56 -18.81
CA ILE A 290 27.26 -11.93 -17.98
C ILE A 290 27.52 -13.24 -17.25
N LYS A 291 28.12 -14.20 -17.96
CA LYS A 291 28.43 -15.49 -17.34
C LYS A 291 29.37 -15.27 -16.15
N CYS A 292 30.28 -14.30 -16.28
CA CYS A 292 31.19 -13.99 -15.18
C CYS A 292 30.38 -13.53 -13.98
N ILE A 293 29.44 -12.60 -14.19
CA ILE A 293 28.65 -12.11 -13.06
C ILE A 293 27.91 -13.27 -12.40
N LYS A 294 27.46 -14.26 -13.19
CA LYS A 294 26.79 -15.40 -12.60
C LYS A 294 27.77 -16.21 -11.72
N ASN A 295 29.02 -16.31 -12.16
CA ASN A 295 30.02 -17.07 -11.41
C ASN A 295 30.27 -16.50 -10.00
N HIS A 296 30.24 -15.19 -9.86
CA HIS A 296 30.51 -14.53 -8.58
C HIS A 296 29.24 -14.15 -7.80
N GLU A 297 28.11 -14.78 -8.12
CA GLU A 297 26.85 -14.47 -7.44
C GLU A 297 26.98 -14.62 -5.93
N ASN A 298 27.54 -15.73 -5.46
CA ASN A 298 27.69 -15.95 -4.02
C ASN A 298 28.51 -14.85 -3.34
N ASP A 299 29.59 -14.38 -3.99
CA ASP A 299 30.42 -13.32 -3.39
C ASP A 299 29.65 -12.01 -3.26
N PHE A 300 28.93 -11.64 -4.32
CA PHE A 300 28.14 -10.41 -4.29
C PHE A 300 27.08 -10.53 -3.22
N ASN A 301 26.37 -11.68 -3.21
CA ASN A 301 25.34 -11.93 -2.23
C ASN A 301 25.85 -11.79 -0.81
N LYS A 302 27.01 -12.35 -0.50
CA LYS A 302 27.50 -12.17 0.87
C LYS A 302 27.68 -10.70 1.18
N ILE A 303 28.33 -9.96 0.27
CA ILE A 303 28.56 -8.54 0.56
C ILE A 303 27.26 -7.80 0.79
N CYS A 304 26.23 -8.10 -0.01
CA CYS A 304 24.93 -7.46 0.18
C CYS A 304 24.29 -7.90 1.49
N MET A 305 24.44 -9.18 1.83
CA MET A 305 23.83 -9.74 3.04
C MET A 305 24.42 -9.09 4.29
N ASP A 306 25.75 -8.92 4.35
CA ASP A 306 26.33 -8.27 5.51
C ASP A 306 25.74 -6.88 5.70
N MET A 307 25.41 -6.22 4.59
CA MET A 307 24.77 -4.91 4.66
C MET A 307 23.34 -5.02 5.16
N LYS A 308 22.61 -6.06 4.75
CA LYS A 308 21.27 -6.22 5.28
C LYS A 308 21.34 -6.48 6.79
N ASN A 309 22.16 -7.45 7.19
CA ASN A 309 22.33 -7.77 8.61
C ASN A 309 22.66 -6.53 9.42
N TYR A 310 23.46 -5.62 8.84
CA TYR A 310 23.81 -4.37 9.52
C TYR A 310 22.60 -3.46 9.63
N GLY A 311 22.03 -3.07 8.48
CA GLY A 311 20.88 -2.18 8.50
C GLY A 311 19.78 -2.67 9.41
N THR A 312 19.44 -3.96 9.30
CA THR A 312 18.41 -4.56 10.14
C THR A 312 18.82 -4.51 11.60
N ASN A 313 20.09 -4.74 11.91
CA ASN A 313 20.50 -4.67 13.31
C ASN A 313 20.29 -3.27 13.88
N LEU A 314 20.70 -2.25 13.13
CA LEU A 314 20.51 -0.86 13.58
C LEU A 314 19.03 -0.52 13.70
N PHE A 315 18.27 -0.81 12.66
CA PHE A 315 16.84 -0.50 12.60
C PHE A 315 16.06 -1.26 13.67
N GLU A 316 16.48 -2.49 13.99
CA GLU A 316 15.85 -3.27 15.04
C GLU A 316 16.06 -2.64 16.41
N GLN A 317 17.19 -1.96 16.59
CA GLN A 317 17.55 -1.30 17.83
C GLN A 317 17.08 0.15 17.86
N LEU A 318 16.09 0.49 17.05
CA LEU A 318 15.52 1.83 17.02
C LEU A 318 14.45 1.95 18.09
N SER A 319 14.61 2.92 18.98
CA SER A 319 13.70 3.12 20.09
C SER A 319 13.30 4.58 20.17
N CYS A 320 12.19 4.83 20.87
CA CYS A 320 11.67 6.17 21.07
C CYS A 320 11.64 6.47 22.56
N TYR A 321 11.50 7.74 22.89
CA TYR A 321 11.39 8.11 24.29
C TYR A 321 10.01 7.74 24.82
N ASN A 322 8.99 7.89 23.98
CA ASN A 322 7.62 7.49 24.29
C ASN A 322 7.12 6.72 23.07
N ASN A 323 6.95 5.41 23.21
CA ASN A 323 6.55 4.55 22.10
C ASN A 323 5.21 4.93 21.48
N ASN A 324 4.36 5.66 22.20
CA ASN A 324 3.09 6.10 21.63
C ASN A 324 3.20 7.44 20.92
N PHE A 325 4.31 8.15 21.07
CA PHE A 325 4.52 9.46 20.46
C PHE A 325 5.96 9.56 19.94
N CYS A 326 6.33 8.65 19.04
CA CYS A 326 7.68 8.63 18.46
C CYS A 326 7.96 9.87 17.63
N ASN A 327 9.17 10.40 17.77
CA ASN A 327 9.61 11.56 17.02
C ASN A 327 9.82 11.20 15.56
N THR A 328 9.73 12.21 14.69
CA THR A 328 9.94 12.03 13.26
C THR A 328 11.09 12.89 12.75
N ASN A 329 11.93 13.38 13.67
CA ASN A 329 13.05 14.23 13.28
C ASN A 329 14.05 13.49 12.39
N GLY A 330 14.25 12.19 12.66
CA GLY A 330 15.15 11.40 11.83
C GLY A 330 14.73 11.33 10.37
N ILE A 331 13.45 11.07 10.13
CA ILE A 331 12.94 11.01 8.77
C ILE A 331 13.12 12.36 8.08
N ARG A 332 12.75 13.43 8.77
CA ARG A 332 12.84 14.78 8.22
C ARG A 332 14.27 15.13 7.87
N TYR A 333 15.18 14.94 8.82
CA TYR A 333 16.59 15.24 8.61
C TYR A 333 17.13 14.44 7.43
N HIS A 334 17.06 13.11 7.53
CA HIS A 334 17.56 12.24 6.46
C HIS A 334 17.05 12.67 5.09
N TYR A 335 15.76 12.92 4.97
CA TYR A 335 15.21 13.35 3.68
C TYR A 335 15.86 14.65 3.21
N ASP A 336 15.87 15.67 4.07
CA ASP A 336 16.45 16.96 3.70
C ASP A 336 17.93 16.85 3.29
N GLU A 337 18.73 16.14 4.08
CA GLU A 337 20.17 16.05 3.86
C GLU A 337 20.60 14.97 2.87
N TYR A 338 19.72 14.07 2.47
CA TYR A 338 20.13 12.97 1.62
C TYR A 338 19.30 12.79 0.35
N ILE A 339 18.00 13.03 0.40
CA ILE A 339 17.10 12.72 -0.70
C ILE A 339 16.57 13.97 -1.39
N HIS A 340 16.19 15.00 -0.63
CA HIS A 340 15.55 16.19 -1.18
C HIS A 340 16.32 16.79 -2.36
N LYS A 341 17.63 16.97 -2.19
CA LYS A 341 18.47 17.54 -3.23
C LYS A 341 18.27 16.82 -4.57
N LEU A 342 18.25 15.48 -4.54
CA LEU A 342 18.03 14.73 -5.77
C LEU A 342 16.65 14.98 -6.36
N ILE A 343 15.66 15.28 -5.52
CA ILE A 343 14.33 15.57 -6.05
C ILE A 343 14.37 16.87 -6.80
N LEU A 344 15.08 17.86 -6.27
CA LEU A 344 15.15 19.14 -6.94
C LEU A 344 15.98 19.03 -8.22
N SER A 345 17.10 18.31 -8.15
CA SER A 345 17.92 18.07 -9.32
C SER A 345 17.10 17.46 -10.45
N VAL A 346 16.26 16.48 -10.12
CA VAL A 346 15.41 15.83 -11.11
C VAL A 346 14.36 16.81 -11.67
N LYS A 347 13.71 17.56 -10.78
CA LYS A 347 12.70 18.51 -11.22
C LYS A 347 13.30 19.63 -12.08
N SER A 348 14.55 20.03 -11.82
CA SER A 348 15.19 21.07 -12.61
C SER A 348 15.41 20.61 -14.04
N LYS A 349 15.71 19.32 -14.22
CA LYS A 349 15.91 18.73 -15.53
C LYS A 349 14.56 18.36 -16.12
N ASN A 350 14.42 18.54 -17.43
CA ASN A 350 13.20 18.09 -18.10
C ASN A 350 13.60 16.79 -18.79
N LEU A 351 13.42 15.68 -18.06
CA LEU A 351 13.81 14.37 -18.55
C LEU A 351 12.97 13.93 -19.75
N ASN A 352 11.71 14.35 -19.80
CA ASN A 352 10.86 14.02 -20.94
C ASN A 352 11.36 14.75 -22.18
N LYS A 353 11.90 15.94 -21.98
CA LYS A 353 12.50 16.68 -23.09
C LYS A 353 13.75 15.95 -23.55
N ASP A 354 14.55 15.46 -22.60
CA ASP A 354 15.75 14.71 -22.92
C ASP A 354 15.41 13.50 -23.79
N LEU A 355 14.28 12.84 -23.49
CA LEU A 355 13.88 11.68 -24.29
C LEU A 355 13.33 12.08 -25.65
N SER A 356 12.65 13.22 -25.74
CA SER A 356 12.17 13.68 -27.03
C SER A 356 13.33 14.07 -27.94
N ASP A 357 14.35 14.71 -27.36
CA ASP A 357 15.55 15.09 -28.10
C ASP A 357 16.36 13.87 -28.48
N MET A 358 16.26 12.79 -27.70
CA MET A 358 16.98 11.58 -28.04
C MET A 358 16.27 10.84 -29.15
N THR A 359 14.93 10.78 -29.10
CA THR A 359 14.20 10.16 -30.19
C THR A 359 14.49 10.92 -31.48
N ASN A 360 14.49 12.25 -31.42
CA ASN A 360 14.81 13.04 -32.60
C ASN A 360 16.18 12.66 -33.17
N ILE A 361 17.17 12.48 -32.30
CA ILE A 361 18.50 12.08 -32.76
C ILE A 361 18.49 10.69 -33.39
N LEU A 362 17.80 9.73 -32.78
CA LEU A 362 17.75 8.38 -33.34
C LEU A 362 17.03 8.35 -34.69
N GLN A 363 15.92 9.08 -34.80
CA GLN A 363 15.19 9.12 -36.07
C GLN A 363 16.07 9.76 -37.14
N GLN A 364 16.85 10.77 -36.77
CA GLN A 364 17.77 11.40 -37.70
C GLN A 364 18.81 10.42 -38.21
N SER A 365 19.46 9.68 -37.29
CA SER A 365 20.47 8.73 -37.70
C SER A 365 19.89 7.63 -38.57
N GLU A 366 18.66 7.18 -38.27
CA GLU A 366 18.06 6.18 -39.14
C GLU A 366 17.79 6.74 -40.52
N LEU A 367 17.28 7.97 -40.61
CA LEU A 367 17.01 8.58 -41.91
C LEU A 367 18.28 8.73 -42.75
N LEU A 368 19.35 9.25 -42.14
CA LEU A 368 20.62 9.44 -42.85
C LEU A 368 21.28 8.12 -43.21
N LEU A 369 21.00 7.07 -42.43
CA LEU A 369 21.59 5.77 -42.74
C LEU A 369 20.80 5.07 -43.82
N THR A 370 19.46 5.05 -43.72
CA THR A 370 18.72 4.37 -44.77
C THR A 370 18.99 5.07 -46.11
N ASN A 371 18.96 6.41 -46.12
CA ASN A 371 19.27 7.13 -47.35
C ASN A 371 20.72 6.93 -47.82
N LEU A 372 21.62 6.63 -46.90
CA LEU A 372 23.03 6.43 -47.24
C LEU A 372 23.30 4.98 -47.61
N ASN A 373 22.55 4.07 -46.99
CA ASN A 373 22.70 2.65 -47.26
C ASN A 373 21.77 2.16 -48.37
N LYS A 374 21.63 2.97 -49.40
CA LYS A 374 20.77 2.62 -50.53
C LYS A 374 21.59 2.17 -51.73
N LYS A 375 22.64 2.92 -52.04
CA LYS A 375 23.51 2.60 -53.18
C LYS A 375 25.06 2.62 -52.98
N MET A 376 25.65 3.81 -52.84
CA MET A 376 27.09 3.96 -52.73
C MET A 376 27.55 2.86 -51.78
N GLY A 377 28.33 1.90 -52.30
CA GLY A 377 28.78 0.78 -51.52
C GLY A 377 30.22 0.71 -51.01
N SER A 378 30.37 1.03 -49.74
CA SER A 378 31.64 0.95 -49.03
C SER A 378 31.29 0.14 -47.79
N TYR A 379 31.76 -1.11 -47.73
CA TYR A 379 31.41 -1.97 -46.60
C TYR A 379 31.60 -1.41 -45.19
N ILE A 380 32.86 -1.20 -44.81
CA ILE A 380 33.26 -0.73 -43.49
C ILE A 380 32.39 0.27 -42.69
N TYR A 381 31.94 1.35 -43.32
CA TYR A 381 31.17 2.36 -42.61
C TYR A 381 29.73 2.00 -42.33
N ILE A 382 29.08 1.43 -43.32
CA ILE A 382 27.67 1.04 -43.20
C ILE A 382 27.46 0.18 -41.96
N ASP A 383 28.31 -0.83 -41.82
CA ASP A 383 28.27 -1.74 -40.68
C ASP A 383 28.50 -1.03 -39.35
N THR A 384 29.47 -0.12 -39.30
CA THR A 384 29.75 0.58 -38.05
C THR A 384 28.57 1.48 -37.65
N ILE A 385 27.97 2.17 -38.63
CA ILE A 385 26.82 3.02 -38.31
C ILE A 385 25.64 2.18 -37.82
N LYS A 386 25.32 1.09 -38.54
CA LYS A 386 24.24 0.22 -38.10
C LYS A 386 24.47 -0.28 -36.68
N PHE A 387 25.72 -0.60 -36.34
CA PHE A 387 26.03 -1.12 -35.02
C PHE A 387 25.84 -0.05 -33.94
N ILE A 388 26.43 1.13 -34.14
CA ILE A 388 26.28 2.18 -33.15
C ILE A 388 24.81 2.55 -32.96
N HIS A 389 24.04 2.62 -34.06
CA HIS A 389 22.63 2.94 -33.92
C HIS A 389 21.89 1.87 -33.09
N LYS A 390 22.23 0.60 -33.32
CA LYS A 390 21.63 -0.47 -32.52
C LYS A 390 21.91 -0.23 -31.03
N GLU A 391 23.19 -0.06 -30.69
CA GLU A 391 23.58 0.23 -29.31
C GLU A 391 22.83 1.42 -28.74
N MET A 392 22.71 2.49 -29.53
CA MET A 392 22.06 3.70 -29.04
C MET A 392 20.58 3.49 -28.78
N LYS A 393 19.91 2.64 -29.56
CA LYS A 393 18.50 2.40 -29.27
C LYS A 393 18.36 1.58 -27.99
N HIS A 394 19.33 0.69 -27.73
CA HIS A 394 19.27 -0.09 -26.50
C HIS A 394 19.48 0.81 -25.28
N ILE A 395 20.49 1.69 -25.37
CA ILE A 395 20.75 2.61 -24.27
C ILE A 395 19.56 3.53 -24.07
N PHE A 396 18.98 4.02 -25.17
CA PHE A 396 17.80 4.86 -25.06
C PHE A 396 16.70 4.12 -24.29
N ASN A 397 16.41 2.88 -24.68
CA ASN A 397 15.39 2.11 -23.97
C ASN A 397 15.65 2.09 -22.48
N ARG A 398 16.92 1.91 -22.08
CA ARG A 398 17.21 1.91 -20.64
C ARG A 398 16.95 3.29 -20.02
N ILE A 399 17.33 4.36 -20.73
CA ILE A 399 17.08 5.71 -20.23
C ILE A 399 15.58 5.95 -20.05
N GLU A 400 14.77 5.57 -21.03
CA GLU A 400 13.32 5.73 -20.94
C GLU A 400 12.76 4.96 -19.75
N TYR A 401 13.27 3.75 -19.53
CA TYR A 401 12.82 2.91 -18.42
C TYR A 401 13.08 3.61 -17.09
N HIS A 402 14.33 4.02 -16.86
CA HIS A 402 14.65 4.68 -15.60
C HIS A 402 13.90 6.00 -15.47
N THR A 403 13.95 6.88 -16.49
CA THR A 403 13.22 8.15 -16.38
C THR A 403 11.78 7.91 -15.97
N LYS A 404 11.13 6.89 -16.54
CA LYS A 404 9.77 6.56 -16.15
C LYS A 404 9.69 6.30 -14.65
N ILE A 405 10.61 5.48 -14.15
CA ILE A 405 10.62 5.18 -12.72
C ILE A 405 10.83 6.46 -11.91
N ILE A 406 11.84 7.25 -12.28
CA ILE A 406 12.17 8.49 -11.60
C ILE A 406 10.96 9.41 -11.49
N ASN A 407 10.18 9.55 -12.56
CA ASN A 407 8.98 10.38 -12.50
C ASN A 407 7.97 9.82 -11.50
N ASP A 408 7.68 8.52 -11.60
CA ASP A 408 6.76 7.87 -10.69
C ASP A 408 7.19 8.05 -9.23
N LYS A 409 8.44 7.73 -8.94
CA LYS A 409 8.96 7.84 -7.58
C LYS A 409 9.12 9.28 -7.11
N THR A 410 9.33 10.24 -8.01
CA THR A 410 9.43 11.61 -7.54
C THR A 410 8.08 12.09 -7.02
N LYS A 411 7.01 11.82 -7.77
CA LYS A 411 5.71 12.22 -7.26
C LYS A 411 5.40 11.47 -5.96
N ILE A 412 5.59 10.15 -5.98
CA ILE A 412 5.32 9.32 -4.81
C ILE A 412 6.08 9.79 -3.57
N ILE A 413 7.38 10.02 -3.72
CA ILE A 413 8.23 10.45 -2.61
C ILE A 413 7.77 11.81 -2.08
N GLN A 414 7.67 12.81 -2.97
CA GLN A 414 7.27 14.13 -2.53
C GLN A 414 5.93 14.11 -1.81
N ASP A 415 4.99 13.30 -2.30
CA ASP A 415 3.66 13.26 -1.69
C ASP A 415 3.62 12.46 -0.40
N LYS A 416 4.55 11.53 -0.19
CA LYS A 416 4.55 10.73 1.02
C LYS A 416 5.30 11.41 2.16
N ILE A 417 6.47 12.00 1.88
CA ILE A 417 7.27 12.62 2.93
C ILE A 417 6.45 13.69 3.68
N LYS A 418 5.57 14.39 2.97
CA LYS A 418 4.71 15.39 3.59
C LYS A 418 3.93 14.87 4.79
N LEU A 419 3.58 13.58 4.82
CA LEU A 419 2.73 13.05 5.88
C LEU A 419 3.50 12.37 7.01
N ASN A 420 4.79 12.13 6.84
CA ASN A 420 5.61 11.48 7.87
C ASN A 420 6.59 12.45 8.53
N ILE A 421 6.45 13.74 8.28
CA ILE A 421 7.47 14.71 8.62
C ILE A 421 7.17 15.51 9.90
N TRP A 422 6.03 16.18 9.93
CA TRP A 422 5.69 17.00 11.08
C TRP A 422 4.69 16.39 12.07
N ARG A 423 5.02 15.22 12.61
CA ARG A 423 4.09 14.64 13.58
C ARG A 423 4.80 13.55 14.38
N THR A 424 4.01 12.75 15.08
CA THR A 424 4.49 11.62 15.86
C THR A 424 3.72 10.38 15.44
N PHE A 425 4.34 9.22 15.62
CA PHE A 425 3.70 7.96 15.28
C PHE A 425 3.89 6.96 16.39
N GLN A 426 3.08 5.91 16.37
CA GLN A 426 3.33 4.82 17.30
C GLN A 426 4.52 4.06 16.74
N LYS A 427 5.31 3.43 17.64
CA LYS A 427 6.52 2.72 17.21
C LYS A 427 6.31 1.86 15.96
N ASP A 428 5.27 1.02 15.98
CA ASP A 428 4.99 0.14 14.84
C ASP A 428 4.72 0.94 13.57
N GLU A 429 3.95 2.02 13.69
CA GLU A 429 3.63 2.84 12.52
C GLU A 429 4.86 3.59 12.04
N LEU A 430 5.67 4.04 13.00
CA LEU A 430 6.90 4.76 12.66
C LEU A 430 7.83 3.86 11.84
N LEU A 431 7.96 2.60 12.24
CA LEU A 431 8.82 1.69 11.49
C LEU A 431 8.22 1.34 10.14
N LYS A 432 6.89 1.21 10.06
CA LYS A 432 6.27 0.94 8.77
C LYS A 432 6.59 2.08 7.82
N ARG A 433 6.49 3.31 8.33
CA ARG A 433 6.73 4.53 7.57
C ARG A 433 8.18 4.59 7.08
N ILE A 434 9.13 4.30 7.98
CA ILE A 434 10.54 4.36 7.61
C ILE A 434 10.85 3.29 6.56
N LEU A 435 10.33 2.08 6.73
CA LEU A 435 10.59 1.05 5.73
C LEU A 435 10.10 1.52 4.37
N ASP A 436 8.80 1.87 4.30
CA ASP A 436 8.22 2.33 3.03
C ASP A 436 9.07 3.42 2.38
N MET A 437 9.41 4.46 3.15
CA MET A 437 10.21 5.56 2.60
C MET A 437 11.55 5.06 2.08
N SER A 438 12.22 4.18 2.83
CA SER A 438 13.52 3.67 2.43
C SER A 438 13.43 2.89 1.11
N ASN A 439 12.36 2.10 0.95
CA ASN A 439 12.18 1.35 -0.29
C ASN A 439 11.95 2.28 -1.46
N GLU A 440 11.10 3.31 -1.27
CA GLU A 440 10.88 4.26 -2.34
C GLU A 440 12.20 4.89 -2.72
N TYR A 441 12.87 5.54 -1.75
CA TYR A 441 14.16 6.16 -2.04
C TYR A 441 15.04 5.23 -2.84
N SER A 442 15.24 4.00 -2.35
CA SER A 442 16.11 3.03 -3.01
C SER A 442 15.80 2.88 -4.50
N LEU A 443 14.52 2.72 -4.85
CA LEU A 443 14.20 2.59 -6.27
C LEU A 443 14.50 3.88 -7.02
N PHE A 444 14.21 5.02 -6.40
CA PHE A 444 14.45 6.33 -7.00
C PHE A 444 15.94 6.55 -7.27
N ILE A 445 16.76 6.41 -6.23
CA ILE A 445 18.20 6.59 -6.36
C ILE A 445 18.75 5.66 -7.42
N THR A 446 18.39 4.38 -7.35
CA THR A 446 18.90 3.42 -8.32
C THR A 446 18.66 3.93 -9.74
N SER A 447 17.39 4.10 -10.12
CA SER A 447 17.15 4.48 -11.51
C SER A 447 17.63 5.89 -11.85
N ASP A 448 17.79 6.78 -10.85
CA ASP A 448 18.35 8.09 -11.14
C ASP A 448 19.82 7.95 -11.56
N HIS A 449 20.60 7.31 -10.68
CA HIS A 449 22.02 7.05 -10.89
C HIS A 449 22.26 6.43 -12.26
N LEU A 450 21.45 5.42 -12.58
CA LEU A 450 21.57 4.77 -13.89
C LEU A 450 21.15 5.72 -15.00
N ARG A 451 20.10 6.51 -14.77
CA ARG A 451 19.65 7.44 -15.81
C ARG A 451 20.78 8.37 -16.23
N GLN A 452 21.42 9.06 -15.28
CA GLN A 452 22.49 9.97 -15.65
C GLN A 452 23.62 9.22 -16.37
N MET A 453 24.00 8.05 -15.84
CA MET A 453 25.08 7.29 -16.45
C MET A 453 24.78 6.93 -17.91
N LEU A 454 23.56 6.44 -18.16
CA LEU A 454 23.20 6.09 -19.54
C LEU A 454 23.04 7.33 -20.41
N TYR A 455 22.67 8.47 -19.83
CA TYR A 455 22.57 9.68 -20.63
C TYR A 455 23.96 10.01 -21.18
N ASN A 456 24.97 9.91 -20.32
CA ASN A 456 26.34 10.15 -20.74
C ASN A 456 26.77 9.15 -21.82
N THR A 457 26.34 7.90 -21.71
CA THR A 457 26.76 6.96 -22.76
C THR A 457 26.02 7.19 -24.07
N PHE A 458 24.75 7.62 -24.00
CA PHE A 458 24.02 7.87 -25.24
C PHE A 458 24.67 9.01 -26.01
N TYR A 459 25.07 10.08 -25.32
CA TYR A 459 25.68 11.15 -26.10
C TYR A 459 27.13 10.85 -26.42
N SER A 460 27.73 9.88 -25.71
CA SER A 460 29.09 9.49 -26.06
C SER A 460 29.09 8.72 -27.37
N LYS A 461 28.07 7.87 -27.58
CA LYS A 461 27.98 7.12 -28.82
C LYS A 461 27.48 8.02 -29.95
N GLU A 462 26.71 9.05 -29.59
CA GLU A 462 26.22 9.99 -30.59
C GLU A 462 27.39 10.78 -31.17
N LYS A 463 28.35 11.15 -30.32
CA LYS A 463 29.53 11.86 -30.82
C LYS A 463 30.28 11.02 -31.85
N HIS A 464 30.30 9.69 -31.66
CA HIS A 464 30.96 8.82 -32.61
C HIS A 464 30.15 8.72 -33.90
N LEU A 465 28.83 8.84 -33.82
CA LEU A 465 28.07 8.83 -35.06
C LEU A 465 28.36 10.10 -35.84
N ASN A 466 28.38 11.24 -35.15
CA ASN A 466 28.70 12.50 -35.81
C ASN A 466 30.06 12.43 -36.51
N ASN A 467 31.05 11.80 -35.86
CA ASN A 467 32.38 11.69 -36.46
C ASN A 467 32.37 10.79 -37.68
N ILE A 468 31.75 9.61 -37.60
CA ILE A 468 31.74 8.72 -38.77
C ILE A 468 30.94 9.34 -39.92
N PHE A 469 29.80 9.97 -39.63
CA PHE A 469 29.02 10.61 -40.67
C PHE A 469 29.78 11.76 -41.32
N HIS A 470 30.54 12.52 -40.52
CA HIS A 470 31.34 13.62 -41.07
C HIS A 470 32.50 13.09 -41.89
N HIS A 471 33.06 11.96 -41.48
CA HIS A 471 34.17 11.28 -42.14
C HIS A 471 33.79 10.72 -43.51
N LEU A 472 32.49 10.76 -43.87
CA LEU A 472 31.98 10.25 -45.14
C LEU A 472 32.16 11.23 -46.30
N ILE A 473 33.30 11.90 -46.43
CA ILE A 473 33.55 12.81 -47.54
C ILE A 473 34.39 12.09 -48.60
N TYR A 474 33.98 12.22 -49.86
CA TYR A 474 34.68 11.60 -50.98
C TYR A 474 35.47 12.70 -51.70
N VAL A 475 36.74 12.82 -51.32
CA VAL A 475 37.64 13.83 -51.89
C VAL A 475 38.88 13.16 -52.48
N TYR B 5 9.61 -14.59 -33.37
CA TYR B 5 10.94 -15.12 -33.64
C TYR B 5 10.84 -16.58 -34.10
N GLU B 6 11.48 -16.89 -35.22
CA GLU B 6 11.50 -18.24 -35.76
C GLU B 6 12.87 -18.88 -35.63
N LEU B 7 12.90 -20.06 -35.03
CA LEU B 7 14.11 -20.86 -34.94
C LEU B 7 13.98 -21.93 -36.02
N THR B 8 14.88 -21.93 -36.99
CA THR B 8 14.75 -22.78 -38.16
C THR B 8 15.68 -23.97 -38.01
N GLN B 9 15.07 -25.16 -37.89
CA GLN B 9 15.73 -26.43 -37.70
C GLN B 9 15.45 -27.39 -38.86
N PRO B 10 16.44 -28.18 -39.28
CA PRO B 10 16.21 -29.20 -40.30
C PRO B 10 15.28 -30.28 -39.78
N PRO B 11 14.25 -30.65 -40.54
CA PRO B 11 13.31 -31.68 -40.03
C PRO B 11 13.92 -32.99 -39.55
N SER B 12 14.84 -33.59 -40.32
CA SER B 12 15.48 -34.83 -39.91
C SER B 12 16.98 -34.79 -40.14
N VAL B 13 17.67 -35.67 -39.42
CA VAL B 13 19.12 -35.87 -39.54
C VAL B 13 19.38 -37.36 -39.32
N SER B 14 20.03 -38.01 -40.28
CA SER B 14 20.35 -39.43 -40.21
C SER B 14 21.85 -39.57 -40.13
N VAL B 15 22.34 -40.42 -39.21
CA VAL B 15 23.77 -40.57 -38.99
C VAL B 15 24.19 -42.03 -38.83
N ALA B 16 25.44 -42.29 -39.22
CA ALA B 16 26.12 -43.56 -39.07
C ALA B 16 26.57 -43.71 -37.62
N PRO B 17 26.22 -44.80 -36.94
CA PRO B 17 26.65 -44.95 -35.54
C PRO B 17 28.16 -44.85 -35.41
N GLY B 18 28.60 -43.99 -34.49
CA GLY B 18 29.99 -43.71 -34.26
C GLY B 18 30.49 -42.44 -34.91
N GLN B 19 29.73 -41.88 -35.85
CA GLN B 19 30.09 -40.64 -36.51
C GLN B 19 29.42 -39.49 -35.76
N THR B 20 29.50 -38.26 -36.27
CA THR B 20 28.99 -37.09 -35.56
C THR B 20 27.79 -36.47 -36.27
N ALA B 21 26.75 -36.19 -35.50
CA ALA B 21 25.52 -35.56 -36.00
C ALA B 21 25.57 -34.07 -35.72
N THR B 22 25.22 -33.25 -36.72
CA THR B 22 25.23 -31.80 -36.59
C THR B 22 23.82 -31.28 -36.81
N ILE B 23 23.26 -30.62 -35.78
CA ILE B 23 21.92 -30.04 -35.85
C ILE B 23 22.03 -28.52 -35.78
N THR B 24 21.57 -27.85 -36.83
CA THR B 24 21.63 -26.40 -36.96
C THR B 24 20.36 -25.73 -36.45
N CYS B 25 20.55 -24.56 -35.85
CA CYS B 25 19.50 -23.65 -35.37
C CYS B 25 19.78 -22.27 -35.91
N GLY B 26 19.05 -21.93 -36.96
CA GLY B 26 19.18 -20.64 -37.59
C GLY B 26 18.15 -19.68 -37.02
N GLY B 27 18.42 -18.38 -37.16
CA GLY B 27 17.50 -17.38 -36.65
C GLY B 27 18.09 -16.00 -36.85
N LYS B 28 17.26 -14.98 -36.92
CA LYS B 28 17.75 -13.64 -37.15
C LYS B 28 18.61 -13.16 -35.99
N ASN B 29 19.85 -12.80 -36.30
CA ASN B 29 20.82 -12.34 -35.29
C ASN B 29 20.87 -13.28 -34.09
N ILE B 30 21.01 -14.58 -34.37
CA ILE B 30 21.03 -15.57 -33.29
C ILE B 30 22.34 -15.54 -32.54
N GLY B 31 23.45 -15.13 -33.19
CA GLY B 31 24.72 -15.04 -32.50
C GLY B 31 24.61 -14.36 -31.15
N SER B 32 23.70 -13.40 -31.03
CA SER B 32 23.49 -12.63 -29.81
C SER B 32 22.63 -13.35 -28.77
N LYS B 33 21.87 -14.36 -29.14
CA LYS B 33 20.98 -15.06 -28.22
C LYS B 33 21.65 -16.31 -27.66
N SER B 34 21.54 -16.50 -26.34
CA SER B 34 22.05 -17.71 -25.69
C SER B 34 21.09 -18.87 -25.94
N VAL B 35 21.50 -19.81 -26.79
CA VAL B 35 20.65 -20.92 -27.24
C VAL B 35 20.83 -22.15 -26.36
N HIS B 36 19.71 -22.77 -25.98
CA HIS B 36 19.62 -24.02 -25.24
C HIS B 36 19.15 -25.15 -26.17
N TRP B 37 19.49 -26.39 -25.81
CA TRP B 37 19.16 -27.59 -26.58
C TRP B 37 18.62 -28.69 -25.67
N TYR B 38 17.50 -29.30 -26.09
CA TYR B 38 16.80 -30.34 -25.36
C TYR B 38 16.71 -31.63 -26.17
N GLN B 39 16.80 -32.76 -25.47
CA GLN B 39 16.63 -34.10 -26.03
C GLN B 39 15.25 -34.65 -25.63
N GLN B 40 14.52 -35.17 -26.60
CA GLN B 40 13.20 -35.77 -26.33
C GLN B 40 13.07 -37.11 -27.06
N LYS B 41 13.18 -38.19 -26.29
CA LYS B 41 13.04 -39.58 -26.70
C LYS B 41 11.56 -39.92 -26.87
N PRO B 42 11.23 -40.84 -27.77
CA PRO B 42 9.83 -41.20 -28.00
C PRO B 42 9.04 -41.47 -26.71
N GLY B 43 7.84 -40.88 -26.65
CA GLY B 43 6.91 -40.99 -25.54
C GLY B 43 7.43 -40.49 -24.21
N GLN B 44 8.54 -39.76 -24.24
CA GLN B 44 9.19 -39.22 -23.05
C GLN B 44 9.11 -37.70 -23.04
N ALA B 45 9.50 -37.14 -21.90
CA ALA B 45 9.59 -35.72 -21.58
C ALA B 45 10.93 -35.17 -22.04
N PRO B 46 11.00 -33.90 -22.41
CA PRO B 46 12.29 -33.35 -22.86
C PRO B 46 13.29 -33.24 -21.72
N VAL B 47 14.57 -33.28 -22.09
CA VAL B 47 15.67 -33.20 -21.15
C VAL B 47 16.69 -32.20 -21.67
N LEU B 48 17.03 -31.23 -20.84
CA LEU B 48 18.03 -30.24 -21.17
C LEU B 48 19.39 -30.92 -21.32
N VAL B 49 19.98 -30.86 -22.51
CA VAL B 49 21.26 -31.49 -22.77
C VAL B 49 22.35 -30.46 -22.96
N VAL B 50 22.03 -29.31 -23.55
CA VAL B 50 22.97 -28.23 -23.72
C VAL B 50 22.19 -27.07 -23.16
N TYR B 51 22.77 -26.32 -22.24
CA TYR B 51 22.05 -25.19 -21.65
C TYR B 51 22.63 -23.88 -22.15
N ASP B 52 23.82 -23.51 -21.75
CA ASP B 52 24.23 -22.26 -22.30
C ASP B 52 24.80 -22.57 -23.66
N ASP B 53 25.12 -21.50 -24.35
CA ASP B 53 25.71 -21.43 -25.67
C ASP B 53 26.47 -22.74 -25.91
N SER B 54 27.48 -23.05 -25.08
CA SER B 54 28.24 -24.30 -25.21
C SER B 54 28.36 -25.04 -23.88
N ASP B 55 27.57 -24.66 -22.88
CA ASP B 55 27.53 -25.25 -21.55
C ASP B 55 26.70 -26.53 -21.53
N ARG B 56 27.10 -27.49 -20.68
CA ARG B 56 26.46 -28.79 -20.58
C ARG B 56 26.03 -29.02 -19.13
N PRO B 57 24.79 -29.46 -18.90
CA PRO B 57 24.37 -29.77 -17.52
C PRO B 57 25.05 -31.01 -16.97
N SER B 58 24.93 -31.14 -15.66
CA SER B 58 25.45 -32.27 -14.90
C SER B 58 24.88 -33.60 -15.39
N GLY B 59 25.76 -34.51 -15.80
CA GLY B 59 25.35 -35.81 -16.30
C GLY B 59 25.13 -35.91 -17.79
N ILE B 60 25.37 -34.84 -18.54
CA ILE B 60 25.30 -34.87 -20.00
C ILE B 60 26.69 -35.25 -20.50
N PRO B 61 26.80 -36.27 -21.33
CA PRO B 61 28.13 -36.74 -21.76
C PRO B 61 28.84 -35.78 -22.70
N GLU B 62 30.18 -35.76 -22.55
CA GLU B 62 31.09 -34.93 -23.32
C GLU B 62 30.85 -35.00 -24.82
N ARG B 63 30.20 -36.05 -25.32
CA ARG B 63 29.90 -36.16 -26.73
C ARG B 63 29.02 -35.00 -27.20
N PHE B 64 28.08 -34.58 -26.36
CA PHE B 64 27.20 -33.46 -26.67
C PHE B 64 27.94 -32.13 -26.58
N SER B 65 28.22 -31.53 -27.72
CA SER B 65 28.87 -30.24 -27.85
C SER B 65 27.85 -29.24 -28.35
N GLY B 66 28.03 -27.99 -27.97
CA GLY B 66 27.11 -26.93 -28.37
C GLY B 66 27.89 -25.69 -28.78
N SER B 67 27.45 -25.02 -29.84
CA SER B 67 28.16 -23.83 -30.29
C SER B 67 27.29 -22.73 -30.90
N ASN B 68 27.86 -21.54 -30.97
CA ASN B 68 27.12 -20.40 -31.52
C ASN B 68 27.85 -19.69 -32.65
N SER B 69 28.32 -20.44 -33.64
CA SER B 69 29.01 -19.81 -34.76
C SER B 69 28.06 -18.82 -35.40
N GLY B 70 28.52 -18.07 -36.39
CA GLY B 70 27.75 -17.04 -37.08
C GLY B 70 26.31 -17.30 -37.52
N ASN B 71 25.40 -16.51 -36.95
CA ASN B 71 23.96 -16.57 -37.26
C ASN B 71 23.30 -17.95 -37.20
N THR B 72 23.98 -18.91 -36.57
CA THR B 72 23.47 -20.27 -36.49
C THR B 72 24.09 -21.04 -35.32
N ALA B 73 23.24 -21.69 -34.53
CA ALA B 73 23.69 -22.45 -33.38
C ALA B 73 23.87 -23.88 -33.83
N THR B 74 24.94 -24.51 -33.38
CA THR B 74 25.17 -25.88 -33.80
C THR B 74 25.34 -26.85 -32.66
N LEU B 75 24.39 -27.78 -32.53
CA LEU B 75 24.45 -28.81 -31.50
C LEU B 75 25.12 -30.02 -32.22
N THR B 76 26.36 -30.34 -31.85
CA THR B 76 27.11 -31.45 -32.42
C THR B 76 27.15 -32.60 -31.44
N ILE B 77 26.75 -33.79 -31.86
CA ILE B 77 26.80 -34.95 -30.99
C ILE B 77 27.79 -35.92 -31.61
N SER B 78 28.95 -36.05 -30.95
CA SER B 78 30.08 -36.85 -31.37
C SER B 78 29.93 -38.30 -30.94
N ARG B 79 30.49 -39.20 -31.74
CA ARG B 79 30.48 -40.65 -31.48
C ARG B 79 29.08 -41.11 -31.09
N VAL B 80 28.15 -40.85 -32.02
CA VAL B 80 26.72 -41.10 -31.86
C VAL B 80 26.39 -42.55 -31.51
N GLU B 81 25.67 -42.73 -30.41
CA GLU B 81 25.19 -44.03 -29.96
C GLU B 81 23.76 -44.21 -30.45
N ALA B 82 23.27 -45.45 -30.36
CA ALA B 82 21.89 -45.71 -30.76
C ALA B 82 20.91 -44.98 -29.86
N GLY B 83 21.27 -44.77 -28.59
CA GLY B 83 20.43 -44.06 -27.63
C GLY B 83 20.21 -42.61 -27.96
N ASP B 84 20.96 -42.05 -28.90
CA ASP B 84 20.81 -40.66 -29.30
C ASP B 84 19.65 -40.44 -30.26
N GLU B 85 19.02 -41.51 -30.75
CA GLU B 85 17.86 -41.39 -31.63
C GLU B 85 16.71 -40.70 -30.91
N ALA B 86 16.41 -39.46 -31.27
CA ALA B 86 15.37 -38.71 -30.57
C ALA B 86 15.09 -37.42 -31.33
N ASP B 87 14.11 -36.66 -30.87
CA ASP B 87 13.89 -35.32 -31.41
C ASP B 87 14.66 -34.34 -30.55
N TYR B 88 15.36 -33.41 -31.18
CA TYR B 88 16.14 -32.40 -30.49
C TYR B 88 15.60 -31.01 -30.81
N TYR B 89 15.37 -30.20 -29.76
CA TYR B 89 14.87 -28.85 -29.91
C TYR B 89 15.88 -27.82 -29.42
N CYS B 90 15.93 -26.67 -30.10
CA CYS B 90 16.71 -25.53 -29.63
C CYS B 90 15.71 -24.52 -29.05
N GLN B 91 16.20 -23.67 -28.15
CA GLN B 91 15.33 -22.76 -27.40
C GLN B 91 16.08 -21.51 -27.00
N VAL B 92 15.53 -20.34 -27.36
CA VAL B 92 16.11 -19.05 -27.00
C VAL B 92 15.11 -18.27 -26.16
N TRP B 93 15.52 -17.11 -25.69
CA TRP B 93 14.66 -16.17 -25.00
C TRP B 93 14.68 -14.87 -25.81
N ASP B 94 13.52 -14.26 -25.99
CA ASP B 94 13.42 -13.03 -26.76
C ASP B 94 13.26 -11.87 -25.77
N SER B 95 14.28 -11.01 -25.71
CA SER B 95 14.26 -9.87 -24.81
C SER B 95 13.12 -8.90 -25.13
N SER B 96 12.70 -8.86 -26.38
CA SER B 96 11.58 -8.00 -26.76
C SER B 96 10.28 -8.45 -26.09
N SER B 97 9.86 -9.68 -26.35
CA SER B 97 8.58 -10.21 -25.90
C SER B 97 8.63 -10.93 -24.55
N ASP B 98 9.82 -11.20 -24.01
CA ASP B 98 9.98 -12.00 -22.80
C ASP B 98 9.43 -13.42 -23.02
N HIS B 99 9.47 -13.88 -24.26
CA HIS B 99 8.96 -15.20 -24.63
C HIS B 99 10.10 -16.19 -24.82
N ARG B 100 9.92 -17.40 -24.29
CA ARG B 100 10.86 -18.46 -24.59
C ARG B 100 10.40 -19.03 -25.93
N VAL B 101 11.33 -19.22 -26.85
CA VAL B 101 11.02 -19.70 -28.20
C VAL B 101 11.70 -21.04 -28.45
N PHE B 102 10.92 -22.03 -28.89
CA PHE B 102 11.45 -23.32 -29.26
C PHE B 102 11.60 -23.43 -30.78
N GLY B 103 12.55 -24.25 -31.20
CA GLY B 103 12.76 -24.48 -32.61
C GLY B 103 11.75 -25.45 -33.19
N GLY B 104 11.90 -25.68 -34.50
CA GLY B 104 11.04 -26.65 -35.16
C GLY B 104 11.29 -28.07 -34.69
N GLY B 105 12.50 -28.35 -34.23
CA GLY B 105 12.90 -29.67 -33.78
C GLY B 105 13.44 -30.50 -34.92
N THR B 106 14.34 -31.42 -34.59
CA THR B 106 14.96 -32.29 -35.58
C THR B 106 14.95 -33.72 -35.10
N LYS B 107 14.50 -34.63 -35.96
CA LYS B 107 14.54 -36.04 -35.62
C LYS B 107 15.95 -36.56 -35.92
N LEU B 108 16.62 -37.06 -34.90
CA LEU B 108 17.92 -37.69 -35.07
C LEU B 108 17.64 -39.18 -35.15
N THR B 109 18.13 -39.79 -36.22
CA THR B 109 17.93 -41.20 -36.52
C THR B 109 19.27 -41.92 -36.63
N VAL B 110 19.45 -42.95 -35.82
CA VAL B 110 20.68 -43.72 -35.91
C VAL B 110 20.39 -44.67 -37.06
N LEU B 111 21.19 -44.60 -38.12
CA LEU B 111 20.96 -45.39 -39.31
C LEU B 111 21.58 -46.79 -39.28
N GLY B 112 22.26 -47.16 -38.22
CA GLY B 112 22.87 -48.47 -38.25
C GLY B 112 22.02 -49.71 -38.05
N GLN B 113 21.39 -50.19 -39.12
CA GLN B 113 20.60 -51.41 -39.02
C GLN B 113 20.63 -52.09 -40.37
N PRO B 114 20.36 -53.41 -40.42
CA PRO B 114 20.39 -54.09 -41.73
C PRO B 114 19.04 -54.26 -42.40
N LYS B 115 19.04 -54.55 -43.70
CA LYS B 115 17.79 -54.74 -44.43
C LYS B 115 16.98 -55.84 -43.77
N ALA B 116 15.73 -55.55 -43.40
CA ALA B 116 14.90 -56.60 -42.82
C ALA B 116 13.60 -56.71 -43.58
N ALA B 117 13.38 -57.87 -44.20
CA ALA B 117 12.19 -58.12 -44.97
C ALA B 117 10.99 -58.31 -44.03
N PRO B 118 9.83 -57.80 -44.38
CA PRO B 118 8.67 -57.94 -43.49
C PRO B 118 8.21 -59.38 -43.35
N SER B 119 7.67 -59.68 -42.18
CA SER B 119 7.03 -60.95 -41.87
C SER B 119 5.53 -60.67 -41.85
N VAL B 120 4.79 -61.29 -42.75
CA VAL B 120 3.36 -61.05 -42.90
C VAL B 120 2.56 -62.23 -42.37
N THR B 121 1.56 -61.93 -41.55
CA THR B 121 0.65 -62.93 -40.98
C THR B 121 -0.76 -62.41 -41.19
N LEU B 122 -1.52 -63.04 -42.09
CA LEU B 122 -2.87 -62.62 -42.41
C LEU B 122 -3.90 -63.56 -41.78
N PHE B 123 -4.85 -62.97 -41.04
CA PHE B 123 -5.93 -63.65 -40.35
C PHE B 123 -7.29 -63.38 -40.99
N PRO B 124 -8.09 -64.42 -41.19
CA PRO B 124 -9.43 -64.26 -41.76
C PRO B 124 -10.45 -63.93 -40.67
N PRO B 125 -11.67 -63.56 -41.03
CA PRO B 125 -12.67 -63.29 -39.99
C PRO B 125 -13.01 -64.54 -39.19
N SER B 126 -13.30 -64.33 -37.90
CA SER B 126 -13.60 -65.42 -36.98
C SER B 126 -15.08 -65.81 -37.00
N SER B 127 -15.35 -66.94 -36.34
CA SER B 127 -16.73 -67.43 -36.21
C SER B 127 -17.59 -66.44 -35.44
N GLU B 128 -17.06 -65.89 -34.35
CA GLU B 128 -17.77 -64.93 -33.53
C GLU B 128 -18.16 -63.69 -34.33
N GLU B 129 -17.23 -63.19 -35.15
CA GLU B 129 -17.50 -62.01 -35.95
C GLU B 129 -18.56 -62.29 -37.01
N LEU B 130 -18.46 -63.42 -37.70
CA LEU B 130 -19.48 -63.73 -38.70
C LEU B 130 -20.82 -63.97 -38.01
N GLN B 131 -20.80 -64.43 -36.77
CA GLN B 131 -22.03 -64.58 -36.00
C GLN B 131 -22.62 -63.22 -35.68
N ALA B 132 -21.78 -62.19 -35.63
CA ALA B 132 -22.23 -60.83 -35.39
C ALA B 132 -22.47 -60.07 -36.70
N ASN B 133 -22.55 -60.80 -37.82
CA ASN B 133 -22.79 -60.26 -39.16
C ASN B 133 -21.73 -59.23 -39.59
N LYS B 134 -20.47 -59.55 -39.33
CA LYS B 134 -19.35 -58.69 -39.70
C LYS B 134 -18.17 -59.56 -40.14
N ALA B 135 -17.22 -58.95 -40.85
CA ALA B 135 -16.06 -59.70 -41.32
C ALA B 135 -14.87 -58.75 -41.39
N THR B 136 -13.82 -59.05 -40.63
CA THR B 136 -12.62 -58.21 -40.62
C THR B 136 -11.38 -59.07 -40.87
N LEU B 137 -10.60 -58.71 -41.89
CA LEU B 137 -9.36 -59.39 -42.23
C LEU B 137 -8.20 -58.59 -41.64
N VAL B 138 -7.32 -59.26 -40.90
CA VAL B 138 -6.24 -58.61 -40.18
C VAL B 138 -4.89 -59.01 -40.77
N CYS B 139 -4.15 -58.04 -41.29
CA CYS B 139 -2.81 -58.24 -41.85
C CYS B 139 -1.80 -57.67 -40.87
N LEU B 140 -0.90 -58.51 -40.38
CA LEU B 140 0.11 -58.12 -39.40
C LEU B 140 1.49 -58.22 -40.03
N ILE B 141 2.08 -57.05 -40.28
CA ILE B 141 3.40 -56.89 -40.91
C ILE B 141 4.41 -56.53 -39.83
N SER B 142 5.39 -57.39 -39.58
CA SER B 142 6.33 -57.14 -38.49
C SER B 142 7.78 -57.38 -38.91
N ASP B 143 8.69 -56.91 -38.07
CA ASP B 143 10.14 -57.08 -38.21
C ASP B 143 10.70 -56.64 -39.56
N PHE B 144 10.29 -55.48 -40.05
CA PHE B 144 10.80 -54.96 -41.31
C PHE B 144 11.61 -53.69 -41.11
N TYR B 145 12.61 -53.49 -41.96
CA TYR B 145 13.44 -52.29 -41.96
C TYR B 145 14.01 -52.08 -43.37
N PRO B 146 13.97 -50.84 -43.88
CA PRO B 146 13.41 -49.72 -43.11
C PRO B 146 11.89 -49.61 -42.87
N GLY B 147 11.57 -48.45 -42.31
CA GLY B 147 10.25 -48.01 -41.87
C GLY B 147 9.03 -47.94 -42.76
N ALA B 148 9.11 -48.32 -44.03
CA ALA B 148 8.00 -48.09 -44.95
C ALA B 148 7.64 -49.36 -45.67
N VAL B 149 6.39 -49.78 -45.55
CA VAL B 149 5.89 -50.95 -46.26
C VAL B 149 4.59 -50.56 -46.98
N THR B 150 4.47 -50.94 -48.26
CA THR B 150 3.29 -50.64 -49.06
C THR B 150 2.28 -51.78 -48.93
N VAL B 151 1.08 -51.48 -48.45
CA VAL B 151 0.04 -52.50 -48.30
C VAL B 151 -1.01 -52.32 -49.37
N ALA B 152 -1.25 -53.38 -50.15
CA ALA B 152 -2.27 -53.41 -51.18
C ALA B 152 -3.07 -54.68 -51.00
N TRP B 153 -4.40 -54.57 -50.92
CA TRP B 153 -5.24 -55.74 -50.76
C TRP B 153 -5.79 -56.20 -52.10
N LYS B 154 -6.11 -57.49 -52.18
CA LYS B 154 -6.66 -58.07 -53.39
C LYS B 154 -7.81 -58.99 -53.06
N ALA B 155 -8.75 -59.10 -54.00
CA ALA B 155 -9.90 -59.99 -53.94
C ALA B 155 -9.90 -60.72 -55.28
N ASP B 156 -9.42 -61.97 -55.29
CA ASP B 156 -9.28 -62.73 -56.53
C ASP B 156 -8.45 -61.95 -57.55
N SER B 157 -7.33 -61.39 -57.08
CA SER B 157 -6.40 -60.57 -57.83
C SER B 157 -6.97 -59.21 -58.21
N SER B 158 -8.19 -58.86 -57.78
CA SER B 158 -8.76 -57.55 -58.06
C SER B 158 -8.46 -56.61 -56.89
N PRO B 159 -7.85 -55.45 -57.12
CA PRO B 159 -7.47 -54.57 -56.01
C PRO B 159 -8.67 -54.07 -55.21
N VAL B 160 -8.48 -54.02 -53.89
CA VAL B 160 -9.50 -53.53 -52.95
C VAL B 160 -8.97 -52.28 -52.27
N LYS B 161 -9.71 -51.18 -52.39
CA LYS B 161 -9.35 -49.89 -51.80
C LYS B 161 -10.30 -49.43 -50.72
N ALA B 162 -11.60 -49.64 -50.92
CA ALA B 162 -12.63 -49.27 -49.95
C ALA B 162 -12.57 -50.21 -48.75
N GLY B 163 -12.20 -49.66 -47.60
CA GLY B 163 -12.08 -50.43 -46.37
C GLY B 163 -10.70 -50.81 -45.92
N VAL B 164 -9.67 -50.06 -46.29
CA VAL B 164 -8.32 -50.35 -45.89
C VAL B 164 -7.97 -49.32 -44.83
N GLU B 165 -7.70 -49.79 -43.62
CA GLU B 165 -7.16 -48.97 -42.54
C GLU B 165 -5.79 -49.51 -42.20
N THR B 166 -4.74 -48.76 -42.55
CA THR B 166 -3.37 -49.23 -42.38
C THR B 166 -2.55 -48.25 -41.56
N THR B 167 -1.99 -48.76 -40.46
CA THR B 167 -1.17 -48.01 -39.55
C THR B 167 0.14 -47.61 -40.23
N THR B 168 0.84 -46.75 -39.58
CA THR B 168 2.15 -46.27 -39.98
C THR B 168 3.16 -47.05 -39.18
N PRO B 169 4.20 -47.60 -39.82
CA PRO B 169 5.12 -48.47 -39.07
C PRO B 169 5.75 -47.80 -37.86
N SER B 170 5.57 -48.46 -36.73
CA SER B 170 6.11 -48.10 -35.43
C SER B 170 7.34 -48.93 -35.14
N LYS B 171 8.45 -48.28 -34.76
CA LYS B 171 9.66 -49.05 -34.50
C LYS B 171 9.42 -49.96 -33.29
N GLN B 172 9.89 -51.20 -33.39
CA GLN B 172 9.68 -52.20 -32.35
C GLN B 172 10.77 -52.17 -31.28
N SER B 173 10.62 -53.08 -30.32
CA SER B 173 11.62 -53.26 -29.26
C SER B 173 12.98 -53.58 -29.86
N ASN B 174 13.02 -54.53 -30.79
CA ASN B 174 14.25 -54.95 -31.45
C ASN B 174 14.73 -53.98 -32.53
N ASN B 175 14.13 -52.79 -32.63
CA ASN B 175 14.42 -51.71 -33.57
C ASN B 175 13.84 -51.94 -34.97
N LYS B 176 13.27 -53.09 -35.27
CA LYS B 176 12.61 -53.26 -36.55
C LYS B 176 11.21 -52.64 -36.48
N TYR B 177 10.56 -52.48 -37.63
CA TYR B 177 9.26 -51.82 -37.64
C TYR B 177 8.09 -52.80 -37.76
N ALA B 178 6.92 -52.33 -37.31
CA ALA B 178 5.68 -53.11 -37.34
C ALA B 178 4.52 -52.23 -37.79
N ALA B 179 3.73 -52.74 -38.74
CA ALA B 179 2.51 -52.11 -39.23
C ALA B 179 1.38 -53.12 -39.25
N SER B 180 0.15 -52.64 -39.06
CA SER B 180 -1.04 -53.47 -39.04
C SER B 180 -2.10 -52.87 -39.96
N SER B 181 -2.53 -53.63 -40.97
CA SER B 181 -3.58 -53.19 -41.88
C SER B 181 -4.83 -54.04 -41.73
N TYR B 182 -5.99 -53.38 -41.83
CA TYR B 182 -7.28 -54.01 -41.60
C TYR B 182 -8.21 -53.80 -42.80
N LEU B 183 -8.85 -54.87 -43.26
CA LEU B 183 -9.81 -54.82 -44.36
C LEU B 183 -11.17 -55.25 -43.84
N SER B 184 -12.16 -54.35 -43.90
CA SER B 184 -13.51 -54.66 -43.41
C SER B 184 -14.44 -55.03 -44.56
N LEU B 185 -15.10 -56.18 -44.41
CA LEU B 185 -16.06 -56.68 -45.39
C LEU B 185 -17.30 -57.20 -44.67
N THR B 186 -18.37 -57.37 -45.45
CA THR B 186 -19.58 -57.99 -44.96
C THR B 186 -19.45 -59.49 -45.17
N PRO B 187 -20.05 -60.33 -44.32
CA PRO B 187 -19.93 -61.79 -44.56
C PRO B 187 -20.25 -62.18 -45.99
N GLU B 188 -21.21 -61.47 -46.60
CA GLU B 188 -21.58 -61.69 -47.99
C GLU B 188 -20.40 -61.44 -48.93
N GLN B 189 -19.77 -60.27 -48.81
CA GLN B 189 -18.62 -59.94 -49.65
C GLN B 189 -17.50 -60.95 -49.45
N TRP B 190 -17.29 -61.36 -48.20
CA TRP B 190 -16.25 -62.32 -47.85
C TRP B 190 -16.46 -63.65 -48.58
N LYS B 191 -17.68 -64.20 -48.52
CA LYS B 191 -17.98 -65.46 -49.19
C LYS B 191 -18.18 -65.34 -50.69
N SER B 192 -18.39 -64.13 -51.21
CA SER B 192 -18.58 -63.92 -52.64
C SER B 192 -17.30 -64.02 -53.47
N HIS B 193 -16.14 -64.30 -52.87
CA HIS B 193 -14.89 -64.41 -53.62
C HIS B 193 -14.14 -65.69 -53.27
N ARG B 194 -13.29 -66.10 -54.22
CA ARG B 194 -12.47 -67.30 -54.03
C ARG B 194 -11.40 -67.09 -52.97
N SER B 195 -10.72 -65.94 -53.00
CA SER B 195 -9.65 -65.66 -52.05
C SER B 195 -9.40 -64.17 -51.97
N TYR B 196 -8.85 -63.76 -50.83
CA TYR B 196 -8.41 -62.40 -50.56
C TYR B 196 -6.93 -62.43 -50.23
N SER B 197 -6.18 -61.43 -50.66
CA SER B 197 -4.75 -61.40 -50.39
C SER B 197 -4.32 -60.06 -49.79
N CYS B 198 -3.23 -60.14 -49.03
CA CYS B 198 -2.55 -58.98 -48.45
C CYS B 198 -1.15 -58.99 -49.06
N GLN B 199 -0.86 -57.96 -49.87
CA GLN B 199 0.42 -57.82 -50.56
C GLN B 199 1.17 -56.64 -49.95
N VAL B 200 2.33 -56.93 -49.39
CA VAL B 200 3.17 -55.98 -48.68
C VAL B 200 4.48 -55.82 -49.45
N THR B 201 4.74 -54.64 -50.00
CA THR B 201 5.94 -54.36 -50.77
C THR B 201 6.93 -53.53 -49.97
N HIS B 202 8.15 -54.02 -49.84
CA HIS B 202 9.20 -53.41 -49.04
C HIS B 202 10.50 -53.47 -49.81
N GLU B 203 11.11 -52.31 -50.03
CA GLU B 203 12.37 -52.19 -50.76
C GLU B 203 12.31 -53.00 -52.05
N GLY B 204 11.26 -52.77 -52.82
CA GLY B 204 11.04 -53.44 -54.09
C GLY B 204 10.97 -54.96 -53.99
N SER B 205 10.50 -55.48 -52.86
CA SER B 205 10.32 -56.92 -52.65
C SER B 205 8.93 -57.14 -52.07
N THR B 206 8.07 -57.84 -52.80
CA THR B 206 6.68 -58.05 -52.39
C THR B 206 6.48 -59.37 -51.66
N VAL B 207 5.98 -59.28 -50.42
CA VAL B 207 5.65 -60.39 -49.55
C VAL B 207 4.14 -60.57 -49.65
N GLU B 208 3.68 -61.79 -49.91
CA GLU B 208 2.27 -62.04 -50.11
C GLU B 208 1.72 -63.08 -49.16
N LYS B 209 0.46 -62.88 -48.75
CA LYS B 209 -0.26 -63.85 -47.95
C LYS B 209 -1.71 -63.85 -48.42
N THR B 210 -2.29 -65.03 -48.57
CA THR B 210 -3.67 -65.13 -49.03
C THR B 210 -4.51 -65.98 -48.08
N VAL B 211 -5.78 -65.60 -47.97
CA VAL B 211 -6.75 -66.22 -47.08
C VAL B 211 -8.05 -66.44 -47.85
N ALA B 212 -8.68 -67.60 -47.64
CA ALA B 212 -9.87 -68.02 -48.38
C ALA B 212 -11.03 -68.32 -47.45
N PRO B 213 -12.29 -68.01 -47.85
CA PRO B 213 -13.43 -68.35 -47.01
C PRO B 213 -13.65 -69.84 -47.05
N THR B 214 -12.93 -70.56 -46.20
CA THR B 214 -12.90 -72.00 -46.24
C THR B 214 -14.03 -72.63 -45.45
N GLU B 215 -14.49 -73.78 -45.93
CA GLU B 215 -15.53 -74.57 -45.28
C GLU B 215 -15.39 -76.01 -45.72
N GLU C 4 17.03 -34.70 -4.88
CA GLU C 4 17.02 -34.42 -6.31
C GLU C 4 15.72 -33.74 -6.73
N VAL C 5 15.80 -32.91 -7.76
CA VAL C 5 14.64 -32.18 -8.28
C VAL C 5 13.74 -33.12 -9.07
N GLN C 6 12.44 -33.07 -8.79
CA GLN C 6 11.47 -33.91 -9.48
C GLN C 6 10.14 -33.19 -9.64
N LEU C 7 9.63 -33.20 -10.87
CA LEU C 7 8.33 -32.60 -11.21
C LEU C 7 7.39 -33.72 -11.62
N VAL C 8 6.45 -34.07 -10.74
CA VAL C 8 5.50 -35.16 -10.97
C VAL C 8 4.15 -34.54 -11.29
N GLN C 9 3.65 -34.78 -12.50
CA GLN C 9 2.42 -34.18 -12.98
C GLN C 9 1.22 -35.08 -12.74
N SER C 10 0.03 -34.57 -13.09
CA SER C 10 -1.20 -35.34 -13.00
C SER C 10 -1.34 -36.29 -14.18
N GLY C 11 -2.27 -37.24 -14.05
CA GLY C 11 -2.52 -38.22 -15.09
C GLY C 11 -3.26 -37.69 -16.31
N SER C 12 -3.23 -38.51 -17.37
CA SER C 12 -3.92 -38.19 -18.61
C SER C 12 -5.39 -37.92 -18.36
N ASP C 13 -5.97 -37.06 -19.21
CA ASP C 13 -7.36 -36.66 -19.06
C ASP C 13 -8.05 -36.61 -20.42
N LEU C 14 -9.34 -36.95 -20.42
CA LEU C 14 -10.18 -36.82 -21.60
C LEU C 14 -11.37 -35.95 -21.23
N LYS C 15 -11.61 -34.90 -22.03
CA LYS C 15 -12.75 -34.03 -21.74
C LYS C 15 -13.45 -33.71 -23.05
N LYS C 16 -14.75 -33.35 -22.96
CA LYS C 16 -15.50 -32.99 -24.16
C LYS C 16 -15.29 -31.51 -24.45
N PRO C 17 -15.32 -31.09 -25.71
CA PRO C 17 -15.11 -29.68 -26.02
C PRO C 17 -16.07 -28.79 -25.24
N GLY C 18 -15.51 -27.74 -24.62
CA GLY C 18 -16.25 -26.83 -23.77
C GLY C 18 -15.92 -27.00 -22.30
N ALA C 19 -15.49 -28.19 -21.89
CA ALA C 19 -15.17 -28.48 -20.51
C ALA C 19 -13.86 -27.79 -20.10
N SER C 20 -13.49 -27.96 -18.82
CA SER C 20 -12.28 -27.38 -18.26
C SER C 20 -11.43 -28.44 -17.56
N VAL C 21 -10.11 -28.27 -17.65
CA VAL C 21 -9.14 -29.15 -17.04
C VAL C 21 -8.25 -28.35 -16.08
N LYS C 22 -7.60 -29.06 -15.17
CA LYS C 22 -6.64 -28.46 -14.24
C LYS C 22 -5.49 -29.46 -14.04
N VAL C 23 -4.38 -29.22 -14.74
CA VAL C 23 -3.20 -30.08 -14.69
C VAL C 23 -2.33 -29.67 -13.51
N SER C 24 -1.98 -30.63 -12.66
CA SER C 24 -1.17 -30.34 -11.48
C SER C 24 0.29 -30.69 -11.75
N CYS C 25 1.17 -30.09 -10.96
CA CYS C 25 2.62 -30.28 -11.07
C CYS C 25 3.20 -30.22 -9.66
N LYS C 26 3.46 -31.37 -9.04
CA LYS C 26 4.05 -31.36 -7.70
C LYS C 26 5.58 -31.38 -7.83
N ALA C 27 6.21 -30.39 -7.23
CA ALA C 27 7.65 -30.20 -7.25
C ALA C 27 8.29 -30.68 -5.95
N SER C 28 9.45 -31.31 -6.06
CA SER C 28 10.12 -31.84 -4.88
C SER C 28 11.62 -31.75 -5.07
N GLY C 29 12.34 -31.63 -3.96
CA GLY C 29 13.79 -31.60 -3.96
C GLY C 29 14.39 -30.23 -4.12
N TYR C 30 13.57 -29.18 -4.17
CA TYR C 30 14.05 -27.81 -4.31
C TYR C 30 13.08 -26.86 -3.64
N THR C 31 13.57 -25.66 -3.34
CA THR C 31 12.75 -24.61 -2.74
C THR C 31 11.78 -24.08 -3.78
N PHE C 32 10.58 -24.65 -3.80
CA PHE C 32 9.52 -24.37 -4.76
C PHE C 32 9.34 -22.89 -5.10
N THR C 33 9.29 -22.02 -4.09
CA THR C 33 9.02 -20.61 -4.35
C THR C 33 10.24 -19.84 -4.82
N SER C 34 11.42 -20.44 -4.74
CA SER C 34 12.67 -19.84 -5.16
C SER C 34 12.95 -20.00 -6.66
N TYR C 35 12.11 -20.73 -7.41
CA TYR C 35 12.34 -20.95 -8.83
C TYR C 35 11.05 -20.81 -9.63
N ALA C 36 11.14 -20.08 -10.74
CA ALA C 36 10.05 -19.89 -11.69
C ALA C 36 9.60 -21.19 -12.36
N MET C 37 8.29 -21.33 -12.54
CA MET C 37 7.74 -22.52 -13.20
C MET C 37 7.14 -22.16 -14.55
N ASN C 38 7.51 -22.90 -15.59
CA ASN C 38 7.06 -22.69 -16.96
C ASN C 38 6.10 -23.81 -17.40
N TRP C 39 5.30 -23.51 -18.41
CA TRP C 39 4.34 -24.44 -18.99
C TRP C 39 4.58 -24.45 -20.49
N VAL C 40 4.85 -25.63 -21.04
CA VAL C 40 5.07 -25.83 -22.49
C VAL C 40 4.10 -26.90 -22.98
N ARG C 41 3.50 -26.68 -24.15
CA ARG C 41 2.55 -27.60 -24.75
C ARG C 41 3.14 -28.28 -25.98
N GLN C 42 2.49 -29.38 -26.41
CA GLN C 42 2.95 -30.09 -27.61
C GLN C 42 1.80 -30.91 -28.16
N ALA C 43 1.39 -30.66 -29.41
CA ALA C 43 0.32 -31.44 -30.02
C ALA C 43 0.89 -32.81 -30.43
N PRO C 44 0.04 -33.81 -30.67
CA PRO C 44 0.61 -35.12 -31.07
C PRO C 44 1.23 -35.15 -32.46
N GLY C 45 2.55 -34.93 -32.54
CA GLY C 45 3.25 -34.96 -33.82
C GLY C 45 3.75 -33.60 -34.24
N GLN C 46 4.07 -32.76 -33.27
CA GLN C 46 4.57 -31.42 -33.56
C GLN C 46 5.67 -31.04 -32.58
N GLY C 47 6.01 -29.76 -32.56
CA GLY C 47 7.05 -29.25 -31.68
C GLY C 47 6.56 -28.77 -30.32
N LEU C 48 7.48 -28.29 -29.50
CA LEU C 48 7.16 -27.81 -28.16
C LEU C 48 6.70 -26.36 -28.26
N GLU C 49 5.59 -26.06 -27.59
CA GLU C 49 4.96 -24.76 -27.58
C GLU C 49 5.08 -24.17 -26.18
N TRP C 50 5.80 -23.07 -26.06
CA TRP C 50 5.86 -22.42 -24.76
C TRP C 50 4.54 -21.73 -24.48
N VAL C 51 3.93 -22.10 -23.36
CA VAL C 51 2.63 -21.56 -22.97
C VAL C 51 2.83 -20.34 -22.08
N GLY C 52 3.80 -20.39 -21.19
CA GLY C 52 4.04 -19.25 -20.32
C GLY C 52 4.82 -19.67 -19.09
N TRP C 53 4.96 -18.71 -18.18
CA TRP C 53 5.66 -18.97 -16.94
C TRP C 53 4.94 -18.25 -15.80
N ILE C 54 5.25 -18.68 -14.59
CA ILE C 54 4.64 -18.11 -13.39
C ILE C 54 5.71 -17.94 -12.32
N ASN C 55 5.64 -16.80 -11.64
CA ASN C 55 6.49 -16.50 -10.50
C ASN C 55 5.92 -17.25 -9.30
N THR C 56 6.69 -18.19 -8.76
CA THR C 56 6.21 -19.03 -7.66
C THR C 56 6.15 -18.33 -6.31
N ASN C 57 6.57 -17.06 -6.21
CA ASN C 57 6.46 -16.32 -4.97
C ASN C 57 5.30 -15.34 -4.98
N THR C 58 5.08 -14.67 -6.11
CA THR C 58 3.99 -13.70 -6.25
C THR C 58 2.74 -14.29 -6.91
N GLY C 59 2.89 -15.39 -7.65
CA GLY C 59 1.78 -15.98 -8.36
C GLY C 59 1.41 -15.26 -9.64
N ASN C 60 2.22 -14.30 -10.07
CA ASN C 60 1.96 -13.55 -11.28
C ASN C 60 2.28 -14.36 -12.53
N PRO C 61 1.31 -14.63 -13.39
CA PRO C 61 1.56 -15.41 -14.60
C PRO C 61 1.89 -14.51 -15.78
N THR C 62 2.61 -15.09 -16.74
CA THR C 62 2.97 -14.45 -18.00
C THR C 62 2.68 -15.44 -19.10
N TYR C 63 1.76 -15.10 -19.99
CA TYR C 63 1.32 -15.98 -21.06
C TYR C 63 1.84 -15.54 -22.42
N ALA C 64 2.06 -16.54 -23.28
CA ALA C 64 2.47 -16.32 -24.65
C ALA C 64 1.33 -15.73 -25.47
N GLN C 65 1.68 -15.23 -26.66
CA GLN C 65 0.70 -14.63 -27.55
C GLN C 65 -0.46 -15.58 -27.82
N GLY C 66 -1.68 -15.10 -27.60
CA GLY C 66 -2.88 -15.88 -27.81
C GLY C 66 -3.17 -16.94 -26.76
N PHE C 67 -2.18 -17.29 -25.94
CA PHE C 67 -2.40 -18.25 -24.87
C PHE C 67 -3.12 -17.63 -23.68
N THR C 68 -3.50 -16.36 -23.76
CA THR C 68 -4.18 -15.67 -22.68
C THR C 68 -5.68 -15.70 -22.89
N GLY C 69 -6.41 -15.96 -21.82
CA GLY C 69 -7.85 -15.99 -21.84
C GLY C 69 -8.38 -17.26 -21.22
N ARG C 70 -8.18 -18.38 -21.90
CA ARG C 70 -8.67 -19.67 -21.45
C ARG C 70 -7.66 -20.40 -20.56
N PHE C 71 -6.41 -19.93 -20.50
CA PHE C 71 -5.36 -20.55 -19.70
C PHE C 71 -5.07 -19.73 -18.45
N VAL C 72 -4.99 -20.41 -17.31
CA VAL C 72 -4.74 -19.79 -16.02
C VAL C 72 -3.67 -20.58 -15.27
N PHE C 73 -2.61 -19.91 -14.85
CA PHE C 73 -1.60 -20.57 -14.03
C PHE C 73 -1.92 -20.23 -12.59
N SER C 74 -1.86 -21.25 -11.72
CA SER C 74 -2.10 -21.03 -10.30
C SER C 74 -1.06 -21.79 -9.49
N LEU C 75 -1.06 -21.53 -8.18
CA LEU C 75 -0.11 -22.19 -7.29
C LEU C 75 -0.81 -22.62 -6.02
N ASP C 76 -0.19 -23.62 -5.37
CA ASP C 76 -0.56 -24.10 -4.06
C ASP C 76 0.80 -24.32 -3.39
N THR C 77 1.41 -23.19 -3.03
CA THR C 77 2.74 -23.15 -2.44
C THR C 77 2.86 -24.01 -1.19
N SER C 78 1.75 -24.27 -0.50
CA SER C 78 1.78 -25.10 0.69
C SER C 78 2.17 -26.53 0.38
N VAL C 79 1.69 -27.07 -0.74
CA VAL C 79 2.02 -28.43 -1.13
C VAL C 79 2.97 -28.42 -2.32
N SER C 80 3.68 -27.31 -2.52
CA SER C 80 4.65 -27.16 -3.60
C SER C 80 4.09 -27.63 -4.94
N THR C 81 2.90 -27.13 -5.30
CA THR C 81 2.27 -27.60 -6.52
C THR C 81 1.86 -26.44 -7.42
N ALA C 82 2.21 -26.54 -8.71
CA ALA C 82 1.86 -25.56 -9.74
C ALA C 82 0.76 -26.13 -10.62
N TYR C 83 -0.26 -25.33 -10.91
CA TYR C 83 -1.38 -25.78 -11.73
C TYR C 83 -1.55 -24.96 -13.01
N LEU C 84 -2.11 -25.62 -14.02
CA LEU C 84 -2.46 -25.03 -15.31
C LEU C 84 -3.91 -25.41 -15.61
N GLN C 85 -4.80 -24.41 -15.62
CA GLN C 85 -6.23 -24.60 -15.86
C GLN C 85 -6.60 -24.13 -17.26
N ILE C 86 -7.18 -25.02 -18.06
CA ILE C 86 -7.68 -24.70 -19.40
C ILE C 86 -9.19 -24.83 -19.41
N SER C 87 -9.87 -23.71 -19.65
CA SER C 87 -11.32 -23.67 -19.71
C SER C 87 -11.77 -23.53 -21.15
N SER C 88 -13.04 -23.87 -21.40
CA SER C 88 -13.63 -23.78 -22.75
C SER C 88 -12.77 -24.52 -23.77
N LEU C 89 -12.42 -25.76 -23.41
CA LEU C 89 -11.54 -26.62 -24.21
C LEU C 89 -11.99 -26.80 -25.65
N LYS C 90 -10.99 -26.90 -26.53
CA LYS C 90 -11.17 -27.11 -27.96
C LYS C 90 -10.34 -28.33 -28.35
N ALA C 91 -10.68 -28.92 -29.50
CA ALA C 91 -9.91 -30.06 -29.99
C ALA C 91 -8.43 -29.72 -30.17
N GLU C 92 -8.13 -28.49 -30.57
CA GLU C 92 -6.74 -28.08 -30.74
C GLU C 92 -5.95 -28.21 -29.43
N ASP C 93 -6.63 -28.12 -28.28
CA ASP C 93 -5.98 -28.22 -26.98
C ASP C 93 -5.55 -29.64 -26.64
N THR C 94 -5.93 -30.63 -27.45
CA THR C 94 -5.46 -32.00 -27.27
C THR C 94 -3.96 -32.06 -27.45
N ALA C 95 -3.23 -32.23 -26.36
CA ALA C 95 -1.77 -32.15 -26.41
C ALA C 95 -1.18 -32.61 -25.08
N VAL C 96 0.13 -32.84 -25.09
CA VAL C 96 0.91 -33.15 -23.91
C VAL C 96 1.44 -31.83 -23.34
N TYR C 97 1.06 -31.54 -22.08
CA TYR C 97 1.43 -30.30 -21.40
C TYR C 97 2.46 -30.61 -20.31
N TYR C 98 3.61 -29.93 -20.38
CA TYR C 98 4.70 -30.09 -19.45
C TYR C 98 4.83 -28.87 -18.55
N CYS C 99 5.35 -29.10 -17.34
CA CYS C 99 5.69 -28.06 -16.38
C CYS C 99 7.19 -28.15 -16.17
N ALA C 100 7.93 -27.10 -16.53
CA ALA C 100 9.38 -27.13 -16.44
C ALA C 100 9.90 -26.02 -15.54
N ARG C 101 10.86 -26.36 -14.68
CA ARG C 101 11.47 -25.41 -13.77
C ARG C 101 12.45 -24.54 -14.55
N GLU C 102 12.42 -23.25 -14.28
CA GLU C 102 13.26 -22.27 -14.98
C GLU C 102 14.48 -21.93 -14.14
N SER C 103 15.66 -22.34 -14.61
CA SER C 103 16.88 -22.04 -13.90
C SER C 103 17.11 -20.54 -13.93
N PRO C 104 17.98 -20.00 -13.02
CA PRO C 104 18.19 -18.55 -12.97
C PRO C 104 18.47 -17.89 -14.31
N ASN C 105 18.29 -16.56 -14.34
CA ASN C 105 18.41 -15.77 -15.55
C ASN C 105 19.21 -14.51 -15.25
N TYR C 106 19.83 -13.93 -16.28
CA TYR C 106 20.58 -12.69 -16.14
C TYR C 106 20.31 -11.79 -17.35
N TYR C 107 19.50 -10.76 -17.12
CA TYR C 107 19.10 -9.74 -18.08
C TYR C 107 20.31 -8.90 -18.51
N ASP C 108 20.14 -8.14 -19.60
CA ASP C 108 21.15 -7.20 -20.04
C ASP C 108 20.50 -5.96 -20.62
N SER C 109 21.26 -4.85 -20.60
CA SER C 109 20.75 -3.61 -21.17
C SER C 109 20.58 -3.74 -22.68
N SER C 110 21.35 -4.63 -23.30
CA SER C 110 21.27 -4.92 -24.73
C SER C 110 20.56 -6.24 -25.03
N GLY C 111 20.07 -6.94 -24.00
CA GLY C 111 19.26 -8.13 -24.16
C GLY C 111 19.99 -9.47 -24.14
N TYR C 112 21.30 -9.49 -23.97
CA TYR C 112 22.00 -10.76 -23.89
C TYR C 112 21.69 -11.41 -22.54
N TYR C 113 21.84 -12.72 -22.42
CA TYR C 113 21.37 -13.31 -21.18
C TYR C 113 22.18 -14.53 -20.75
N SER C 114 21.92 -14.95 -19.51
CA SER C 114 22.58 -16.10 -18.90
C SER C 114 21.87 -17.37 -19.27
N GLY C 115 20.56 -17.30 -19.44
CA GLY C 115 19.77 -18.44 -19.78
C GLY C 115 18.36 -18.33 -19.29
N TYR C 116 17.43 -18.73 -20.13
CA TYR C 116 16.03 -18.85 -19.78
C TYR C 116 15.68 -20.28 -20.15
N TYR C 117 16.48 -21.18 -19.60
CA TYR C 117 16.41 -22.60 -19.90
C TYR C 117 15.69 -23.34 -18.79
N PHE C 118 15.06 -24.45 -19.17
CA PHE C 118 14.31 -25.29 -18.26
C PHE C 118 15.15 -26.53 -17.94
N ASP C 119 15.84 -26.49 -16.80
CA ASP C 119 16.75 -27.57 -16.46
C ASP C 119 16.02 -28.85 -16.09
N TYR C 120 14.89 -28.75 -15.38
CA TYR C 120 14.11 -29.93 -15.00
C TYR C 120 12.69 -29.83 -15.53
N TRP C 121 12.15 -30.94 -16.00
CA TRP C 121 10.79 -30.98 -16.51
C TRP C 121 9.94 -32.03 -15.83
N GLY C 122 8.66 -31.97 -16.19
CA GLY C 122 7.65 -32.91 -15.77
C GLY C 122 7.58 -34.03 -16.77
N GLN C 123 6.84 -35.09 -16.43
CA GLN C 123 6.72 -36.18 -17.38
C GLN C 123 5.81 -35.81 -18.53
N GLY C 124 4.90 -34.87 -18.31
CA GLY C 124 3.95 -34.47 -19.31
C GLY C 124 2.59 -35.07 -19.03
N THR C 125 1.56 -34.24 -19.12
CA THR C 125 0.18 -34.68 -18.90
C THR C 125 -0.58 -34.51 -20.21
N LEU C 126 -1.09 -35.61 -20.73
CA LEU C 126 -1.87 -35.55 -21.96
C LEU C 126 -3.30 -35.11 -21.68
N VAL C 127 -3.75 -34.11 -22.43
CA VAL C 127 -5.14 -33.68 -22.43
C VAL C 127 -5.71 -34.10 -23.79
N THR C 128 -6.85 -34.78 -23.76
CA THR C 128 -7.51 -35.27 -24.95
C THR C 128 -8.90 -34.66 -25.05
N VAL C 129 -9.12 -33.86 -26.08
CA VAL C 129 -10.40 -33.20 -26.31
C VAL C 129 -11.01 -33.87 -27.52
N SER C 130 -12.13 -34.55 -27.30
CA SER C 130 -12.86 -35.19 -28.39
C SER C 130 -14.31 -35.39 -27.95
N SER C 131 -15.24 -34.90 -28.76
CA SER C 131 -16.65 -35.10 -28.48
C SER C 131 -17.06 -36.56 -28.57
N ALA C 132 -16.26 -37.38 -29.24
CA ALA C 132 -16.51 -38.82 -29.35
C ALA C 132 -16.57 -39.49 -27.99
N SER C 133 -17.58 -40.34 -27.81
CA SER C 133 -17.85 -41.07 -26.57
C SER C 133 -16.95 -42.29 -26.40
N THR C 134 -16.77 -42.68 -25.13
CA THR C 134 -15.97 -43.83 -24.75
C THR C 134 -16.72 -45.14 -24.98
N LYS C 135 -16.16 -46.00 -25.85
CA LYS C 135 -16.76 -47.29 -26.19
C LYS C 135 -15.93 -48.53 -25.88
N GLY C 136 -16.60 -49.57 -25.39
CA GLY C 136 -15.96 -50.82 -25.06
C GLY C 136 -15.62 -51.57 -26.33
N PRO C 137 -14.61 -52.42 -26.26
CA PRO C 137 -14.18 -53.20 -27.42
C PRO C 137 -14.73 -54.62 -27.57
N SER C 138 -14.94 -55.00 -28.83
CA SER C 138 -15.41 -56.31 -29.24
C SER C 138 -14.17 -57.12 -29.51
N VAL C 139 -14.02 -58.21 -28.77
CA VAL C 139 -12.86 -59.08 -28.87
C VAL C 139 -13.20 -60.37 -29.59
N PHE C 140 -12.39 -60.69 -30.59
CA PHE C 140 -12.62 -61.90 -31.37
C PHE C 140 -11.37 -62.77 -31.40
N PRO C 141 -11.52 -64.09 -31.27
CA PRO C 141 -10.36 -64.99 -31.35
C PRO C 141 -9.90 -65.17 -32.78
N LEU C 142 -8.58 -65.19 -32.97
CA LEU C 142 -7.94 -65.38 -34.28
C LEU C 142 -7.27 -66.74 -34.30
N ALA C 143 -8.04 -67.76 -34.68
CA ALA C 143 -7.60 -69.15 -34.72
C ALA C 143 -6.45 -69.33 -35.71
N PRO C 144 -5.46 -70.19 -35.40
CA PRO C 144 -4.32 -70.43 -36.29
C PRO C 144 -4.70 -71.31 -37.47
N GLY C 152 8.15 -73.50 -39.91
CA GLY C 152 7.40 -74.49 -39.16
C GLY C 152 6.91 -74.01 -37.81
N THR C 153 5.84 -73.22 -37.82
CA THR C 153 5.24 -72.68 -36.61
C THR C 153 3.81 -72.27 -36.93
N ALA C 154 3.05 -71.91 -35.90
CA ALA C 154 1.67 -71.50 -36.05
C ALA C 154 1.45 -70.26 -35.20
N ALA C 155 0.61 -69.34 -35.64
CA ALA C 155 0.39 -68.12 -34.89
C ALA C 155 -1.09 -67.91 -34.58
N LEU C 156 -1.41 -67.56 -33.33
CA LEU C 156 -2.80 -67.31 -32.97
C LEU C 156 -2.91 -65.95 -32.32
N GLY C 157 -4.00 -65.22 -32.56
CA GLY C 157 -4.14 -63.90 -32.00
C GLY C 157 -5.54 -63.53 -31.52
N CYS C 158 -5.64 -62.32 -31.01
CA CYS C 158 -6.86 -61.68 -30.54
C CYS C 158 -7.05 -60.35 -31.26
N LEU C 159 -8.21 -60.17 -31.87
CA LEU C 159 -8.58 -58.91 -32.50
C LEU C 159 -9.47 -58.10 -31.58
N VAL C 160 -9.03 -56.88 -31.28
CA VAL C 160 -9.71 -55.89 -30.45
C VAL C 160 -10.18 -54.82 -31.42
N LYS C 161 -11.49 -54.71 -31.64
CA LYS C 161 -12.02 -53.75 -32.59
C LYS C 161 -13.08 -52.79 -32.06
N ASP C 162 -12.99 -51.53 -32.52
CA ASP C 162 -13.96 -50.48 -32.20
C ASP C 162 -13.97 -50.01 -30.75
N TYR C 163 -12.81 -49.56 -30.27
CA TYR C 163 -12.68 -49.09 -28.90
C TYR C 163 -12.10 -47.63 -28.88
N PHE C 164 -12.40 -46.88 -27.83
CA PHE C 164 -11.91 -45.49 -27.66
C PHE C 164 -12.24 -44.86 -26.29
N PRO C 165 -11.30 -44.12 -25.72
CA PRO C 165 -10.00 -43.93 -26.36
C PRO C 165 -8.98 -44.92 -25.81
N GLU C 166 -7.70 -44.56 -25.85
CA GLU C 166 -6.65 -45.44 -25.35
C GLU C 166 -6.44 -45.24 -23.85
N PRO C 167 -5.64 -46.11 -23.24
CA PRO C 167 -5.00 -47.21 -23.95
C PRO C 167 -5.65 -48.55 -23.64
N VAL C 168 -5.64 -49.46 -24.62
CA VAL C 168 -6.23 -50.78 -24.45
C VAL C 168 -5.13 -51.82 -24.29
N THR C 169 -5.17 -52.56 -23.19
CA THR C 169 -4.15 -53.59 -22.92
C THR C 169 -4.51 -55.05 -23.30
N VAL C 170 -3.54 -55.94 -23.18
CA VAL C 170 -3.74 -57.35 -23.51
C VAL C 170 -2.67 -58.25 -22.90
N SER C 171 -3.12 -59.27 -22.17
CA SER C 171 -2.23 -60.22 -21.52
C SER C 171 -2.65 -61.60 -22.01
N TRP C 172 -1.71 -62.54 -22.02
CA TRP C 172 -2.00 -63.88 -22.49
C TRP C 172 -1.89 -64.87 -21.34
N ASN C 173 -2.89 -65.75 -21.23
CA ASN C 173 -2.95 -66.77 -20.19
C ASN C 173 -2.77 -66.15 -18.80
N SER C 174 -3.41 -65.01 -18.60
CA SER C 174 -3.39 -64.26 -17.34
C SER C 174 -1.98 -63.82 -16.92
N GLY C 175 -1.04 -63.77 -17.86
CA GLY C 175 0.31 -63.33 -17.58
C GLY C 175 1.38 -64.39 -17.78
N ALA C 176 1.06 -65.64 -17.40
CA ALA C 176 2.00 -66.75 -17.54
C ALA C 176 2.69 -66.81 -18.91
N LEU C 177 2.05 -66.26 -19.94
CA LEU C 177 2.55 -66.25 -21.32
C LEU C 177 2.93 -64.82 -21.72
N THR C 178 4.21 -64.49 -21.64
CA THR C 178 4.69 -63.17 -21.98
C THR C 178 5.83 -63.14 -22.97
N SER C 179 6.51 -64.27 -23.23
CA SER C 179 7.59 -64.29 -24.19
C SER C 179 7.02 -64.81 -25.50
N GLY C 180 7.13 -64.02 -26.56
CA GLY C 180 6.63 -64.41 -27.86
C GLY C 180 5.42 -63.63 -28.30
N VAL C 181 4.94 -62.69 -27.50
CA VAL C 181 3.71 -61.94 -27.77
C VAL C 181 4.04 -60.59 -28.38
N HIS C 182 3.50 -60.36 -29.58
CA HIS C 182 3.62 -59.09 -30.29
C HIS C 182 2.24 -58.46 -30.30
N THR C 183 2.05 -57.41 -29.49
CA THR C 183 0.79 -56.67 -29.52
C THR C 183 0.99 -55.47 -30.42
N PHE C 184 0.34 -55.52 -31.58
CA PHE C 184 0.48 -54.51 -32.62
C PHE C 184 -0.17 -53.19 -32.22
N PRO C 185 0.37 -52.07 -32.68
CA PRO C 185 -0.21 -50.76 -32.36
C PRO C 185 -1.62 -50.65 -32.89
N ALA C 186 -2.38 -49.75 -32.27
CA ALA C 186 -3.75 -49.52 -32.71
C ALA C 186 -3.83 -48.72 -34.00
N VAL C 187 -4.89 -48.96 -34.75
CA VAL C 187 -5.22 -48.20 -35.95
C VAL C 187 -6.37 -47.27 -35.63
N LEU C 188 -6.25 -46.00 -36.02
CA LEU C 188 -7.36 -45.09 -35.83
C LEU C 188 -8.12 -45.14 -37.15
N GLN C 189 -9.37 -45.58 -37.11
CA GLN C 189 -10.14 -45.76 -38.32
C GLN C 189 -10.86 -44.49 -38.75
N SER C 190 -11.39 -44.55 -39.98
CA SER C 190 -12.21 -43.47 -40.51
C SER C 190 -13.41 -43.21 -39.60
N SER C 191 -13.76 -44.19 -38.78
CA SER C 191 -14.85 -44.10 -37.82
C SER C 191 -14.46 -43.31 -36.58
N GLY C 192 -13.15 -43.15 -36.33
CA GLY C 192 -12.67 -42.46 -35.15
C GLY C 192 -12.41 -43.37 -33.97
N LEU C 193 -12.75 -44.64 -34.10
CA LEU C 193 -12.50 -45.65 -33.07
C LEU C 193 -11.19 -46.37 -33.39
N TYR C 194 -10.59 -46.95 -32.35
CA TYR C 194 -9.33 -47.66 -32.51
C TYR C 194 -9.53 -49.16 -32.66
N SER C 195 -8.53 -49.79 -33.28
CA SER C 195 -8.50 -51.24 -33.41
C SER C 195 -7.05 -51.70 -33.34
N LEU C 196 -6.82 -52.81 -32.63
CA LEU C 196 -5.49 -53.38 -32.56
C LEU C 196 -5.61 -54.88 -32.42
N SER C 197 -4.52 -55.58 -32.68
CA SER C 197 -4.48 -57.02 -32.56
C SER C 197 -3.24 -57.42 -31.77
N SER C 198 -3.33 -58.57 -31.11
CA SER C 198 -2.19 -59.12 -30.39
C SER C 198 -2.01 -60.55 -30.87
N VAL C 199 -0.81 -60.90 -31.30
CA VAL C 199 -0.57 -62.24 -31.82
C VAL C 199 0.56 -62.88 -31.03
N VAL C 200 0.40 -64.17 -30.77
CA VAL C 200 1.40 -64.97 -30.07
C VAL C 200 1.85 -66.08 -30.99
N THR C 201 3.17 -66.15 -31.19
CA THR C 201 3.79 -67.20 -31.99
C THR C 201 3.76 -68.49 -31.16
N VAL C 202 3.14 -69.51 -31.72
CA VAL C 202 2.92 -70.79 -31.05
C VAL C 202 3.70 -71.90 -31.74
N PRO C 203 4.25 -72.84 -30.97
CA PRO C 203 4.97 -73.96 -31.56
C PRO C 203 4.07 -74.87 -32.38
N SER C 204 4.70 -75.54 -33.36
CA SER C 204 4.00 -76.44 -34.27
C SER C 204 3.12 -77.45 -33.54
N SER C 205 3.61 -78.02 -32.44
CA SER C 205 2.80 -79.02 -31.73
C SER C 205 2.38 -78.57 -30.34
N SER C 206 1.84 -77.36 -30.23
CA SER C 206 1.35 -76.89 -28.94
C SER C 206 -0.15 -76.68 -29.00
N LEU C 207 -0.81 -77.41 -29.88
CA LEU C 207 -2.24 -77.27 -30.11
C LEU C 207 -2.87 -78.27 -29.16
N GLY C 208 -3.59 -77.78 -28.15
CA GLY C 208 -4.25 -78.66 -27.23
C GLY C 208 -3.43 -78.91 -25.98
N THR C 209 -2.66 -77.93 -25.52
CA THR C 209 -1.76 -78.10 -24.38
C THR C 209 -2.23 -77.16 -23.30
N GLN C 210 -2.05 -75.86 -23.45
CA GLN C 210 -2.50 -74.87 -22.48
C GLN C 210 -3.59 -74.07 -23.18
N THR C 211 -4.71 -73.84 -22.48
CA THR C 211 -5.82 -73.10 -23.09
C THR C 211 -5.41 -71.66 -23.31
N TYR C 212 -5.16 -71.28 -24.56
CA TYR C 212 -4.76 -69.92 -24.89
C TYR C 212 -5.92 -68.96 -24.69
N ILE C 213 -5.83 -68.15 -23.64
CA ILE C 213 -6.87 -67.16 -23.29
C ILE C 213 -6.22 -65.78 -23.26
N CYS C 214 -6.78 -64.85 -24.04
CA CYS C 214 -6.30 -63.48 -24.04
C CYS C 214 -7.21 -62.63 -23.17
N ASN C 215 -6.60 -61.85 -22.29
CA ASN C 215 -7.29 -60.98 -21.34
C ASN C 215 -7.14 -59.54 -21.80
N VAL C 216 -8.25 -58.96 -22.28
CA VAL C 216 -8.30 -57.60 -22.79
C VAL C 216 -8.95 -56.71 -21.74
N ASN C 217 -8.28 -55.62 -21.38
CA ASN C 217 -8.80 -54.65 -20.43
C ASN C 217 -8.79 -53.25 -21.02
N HIS C 218 -9.99 -52.68 -21.17
CA HIS C 218 -10.20 -51.31 -21.61
C HIS C 218 -10.70 -50.57 -20.37
N LYS C 219 -9.76 -50.03 -19.60
CA LYS C 219 -10.07 -49.30 -18.36
C LYS C 219 -11.04 -48.14 -18.53
N PRO C 220 -10.90 -47.26 -19.52
CA PRO C 220 -11.85 -46.13 -19.63
C PRO C 220 -13.32 -46.52 -19.74
N SER C 221 -13.63 -47.77 -20.09
CA SER C 221 -15.02 -48.20 -20.17
C SER C 221 -15.30 -49.37 -19.23
N ASN C 222 -14.35 -49.71 -18.36
CA ASN C 222 -14.47 -50.82 -17.42
C ASN C 222 -14.80 -52.12 -18.17
N THR C 223 -14.09 -52.35 -19.27
CA THR C 223 -14.27 -53.55 -20.06
C THR C 223 -13.19 -54.57 -19.73
N LYS C 224 -13.61 -55.80 -19.46
CA LYS C 224 -12.73 -56.92 -19.12
C LYS C 224 -13.24 -58.14 -19.88
N VAL C 225 -12.51 -58.58 -20.90
CA VAL C 225 -12.92 -59.70 -21.73
C VAL C 225 -11.84 -60.76 -21.78
N ASP C 226 -12.17 -61.98 -21.39
CA ASP C 226 -11.28 -63.14 -21.46
C ASP C 226 -11.77 -64.00 -22.62
N LYS C 227 -10.95 -64.15 -23.66
CA LYS C 227 -11.36 -64.92 -24.83
C LYS C 227 -10.47 -66.13 -25.07
N LYS C 228 -11.10 -67.31 -25.13
CA LYS C 228 -10.42 -68.57 -25.42
C LYS C 228 -10.17 -68.63 -26.92
N VAL C 229 -8.94 -68.96 -27.30
CA VAL C 229 -8.56 -69.07 -28.71
C VAL C 229 -8.29 -70.55 -28.99
N GLU C 230 -9.25 -71.21 -29.64
CA GLU C 230 -9.20 -72.61 -30.02
C GLU C 230 -9.39 -72.75 -31.53
N PRO C 231 -8.70 -73.69 -32.18
CA PRO C 231 -8.83 -73.83 -33.64
C PRO C 231 -10.26 -74.14 -34.10
N LYS C 232 -10.45 -74.02 -35.41
CA LYS C 232 -11.76 -74.10 -36.05
C LYS C 232 -12.33 -75.53 -36.06
N SER C 233 -13.41 -75.71 -35.30
CA SER C 233 -14.07 -76.99 -35.10
C SER C 233 -14.37 -77.76 -36.38
N CYS C 234 -15.13 -77.16 -37.30
CA CYS C 234 -15.48 -77.80 -38.58
C CYS C 234 -16.17 -79.14 -38.32
N ILE D 7 41.24 -8.15 28.97
CA ILE D 7 42.42 -7.45 28.47
C ILE D 7 43.64 -8.38 28.36
N ARG D 8 43.59 -9.55 28.99
CA ARG D 8 44.72 -10.49 28.95
C ARG D 8 44.39 -11.61 27.96
N MET D 9 45.00 -11.54 26.79
CA MET D 9 44.78 -12.55 25.75
C MET D 9 45.77 -13.69 25.86
N THR D 10 45.27 -14.92 25.77
CA THR D 10 46.12 -16.10 25.86
C THR D 10 45.72 -17.19 24.88
N GLN D 11 46.55 -17.45 23.88
CA GLN D 11 46.29 -18.50 22.89
C GLN D 11 46.56 -19.86 23.52
N SER D 12 46.24 -20.89 22.75
CA SER D 12 46.38 -22.27 23.18
C SER D 12 47.71 -22.92 22.77
N PRO D 13 47.95 -23.10 21.48
CA PRO D 13 49.22 -23.74 21.12
C PRO D 13 50.18 -22.67 20.62
N SER D 14 51.43 -22.77 21.05
CA SER D 14 52.42 -21.79 20.64
C SER D 14 53.10 -22.08 19.38
N THR D 15 53.41 -23.33 19.25
CA THR D 15 54.09 -23.80 18.05
C THR D 15 53.31 -25.08 17.51
N LEU D 16 52.20 -24.94 16.75
CA LEU D 16 51.45 -26.08 16.24
C LEU D 16 52.15 -26.71 15.05
N SER D 17 51.94 -28.01 14.86
CA SER D 17 52.55 -28.74 13.76
C SER D 17 51.52 -29.57 13.00
N ALA D 18 51.11 -29.06 11.84
CA ALA D 18 50.13 -29.76 11.02
C ALA D 18 50.62 -29.90 9.58
N SER D 19 49.87 -30.66 8.77
CA SER D 19 50.23 -30.88 7.38
C SER D 19 49.18 -30.29 6.44
N VAL D 20 49.44 -30.37 5.14
CA VAL D 20 48.51 -29.86 4.14
C VAL D 20 47.29 -30.76 4.06
N GLY D 21 46.11 -30.16 4.24
CA GLY D 21 44.85 -30.88 4.21
C GLY D 21 44.20 -31.05 5.57
N ASP D 22 44.99 -30.97 6.63
CA ASP D 22 44.50 -31.11 8.00
C ASP D 22 43.51 -30.01 8.34
N ARG D 23 42.66 -30.28 9.34
CA ARG D 23 41.78 -29.27 9.90
C ARG D 23 42.50 -28.72 11.12
N VAL D 24 42.71 -27.40 11.15
CA VAL D 24 43.47 -26.76 12.23
C VAL D 24 42.55 -25.87 13.05
N THR D 25 42.61 -26.01 14.38
CA THR D 25 41.80 -25.23 15.29
C THR D 25 42.69 -24.56 16.32
N ILE D 26 42.62 -23.23 16.42
CA ILE D 26 43.39 -22.46 17.38
C ILE D 26 42.43 -21.73 18.31
N THR D 27 42.62 -21.89 19.62
CA THR D 27 41.77 -21.25 20.60
C THR D 27 42.40 -19.94 21.07
N CYS D 28 41.56 -19.02 21.52
CA CYS D 28 41.98 -17.72 22.04
C CYS D 28 41.08 -17.40 23.23
N ARG D 29 41.64 -17.49 24.44
CA ARG D 29 40.95 -17.20 25.68
C ARG D 29 41.32 -15.81 26.18
N ALA D 30 40.43 -15.25 27.01
CA ALA D 30 40.62 -13.90 27.52
C ALA D 30 40.53 -13.89 29.04
N SER D 31 40.96 -12.77 29.62
CA SER D 31 40.85 -12.57 31.06
C SER D 31 39.46 -12.08 31.43
N GLN D 32 38.94 -11.10 30.69
CA GLN D 32 37.65 -10.51 30.94
C GLN D 32 36.69 -10.89 29.83
N SER D 33 35.49 -10.34 29.93
CA SER D 33 34.42 -10.59 28.97
C SER D 33 34.49 -9.67 27.76
N ILE D 34 34.53 -10.28 26.59
CA ILE D 34 34.42 -9.59 25.32
C ILE D 34 33.13 -10.15 24.76
N ASN D 35 32.40 -9.39 23.96
CA ASN D 35 31.13 -9.91 23.47
C ASN D 35 31.32 -10.70 22.18
N THR D 36 31.58 -10.00 21.09
CA THR D 36 31.77 -10.61 19.79
C THR D 36 33.01 -10.06 19.14
N TRP D 37 33.60 -9.03 19.72
CA TRP D 37 34.74 -8.27 19.21
C TRP D 37 36.06 -9.00 19.43
N LEU D 38 36.40 -9.87 18.49
CA LEU D 38 37.72 -10.50 18.51
C LEU D 38 38.12 -10.66 17.06
N ALA D 39 39.15 -9.94 16.66
CA ALA D 39 39.68 -10.04 15.32
C ALA D 39 40.72 -11.15 15.24
N TRP D 40 40.83 -11.76 14.07
CA TRP D 40 41.86 -12.75 13.84
C TRP D 40 42.75 -12.22 12.74
N TYR D 41 44.06 -12.46 12.86
CA TYR D 41 45.02 -11.94 11.91
C TYR D 41 46.02 -13.04 11.53
N GLN D 42 46.52 -12.96 10.31
CA GLN D 42 47.54 -13.87 9.81
C GLN D 42 48.76 -13.05 9.43
N GLN D 43 49.93 -13.51 9.85
CA GLN D 43 51.19 -12.81 9.57
C GLN D 43 52.28 -13.81 9.21
N LYS D 44 52.81 -13.66 8.05
CA LYS D 44 53.95 -14.49 7.70
C LYS D 44 55.21 -13.77 8.18
N PRO D 45 56.23 -14.47 8.68
CA PRO D 45 57.43 -13.78 9.16
C PRO D 45 58.00 -12.84 8.12
N GLY D 46 58.39 -11.65 8.58
CA GLY D 46 58.95 -10.61 7.74
C GLY D 46 57.92 -9.83 6.94
N LYS D 47 56.63 -10.03 7.22
CA LYS D 47 55.55 -9.35 6.53
C LYS D 47 54.58 -8.68 7.51
N ALA D 48 53.86 -7.70 6.97
CA ALA D 48 52.84 -7.00 7.74
C ALA D 48 51.63 -7.92 7.89
N PRO D 49 50.92 -7.83 9.02
CA PRO D 49 49.74 -8.68 9.23
C PRO D 49 48.64 -8.40 8.22
N ASN D 50 47.69 -9.34 8.17
CA ASN D 50 46.53 -9.26 7.28
C ASN D 50 45.30 -9.63 8.08
N LEU D 51 44.23 -8.85 7.92
CA LEU D 51 42.99 -9.14 8.64
C LEU D 51 42.32 -10.36 8.04
N LEU D 52 41.87 -11.27 8.90
CA LEU D 52 41.19 -12.49 8.46
C LEU D 52 39.70 -12.38 8.79
N ILE D 53 39.37 -12.48 10.07
CA ILE D 53 37.99 -12.39 10.52
C ILE D 53 37.82 -11.29 11.57
N SER D 54 36.60 -10.75 11.63
CA SER D 54 36.22 -9.70 12.55
C SER D 54 34.89 -10.10 13.14
N LYS D 55 34.49 -9.43 14.22
CA LYS D 55 33.25 -9.74 14.94
C LYS D 55 33.19 -11.24 15.20
N ALA D 56 32.13 -11.94 14.81
CA ALA D 56 32.03 -13.38 15.07
C ALA D 56 32.73 -14.24 14.02
N SER D 57 32.16 -14.29 12.81
CA SER D 57 32.71 -15.09 11.72
C SER D 57 32.78 -14.34 10.40
N SER D 58 32.58 -13.02 10.44
CA SER D 58 32.59 -12.15 9.26
C SER D 58 33.99 -11.94 8.72
N LEU D 59 34.52 -12.95 8.02
CA LEU D 59 35.87 -12.81 7.48
C LEU D 59 35.79 -11.87 6.29
N GLU D 60 36.43 -10.70 6.41
CA GLU D 60 36.41 -9.69 5.35
C GLU D 60 36.65 -10.31 3.99
N SER D 61 36.17 -9.64 2.93
CA SER D 61 36.30 -10.18 1.59
C SER D 61 37.76 -10.42 1.22
N GLY D 62 37.97 -11.46 0.43
CA GLY D 62 39.26 -11.84 -0.08
C GLY D 62 40.00 -12.81 0.83
N VAL D 63 39.31 -13.41 1.79
CA VAL D 63 39.89 -14.35 2.72
C VAL D 63 39.42 -15.73 2.28
N PRO D 64 40.27 -16.75 2.28
CA PRO D 64 39.84 -18.09 1.86
C PRO D 64 38.56 -18.50 2.58
N SER D 65 37.58 -18.97 1.81
CA SER D 65 36.27 -19.40 2.30
C SER D 65 36.36 -20.76 2.98
N ARG D 66 37.35 -20.88 3.84
CA ARG D 66 37.63 -22.06 4.64
C ARG D 66 38.09 -21.69 6.03
N PHE D 67 38.24 -20.40 6.31
CA PHE D 67 38.61 -19.86 7.61
C PHE D 67 37.29 -19.71 8.36
N SER D 68 37.36 -19.68 9.69
CA SER D 68 36.09 -19.56 10.40
C SER D 68 36.35 -19.20 11.85
N GLY D 69 35.40 -18.51 12.46
CA GLY D 69 35.58 -18.14 13.85
C GLY D 69 34.33 -18.41 14.65
N SER D 70 34.49 -19.10 15.76
CA SER D 70 33.38 -19.45 16.65
C SER D 70 33.76 -19.05 18.06
N GLY D 71 32.89 -18.32 18.74
CA GLY D 71 33.25 -17.95 20.08
C GLY D 71 32.55 -16.72 20.61
N SER D 72 32.36 -16.71 21.94
CA SER D 72 31.75 -15.54 22.57
C SER D 72 32.08 -15.60 24.04
N GLY D 73 32.28 -14.42 24.64
CA GLY D 73 32.62 -14.44 26.03
C GLY D 73 34.13 -14.43 26.15
N THR D 74 34.66 -15.22 27.09
CA THR D 74 36.10 -15.29 27.29
C THR D 74 36.84 -16.08 26.21
N GLU D 75 36.19 -17.03 25.51
CA GLU D 75 36.93 -17.85 24.55
C GLU D 75 36.33 -17.89 23.14
N PHE D 76 37.23 -18.12 22.19
CA PHE D 76 36.95 -18.15 20.75
C PHE D 76 37.88 -19.16 20.09
N THR D 77 37.58 -19.51 18.85
CA THR D 77 38.43 -20.40 18.05
C THR D 77 38.45 -19.95 16.58
N LEU D 78 39.62 -20.16 15.97
CA LEU D 78 39.89 -19.92 14.55
C LEU D 78 40.12 -21.28 13.90
N THR D 79 39.29 -21.62 12.93
CA THR D 79 39.35 -22.89 12.22
C THR D 79 39.78 -22.73 10.77
N ILE D 80 40.73 -23.56 10.34
CA ILE D 80 41.11 -23.67 8.93
C ILE D 80 40.70 -25.09 8.54
N SER D 81 39.59 -25.19 7.81
CA SER D 81 39.03 -26.49 7.42
C SER D 81 40.04 -27.39 6.71
N SER D 82 40.84 -26.83 5.80
CA SER D 82 41.83 -27.66 5.08
C SER D 82 43.04 -26.80 4.73
N LEU D 83 44.11 -26.98 5.51
CA LEU D 83 45.36 -26.24 5.39
C LEU D 83 45.96 -26.29 3.98
N GLN D 84 46.33 -25.13 3.46
CA GLN D 84 47.02 -24.97 2.18
C GLN D 84 48.45 -24.51 2.44
N PRO D 85 49.37 -24.65 1.47
CA PRO D 85 50.76 -24.25 1.74
C PRO D 85 50.92 -22.79 2.15
N ASP D 86 50.07 -21.91 1.63
CA ASP D 86 50.15 -20.49 1.98
C ASP D 86 49.82 -20.25 3.45
N ASP D 87 48.91 -21.04 4.01
CA ASP D 87 48.46 -20.88 5.39
C ASP D 87 49.54 -21.08 6.44
N PHE D 88 50.69 -21.68 6.10
CA PHE D 88 51.73 -21.87 7.12
C PHE D 88 52.39 -20.53 7.44
N ALA D 89 51.92 -19.91 8.51
CA ALA D 89 52.35 -18.61 9.01
C ALA D 89 51.96 -18.58 10.50
N THR D 90 52.03 -17.40 11.12
CA THR D 90 51.63 -17.28 12.52
C THR D 90 50.35 -16.47 12.63
N TYR D 91 49.46 -16.93 13.52
CA TYR D 91 48.12 -16.36 13.70
C TYR D 91 48.02 -15.63 15.03
N PHE D 92 47.26 -14.52 15.06
CA PHE D 92 47.07 -13.73 16.27
C PHE D 92 45.59 -13.37 16.44
N CYS D 93 45.18 -13.20 17.69
CA CYS D 93 43.83 -12.72 17.98
C CYS D 93 43.92 -11.36 18.67
N GLN D 94 42.91 -10.53 18.45
CA GLN D 94 42.86 -9.18 19.01
C GLN D 94 41.54 -8.91 19.69
N GLN D 95 41.59 -8.12 20.75
CA GLN D 95 40.44 -7.73 21.53
C GLN D 95 40.06 -6.29 21.19
N TYR D 96 38.75 -6.01 21.16
CA TYR D 96 38.35 -4.63 20.91
C TYR D 96 37.00 -4.29 21.54
N ASN D 97 36.69 -4.88 22.69
CA ASN D 97 35.49 -4.48 23.41
C ASN D 97 35.66 -3.05 23.89
N SER D 98 36.86 -2.73 24.40
CA SER D 98 37.26 -1.42 24.85
C SER D 98 38.45 -0.97 24.03
N TYR D 99 38.55 0.35 23.81
CA TYR D 99 39.58 0.92 22.94
C TYR D 99 40.99 0.42 23.21
N LEU D 100 41.30 0.03 24.46
CA LEU D 100 42.63 -0.48 24.79
C LEU D 100 42.81 -1.91 24.26
N TYR D 101 43.15 -1.98 22.97
CA TYR D 101 43.33 -3.24 22.27
C TYR D 101 44.45 -4.08 22.89
N THR D 102 44.29 -5.40 22.84
CA THR D 102 45.30 -6.32 23.31
C THR D 102 45.38 -7.52 22.35
N PHE D 103 46.58 -8.05 22.15
CA PHE D 103 46.80 -9.15 21.23
C PHE D 103 47.24 -10.43 21.94
N GLY D 104 46.96 -11.55 21.27
CA GLY D 104 47.35 -12.86 21.75
C GLY D 104 48.85 -13.11 21.57
N GLN D 105 49.32 -14.20 22.19
CA GLN D 105 50.73 -14.54 22.12
C GLN D 105 51.15 -15.01 20.73
N GLY D 106 50.21 -15.37 19.86
CA GLY D 106 50.51 -15.86 18.54
C GLY D 106 50.69 -17.36 18.43
N THR D 107 50.18 -17.94 17.34
CA THR D 107 50.28 -19.36 17.04
C THR D 107 50.99 -19.60 15.71
N LYS D 108 52.25 -20.04 15.78
CA LYS D 108 53.03 -20.35 14.59
C LYS D 108 52.64 -21.73 14.07
N VAL D 109 52.27 -21.81 12.79
CA VAL D 109 51.89 -23.07 12.16
C VAL D 109 53.03 -23.57 11.29
N GLU D 110 53.60 -24.70 11.68
CA GLU D 110 54.75 -25.35 11.08
C GLU D 110 54.35 -26.61 10.32
N ILE D 111 55.09 -26.92 9.26
CA ILE D 111 54.76 -28.09 8.48
C ILE D 111 55.42 -29.24 9.23
N ARG D 112 54.65 -30.27 9.53
CA ARG D 112 55.20 -31.43 10.24
C ARG D 112 55.73 -32.47 9.24
N ARG D 113 57.04 -32.68 9.23
CA ARG D 113 57.67 -33.61 8.35
C ARG D 113 58.07 -34.84 9.18
N THR D 114 59.05 -35.59 8.67
CA THR D 114 59.54 -36.76 9.37
C THR D 114 60.34 -36.31 10.58
N VAL D 115 60.81 -37.26 11.37
CA VAL D 115 61.59 -36.93 12.57
C VAL D 115 63.01 -37.37 12.22
N ALA D 116 63.87 -36.38 12.01
CA ALA D 116 65.25 -36.63 11.63
C ALA D 116 66.18 -35.94 12.61
N ALA D 117 67.29 -36.59 12.95
CA ALA D 117 68.25 -36.02 13.92
C ALA D 117 69.19 -34.98 13.30
N PRO D 118 69.75 -34.10 14.12
CA PRO D 118 70.62 -33.04 13.62
C PRO D 118 72.08 -33.44 13.38
N SER D 119 72.64 -32.97 12.27
CA SER D 119 74.03 -33.25 11.92
C SER D 119 74.85 -32.25 12.73
N VAL D 120 75.53 -32.73 13.76
CA VAL D 120 76.24 -31.89 14.71
C VAL D 120 77.69 -31.68 14.30
N PHE D 121 78.11 -30.41 14.25
CA PHE D 121 79.46 -30.02 13.90
C PHE D 121 79.88 -28.97 14.91
N ILE D 122 81.17 -28.94 15.24
CA ILE D 122 81.70 -27.96 16.19
C ILE D 122 82.83 -27.20 15.51
N PHE D 123 82.95 -25.92 15.81
CA PHE D 123 83.99 -25.10 15.22
C PHE D 123 84.74 -24.26 16.25
N PRO D 124 86.04 -24.51 16.37
CA PRO D 124 86.88 -23.77 17.32
C PRO D 124 87.11 -22.34 16.85
N PRO D 125 87.46 -21.42 17.74
CA PRO D 125 87.70 -20.03 17.32
C PRO D 125 88.85 -19.94 16.31
N SER D 126 88.64 -19.12 15.29
CA SER D 126 89.65 -18.91 14.25
C SER D 126 90.86 -18.15 14.78
N ASP D 127 92.00 -18.36 14.13
CA ASP D 127 93.25 -17.71 14.52
C ASP D 127 93.11 -16.18 14.54
N GLU D 128 92.41 -15.63 13.53
CA GLU D 128 92.20 -14.20 13.44
C GLU D 128 91.46 -13.67 14.66
N GLN D 129 90.40 -14.39 15.08
CA GLN D 129 89.67 -13.92 16.26
C GLN D 129 90.52 -14.07 17.51
N LEU D 130 91.28 -15.16 17.62
CA LEU D 130 92.14 -15.36 18.78
C LEU D 130 93.15 -14.24 18.92
N LYS D 131 93.53 -13.59 17.80
CA LYS D 131 94.45 -12.46 17.91
C LYS D 131 93.74 -11.23 18.48
N SER D 132 92.47 -11.05 18.16
CA SER D 132 91.68 -9.90 18.58
C SER D 132 91.26 -9.97 20.05
N GLY D 133 91.74 -10.97 20.80
CA GLY D 133 91.39 -11.08 22.20
C GLY D 133 89.99 -11.55 22.48
N THR D 134 89.38 -12.27 21.53
CA THR D 134 88.03 -12.79 21.68
C THR D 134 88.04 -14.24 21.23
N ALA D 135 87.14 -15.05 21.80
CA ALA D 135 87.02 -16.45 21.42
C ALA D 135 85.56 -16.87 21.40
N SER D 136 85.07 -17.22 20.22
CA SER D 136 83.70 -17.69 20.02
C SER D 136 83.74 -19.11 19.47
N VAL D 137 83.11 -20.04 20.16
CA VAL D 137 83.05 -21.45 19.76
C VAL D 137 81.63 -21.71 19.30
N VAL D 138 81.46 -22.18 18.06
CA VAL D 138 80.12 -22.42 17.51
C VAL D 138 79.81 -23.91 17.42
N CYS D 139 78.64 -24.29 17.95
CA CYS D 139 78.14 -25.66 17.87
C CYS D 139 76.93 -25.58 16.94
N LEU D 140 77.07 -26.18 15.76
CA LEU D 140 76.03 -26.16 14.75
C LEU D 140 75.25 -27.46 14.67
N LEU D 141 73.94 -27.36 14.76
CA LEU D 141 73.05 -28.52 14.63
C LEU D 141 72.40 -28.29 13.28
N ASN D 142 72.62 -29.18 12.32
CA ASN D 142 72.04 -28.96 11.00
C ASN D 142 71.16 -30.06 10.39
N ASN D 143 70.05 -29.62 9.82
CA ASN D 143 69.11 -30.50 9.14
C ASN D 143 68.19 -31.40 9.97
N PHE D 144 67.41 -30.84 10.89
CA PHE D 144 66.49 -31.69 11.66
C PHE D 144 65.03 -31.23 11.92
N TYR D 145 64.27 -32.12 12.57
CA TYR D 145 62.89 -31.95 12.95
C TYR D 145 62.54 -32.89 14.12
N PRO D 146 61.85 -32.44 15.18
CA PRO D 146 61.30 -31.11 15.41
C PRO D 146 62.28 -30.02 15.84
N ARG D 147 61.75 -28.80 15.92
CA ARG D 147 62.54 -27.64 16.32
C ARG D 147 63.15 -27.81 17.71
N GLU D 148 62.44 -28.46 18.62
CA GLU D 148 62.86 -28.66 20.00
C GLU D 148 64.13 -29.51 20.14
N ALA D 149 65.23 -28.85 20.51
CA ALA D 149 66.54 -29.47 20.70
C ALA D 149 67.24 -28.79 21.86
N LYS D 150 67.99 -29.56 22.64
CA LYS D 150 68.70 -29.06 23.82
C LYS D 150 70.21 -29.10 23.61
N VAL D 151 70.87 -27.97 23.82
CA VAL D 151 72.32 -27.83 23.67
C VAL D 151 72.93 -27.35 24.98
N GLN D 152 73.86 -28.12 25.53
CA GLN D 152 74.56 -27.77 26.77
C GLN D 152 76.06 -27.69 26.53
N TRP D 153 76.70 -26.66 27.08
CA TRP D 153 78.14 -26.45 26.91
C TRP D 153 78.93 -26.85 28.15
N LYS D 154 80.09 -27.48 27.91
CA LYS D 154 80.99 -27.87 28.99
C LYS D 154 82.44 -27.60 28.61
N VAL D 155 83.12 -26.84 29.47
CA VAL D 155 84.53 -26.47 29.34
C VAL D 155 85.29 -27.21 30.42
N ASP D 156 86.18 -28.11 30.00
CA ASP D 156 86.93 -28.97 30.90
C ASP D 156 85.96 -29.78 31.76
N ASN D 157 84.94 -30.32 31.10
CA ASN D 157 83.87 -31.13 31.68
C ASN D 157 82.92 -30.35 32.58
N ALA D 158 83.06 -29.02 32.67
CA ALA D 158 82.21 -28.21 33.54
C ALA D 158 81.12 -27.44 32.79
N LEU D 159 79.88 -27.59 33.27
CA LEU D 159 78.70 -26.92 32.69
C LEU D 159 78.81 -25.39 32.69
N GLN D 160 78.36 -24.78 31.59
CA GLN D 160 78.36 -23.33 31.41
C GLN D 160 76.93 -22.82 31.25
N SER D 161 76.69 -21.59 31.71
CA SER D 161 75.36 -20.99 31.61
C SER D 161 75.44 -19.47 31.51
N GLY D 162 74.69 -18.91 30.55
CA GLY D 162 74.60 -17.48 30.33
C GLY D 162 75.54 -16.94 29.26
N ASN D 163 76.69 -17.56 29.07
CA ASN D 163 77.69 -17.10 28.10
C ASN D 163 77.48 -17.67 26.69
N SER D 164 76.31 -18.24 26.39
CA SER D 164 76.03 -18.79 25.08
C SER D 164 74.71 -18.26 24.52
N GLN D 165 74.69 -17.97 23.22
CA GLN D 165 73.51 -17.46 22.52
C GLN D 165 73.12 -18.41 21.39
N GLU D 166 71.82 -18.63 21.24
CA GLU D 166 71.25 -19.52 20.22
C GLU D 166 70.44 -18.77 19.17
N SER D 167 70.50 -19.28 17.94
CA SER D 167 69.73 -18.74 16.81
C SER D 167 69.33 -19.92 15.95
N VAL D 168 68.17 -19.80 15.29
CA VAL D 168 67.65 -20.90 14.46
C VAL D 168 67.06 -20.42 13.13
N THR D 169 67.38 -21.14 12.06
CA THR D 169 66.82 -20.83 10.75
C THR D 169 65.36 -21.22 10.86
N GLU D 170 64.45 -20.40 10.34
CA GLU D 170 63.05 -20.76 10.50
C GLU D 170 62.74 -22.14 9.91
N GLN D 171 62.91 -22.34 8.62
CA GLN D 171 62.63 -23.68 8.07
C GLN D 171 63.21 -23.78 6.67
N ASP D 172 63.73 -24.94 6.27
CA ASP D 172 64.26 -24.94 4.92
C ASP D 172 63.13 -25.04 3.89
N SER D 173 63.28 -24.27 2.81
CA SER D 173 62.32 -24.21 1.70
C SER D 173 62.01 -25.54 1.01
N LYS D 174 63.01 -26.42 0.85
CA LYS D 174 62.84 -27.72 0.20
C LYS D 174 62.56 -28.95 1.07
N ASP D 175 63.43 -29.25 2.02
CA ASP D 175 63.30 -30.37 2.95
C ASP D 175 62.62 -30.02 4.28
N SER D 176 62.44 -28.74 4.60
CA SER D 176 61.55 -28.30 5.68
C SER D 176 61.97 -29.01 6.98
N THR D 177 63.17 -28.59 7.38
CA THR D 177 63.91 -28.94 8.58
C THR D 177 64.53 -27.68 9.16
N TYR D 178 64.91 -27.75 10.43
CA TYR D 178 65.50 -26.66 11.18
C TYR D 178 67.01 -26.79 11.31
N SER D 179 67.68 -25.65 11.50
CA SER D 179 69.11 -25.58 11.75
C SER D 179 69.36 -24.61 12.89
N LEU D 180 70.27 -24.96 13.80
CA LEU D 180 70.51 -24.17 15.01
C LEU D 180 71.99 -23.88 15.22
N SER D 181 72.30 -22.67 15.67
CA SER D 181 73.65 -22.22 16.00
C SER D 181 73.72 -21.81 17.46
N SER D 182 74.62 -22.45 18.23
CA SER D 182 74.87 -22.12 19.63
C SER D 182 76.29 -21.57 19.76
N THR D 183 76.41 -20.28 20.09
CA THR D 183 77.68 -19.57 20.17
C THR D 183 78.11 -19.29 21.61
N LEU D 184 79.19 -19.93 22.04
CA LEU D 184 79.79 -19.75 23.37
C LEU D 184 80.90 -18.69 23.24
N THR D 185 80.76 -17.57 23.94
CA THR D 185 81.72 -16.47 23.84
C THR D 185 82.47 -16.26 25.15
N LEU D 186 83.81 -16.22 25.05
CA LEU D 186 84.69 -15.96 26.19
C LEU D 186 85.91 -15.18 25.70
N SER D 187 86.59 -14.54 26.64
CA SER D 187 87.80 -13.78 26.31
C SER D 187 88.98 -14.71 26.01
N LYS D 188 89.92 -14.18 25.22
CA LYS D 188 91.13 -14.94 24.89
C LYS D 188 91.89 -15.33 26.16
N ALA D 189 92.02 -14.40 27.10
CA ALA D 189 92.70 -14.66 28.36
C ALA D 189 92.18 -15.91 29.06
N ASP D 190 90.86 -16.05 29.15
CA ASP D 190 90.26 -17.22 29.81
C ASP D 190 90.10 -18.41 28.88
N TYR D 191 90.22 -18.21 27.55
CA TYR D 191 90.20 -19.34 26.63
C TYR D 191 91.45 -20.19 26.79
N GLU D 192 92.59 -19.53 27.03
CA GLU D 192 93.85 -20.23 27.25
C GLU D 192 93.89 -20.93 28.60
N LYS D 193 92.99 -20.58 29.51
CA LYS D 193 92.96 -21.23 30.82
C LYS D 193 92.32 -22.61 30.78
N HIS D 194 91.83 -23.06 29.63
CA HIS D 194 91.16 -24.35 29.51
C HIS D 194 91.65 -25.05 28.25
N LYS D 195 91.30 -26.34 28.10
CA LYS D 195 91.76 -27.09 26.93
C LYS D 195 90.65 -27.83 26.18
N VAL D 196 89.82 -28.58 26.90
CA VAL D 196 88.76 -29.38 26.28
C VAL D 196 87.47 -28.57 26.18
N TYR D 197 86.91 -28.50 24.98
CA TYR D 197 85.66 -27.78 24.72
C TYR D 197 84.65 -28.73 24.09
N ALA D 198 83.47 -28.85 24.70
CA ALA D 198 82.49 -29.80 24.18
C ALA D 198 81.07 -29.26 24.28
N CYS D 199 80.24 -29.63 23.30
CA CYS D 199 78.82 -29.31 23.27
C CYS D 199 78.00 -30.59 23.15
N GLU D 200 77.07 -30.77 24.09
CA GLU D 200 76.18 -31.92 24.16
C GLU D 200 74.82 -31.57 23.55
N VAL D 201 74.40 -32.35 22.57
CA VAL D 201 73.14 -32.18 21.86
C VAL D 201 72.19 -33.31 22.22
N THR D 202 70.98 -32.96 22.66
CA THR D 202 69.93 -33.93 22.96
C THR D 202 68.74 -33.57 22.07
N HIS D 203 68.34 -34.52 21.23
CA HIS D 203 67.23 -34.39 20.29
C HIS D 203 66.29 -35.57 20.39
N GLN D 204 65.02 -35.35 20.05
CA GLN D 204 64.03 -36.43 20.12
C GLN D 204 64.37 -37.60 19.22
N GLY D 205 65.33 -37.45 18.30
CA GLY D 205 65.59 -38.53 17.37
C GLY D 205 67.06 -38.87 17.41
N LEU D 206 67.66 -38.64 18.58
CA LEU D 206 69.01 -39.12 18.90
C LEU D 206 68.86 -40.08 20.06
N SER D 207 69.05 -41.38 19.78
CA SER D 207 68.86 -42.42 20.81
C SER D 207 69.57 -42.06 22.11
N SER D 208 70.78 -41.53 22.03
CA SER D 208 71.61 -41.09 23.14
C SER D 208 72.20 -39.72 22.81
N PRO D 209 72.50 -38.91 23.81
CA PRO D 209 73.04 -37.57 23.53
C PRO D 209 74.36 -37.63 22.78
N VAL D 210 74.50 -36.73 21.80
CA VAL D 210 75.68 -36.63 20.96
C VAL D 210 76.59 -35.52 21.48
N THR D 211 77.85 -35.84 21.72
CA THR D 211 78.82 -34.86 22.21
C THR D 211 79.88 -34.61 21.15
N LYS D 212 80.02 -33.35 20.75
CA LYS D 212 81.06 -32.94 19.79
C LYS D 212 82.06 -32.07 20.55
N SER D 213 83.34 -32.45 20.52
CA SER D 213 84.37 -31.75 21.28
C SER D 213 85.67 -31.60 20.49
N PHE D 214 86.58 -30.82 21.08
CA PHE D 214 87.92 -30.61 20.54
C PHE D 214 88.85 -30.19 21.67
N ASN D 215 90.15 -30.28 21.40
CA ASN D 215 91.19 -29.87 22.33
C ASN D 215 91.97 -28.66 21.82
N ARG D 216 92.18 -27.70 22.71
CA ARG D 216 92.90 -26.46 22.43
C ARG D 216 94.35 -26.74 21.98
N GLN E 6 42.01 -0.99 -4.63
CA GLN E 6 43.43 -0.73 -4.44
C GLN E 6 43.65 0.42 -3.44
N VAL E 7 43.69 0.05 -2.16
CA VAL E 7 43.86 0.96 -1.04
C VAL E 7 45.16 0.61 -0.34
N GLN E 8 45.96 1.62 0.00
CA GLN E 8 47.23 1.27 0.65
C GLN E 8 47.72 2.34 1.62
N LEU E 9 48.47 1.89 2.62
CA LEU E 9 49.18 2.73 3.57
C LEU E 9 50.69 2.56 3.34
N VAL E 10 51.38 3.67 3.06
CA VAL E 10 52.82 3.67 2.79
C VAL E 10 53.54 4.44 3.89
N GLN E 11 54.31 3.73 4.71
CA GLN E 11 55.03 4.26 5.86
C GLN E 11 56.42 4.79 5.51
N SER E 12 56.94 5.64 6.39
CA SER E 12 58.26 6.24 6.25
C SER E 12 59.38 5.21 6.39
N GLY E 13 60.54 5.58 5.84
CA GLY E 13 61.73 4.74 5.91
C GLY E 13 62.17 4.44 7.33
N ALA E 14 62.89 3.31 7.46
CA ALA E 14 63.40 2.84 8.74
C ALA E 14 64.25 3.91 9.43
N GLU E 15 64.32 3.82 10.76
CA GLU E 15 65.05 4.79 11.59
C GLU E 15 66.01 4.13 12.56
N VAL E 16 67.15 4.80 12.75
CA VAL E 16 68.17 4.43 13.73
C VAL E 16 68.28 5.65 14.63
N LYS E 17 67.84 5.53 15.88
CA LYS E 17 67.81 6.64 16.82
C LYS E 17 68.48 6.29 18.14
N LYS E 18 69.28 7.22 18.64
CA LYS E 18 69.97 7.03 19.91
C LYS E 18 68.97 7.18 21.06
N PRO E 19 69.16 6.44 22.14
CA PRO E 19 68.19 6.52 23.26
C PRO E 19 68.05 7.93 23.78
N GLY E 20 66.79 8.33 24.01
CA GLY E 20 66.41 9.65 24.47
C GLY E 20 65.86 10.54 23.38
N ALA E 21 66.33 10.36 22.15
CA ALA E 21 65.86 11.15 21.02
C ALA E 21 64.40 10.81 20.70
N SER E 22 63.80 11.59 19.82
CA SER E 22 62.42 11.33 19.41
C SER E 22 62.39 10.95 17.94
N VAL E 23 61.33 10.24 17.55
CA VAL E 23 61.20 9.78 16.17
C VAL E 23 59.78 10.03 15.68
N ARG E 24 59.66 10.49 14.43
CA ARG E 24 58.37 10.70 13.79
C ARG E 24 58.25 9.68 12.66
N VAL E 25 57.16 8.91 12.68
CA VAL E 25 56.89 7.90 11.66
C VAL E 25 55.60 8.29 10.94
N SER E 26 55.72 8.51 9.64
CA SER E 26 54.58 8.87 8.80
C SER E 26 53.95 7.61 8.21
N CYS E 27 52.63 7.67 8.03
CA CYS E 27 51.85 6.60 7.41
C CYS E 27 50.92 7.32 6.43
N LYS E 28 51.30 7.40 5.15
CA LYS E 28 50.48 8.09 4.17
C LYS E 28 49.48 7.11 3.54
N ALA E 29 48.19 7.36 3.77
CA ALA E 29 47.12 6.53 3.24
C ALA E 29 46.80 6.90 1.80
N SER E 30 46.05 6.04 1.12
CA SER E 30 45.71 6.35 -0.26
C SER E 30 44.58 5.45 -0.77
N GLY E 31 43.83 6.04 -1.70
CA GLY E 31 42.69 5.50 -2.44
C GLY E 31 41.46 5.10 -1.67
N TYR E 32 41.09 5.90 -0.67
CA TYR E 32 39.90 5.70 0.16
C TYR E 32 39.58 7.05 0.81
N THR E 33 38.48 7.12 1.54
CA THR E 33 38.11 8.41 2.15
C THR E 33 38.65 8.47 3.56
N PHE E 34 39.93 8.84 3.63
CA PHE E 34 40.67 8.92 4.88
C PHE E 34 39.96 9.75 5.94
N THR E 35 39.22 10.79 5.50
CA THR E 35 38.52 11.65 6.45
C THR E 35 37.48 10.90 7.26
N SER E 36 36.86 9.86 6.70
CA SER E 36 35.86 9.09 7.44
C SER E 36 36.41 7.73 7.89
N TYR E 37 37.70 7.68 8.22
CA TYR E 37 38.34 6.49 8.76
C TYR E 37 39.46 6.90 9.72
N GLY E 38 39.83 5.96 10.60
CA GLY E 38 40.89 6.16 11.55
C GLY E 38 42.13 5.36 11.21
N ILE E 39 43.14 5.50 12.08
CA ILE E 39 44.44 4.84 11.92
C ILE E 39 44.91 4.40 13.30
N SER E 40 45.19 3.10 13.45
CA SER E 40 45.80 2.57 14.65
C SER E 40 47.28 2.36 14.41
N TRP E 41 48.01 2.09 15.51
CA TRP E 41 49.43 1.83 15.45
C TRP E 41 49.73 0.64 16.35
N VAL E 42 50.39 -0.38 15.82
CA VAL E 42 50.81 -1.54 16.60
C VAL E 42 52.27 -1.83 16.30
N ARG E 43 53.05 -2.09 17.35
CA ARG E 43 54.47 -2.37 17.21
C ARG E 43 54.79 -3.80 17.64
N GLN E 44 55.83 -4.34 17.01
CA GLN E 44 56.31 -5.72 17.19
C GLN E 44 57.79 -5.77 17.52
N ALA E 45 58.14 -5.99 18.79
CA ALA E 45 59.55 -6.06 19.15
C ALA E 45 60.19 -7.22 18.38
N PRO E 46 61.51 -7.25 18.26
CA PRO E 46 62.14 -8.36 17.50
C PRO E 46 61.99 -9.69 18.23
N GLY E 47 61.30 -10.62 17.60
CA GLY E 47 61.11 -11.94 18.17
C GLY E 47 59.84 -12.12 18.95
N GLN E 48 59.21 -11.02 19.37
CA GLN E 48 57.97 -11.07 20.14
C GLN E 48 56.72 -10.81 19.29
N GLY E 49 55.59 -10.72 19.97
CA GLY E 49 54.29 -10.49 19.36
C GLY E 49 54.00 -9.04 19.03
N LEU E 50 52.70 -8.79 18.79
CA LEU E 50 52.19 -7.48 18.46
C LEU E 50 51.70 -6.76 19.71
N GLU E 51 52.11 -5.50 19.88
CA GLU E 51 51.70 -4.69 21.02
C GLU E 51 51.04 -3.42 20.48
N TRP E 52 49.80 -3.17 20.89
CA TRP E 52 49.09 -1.99 20.43
C TRP E 52 49.77 -0.73 20.97
N MET E 53 49.66 0.36 20.21
CA MET E 53 50.25 1.63 20.60
C MET E 53 49.19 2.69 20.85
N GLY E 54 48.37 2.99 19.85
CA GLY E 54 47.34 4.00 19.98
C GLY E 54 46.47 4.01 18.74
N TRP E 55 45.48 4.89 18.76
CA TRP E 55 44.58 5.09 17.63
C TRP E 55 44.31 6.58 17.50
N ILE E 56 44.07 7.02 16.27
CA ILE E 56 43.83 8.43 15.95
C ILE E 56 42.85 8.49 14.78
N SER E 57 41.80 9.31 14.89
CA SER E 57 40.81 9.40 13.83
C SER E 57 41.12 10.49 12.80
N GLY E 58 40.44 10.39 11.66
CA GLY E 58 40.52 11.30 10.54
C GLY E 58 39.33 12.20 10.44
N TYR E 59 38.36 12.01 11.34
CA TYR E 59 37.15 12.81 11.48
C TYR E 59 37.27 13.78 12.64
N ASP E 60 37.42 13.21 13.83
CA ASP E 60 37.50 13.98 15.06
C ASP E 60 38.89 14.52 15.30
N GLY E 61 39.89 13.76 14.86
CA GLY E 61 41.25 14.12 15.16
C GLY E 61 41.48 13.74 16.59
N ASN E 62 40.68 12.81 17.10
CA ASN E 62 40.73 12.31 18.45
C ASN E 62 41.81 11.25 18.58
N THR E 63 42.13 10.88 19.82
CA THR E 63 43.18 9.90 20.03
C THR E 63 42.92 9.07 21.27
N ASN E 64 43.48 7.86 21.25
CA ASN E 64 43.49 6.96 22.40
C ASN E 64 44.88 6.35 22.44
N TYR E 65 45.66 6.67 23.46
CA TYR E 65 47.02 6.17 23.59
C TYR E 65 47.08 5.11 24.67
N ALA E 66 47.92 4.10 24.46
CA ALA E 66 48.07 3.04 25.44
C ALA E 66 48.67 3.58 26.74
N GLN E 67 48.12 3.13 27.87
CA GLN E 67 48.55 3.59 29.18
C GLN E 67 50.06 3.47 29.38
N LYS E 68 50.67 2.39 28.89
CA LYS E 68 52.10 2.19 29.03
C LYS E 68 52.93 3.23 28.27
N LEU E 69 52.33 3.92 27.30
CA LEU E 69 53.03 4.90 26.49
C LEU E 69 52.52 6.32 26.68
N GLN E 70 51.45 6.51 27.45
CA GLN E 70 50.85 7.81 27.69
C GLN E 70 51.85 8.91 28.03
N GLY E 71 51.70 10.05 27.36
CA GLY E 71 52.53 11.22 27.53
C GLY E 71 53.76 11.22 26.64
N ARG E 72 54.33 10.05 26.40
CA ARG E 72 55.52 9.93 25.56
C ARG E 72 55.19 9.85 24.08
N VAL E 73 53.95 9.55 23.72
CA VAL E 73 53.57 9.42 22.31
C VAL E 73 52.55 10.49 21.94
N THR E 74 52.68 10.97 20.71
CA THR E 74 51.81 11.97 20.09
C THR E 74 51.55 11.46 18.70
N MET E 75 50.33 11.64 18.21
CA MET E 75 50.04 11.25 16.83
C MET E 75 48.87 12.06 16.29
N THR E 76 49.14 12.78 15.21
CA THR E 76 48.23 13.69 14.56
C THR E 76 47.87 13.19 13.17
N THR E 77 46.95 13.88 12.52
CA THR E 77 46.52 13.54 11.17
C THR E 77 46.48 14.79 10.30
N ASP E 78 46.92 14.65 9.05
CA ASP E 78 46.94 15.71 8.06
C ASP E 78 46.08 15.25 6.87
N THR E 79 44.78 15.55 6.96
CA THR E 79 43.82 15.10 5.95
C THR E 79 44.03 15.73 4.59
N SER E 80 44.80 16.82 4.50
CA SER E 80 45.09 17.40 3.19
C SER E 80 45.94 16.44 2.36
N THR E 81 46.88 15.76 3.00
CA THR E 81 47.71 14.74 2.36
C THR E 81 47.30 13.36 2.87
N SER E 82 46.22 13.30 3.64
CA SER E 82 45.67 12.08 4.25
C SER E 82 46.74 11.22 4.91
N THR E 83 47.70 11.86 5.55
CA THR E 83 48.80 11.16 6.21
C THR E 83 48.61 11.18 7.72
N ALA E 84 48.94 10.08 8.37
CA ALA E 84 48.85 9.93 9.82
C ALA E 84 50.27 9.85 10.38
N TYR E 85 50.59 10.69 11.35
CA TYR E 85 51.92 10.65 11.94
C TYR E 85 51.88 10.06 13.34
N MET E 86 53.07 9.67 13.81
CA MET E 86 53.23 9.02 15.11
C MET E 86 54.62 9.39 15.61
N GLU E 87 54.70 10.20 16.67
CA GLU E 87 55.97 10.65 17.23
C GLU E 87 56.17 10.05 18.62
N LEU E 88 57.15 9.16 18.73
CA LEU E 88 57.53 8.56 20.01
C LEU E 88 58.79 9.26 20.50
N ARG E 89 58.64 10.06 21.57
CA ARG E 89 59.74 10.81 22.17
C ARG E 89 60.42 9.97 23.25
N SER E 90 61.56 10.48 23.73
CA SER E 90 62.38 9.83 24.77
C SER E 90 62.50 8.32 24.56
N LEU E 91 62.93 7.95 23.37
CA LEU E 91 63.13 6.55 22.98
C LEU E 91 64.01 5.80 23.98
N ARG E 92 63.73 4.51 24.15
CA ARG E 92 64.53 3.65 25.01
C ARG E 92 64.71 2.30 24.30
N SER E 93 65.70 1.54 24.79
CA SER E 93 66.05 0.24 24.19
C SER E 93 64.86 -0.69 23.98
N ASP E 94 63.92 -0.73 24.92
CA ASP E 94 62.77 -1.60 24.73
C ASP E 94 61.80 -1.09 23.66
N ASP E 95 62.09 0.06 23.05
CA ASP E 95 61.28 0.57 21.96
C ASP E 95 61.77 0.10 20.59
N THR E 96 62.90 -0.58 20.54
CA THR E 96 63.39 -1.14 19.27
C THR E 96 62.39 -2.18 18.79
N ALA E 97 61.77 -1.92 17.65
CA ALA E 97 60.72 -2.81 17.15
C ALA E 97 60.34 -2.37 15.74
N VAL E 98 59.37 -3.06 15.16
CA VAL E 98 58.81 -2.69 13.87
C VAL E 98 57.46 -2.05 14.14
N TYR E 99 57.23 -0.88 13.55
CA TYR E 99 56.04 -0.08 13.79
C TYR E 99 55.10 -0.18 12.59
N TYR E 100 53.83 -0.49 12.87
CA TYR E 100 52.81 -0.65 11.84
C TYR E 100 51.61 0.27 12.07
N CYS E 101 50.99 0.70 10.96
CA CYS E 101 49.81 1.56 10.98
C CYS E 101 48.68 0.83 10.27
N ALA E 102 47.46 0.90 10.80
CA ALA E 102 46.35 0.17 10.18
C ALA E 102 45.07 0.99 10.08
N ARG E 103 44.33 0.81 8.99
CA ARG E 103 43.08 1.54 8.78
C ARG E 103 42.02 1.02 9.74
N ASP E 104 41.50 1.90 10.59
CA ASP E 104 40.56 1.54 11.64
C ASP E 104 39.27 2.36 11.54
N GLY E 105 38.37 2.09 12.49
CA GLY E 105 37.11 2.79 12.61
C GLY E 105 37.35 4.23 13.03
N PRO E 106 36.49 5.15 12.63
CA PRO E 106 36.72 6.55 12.96
C PRO E 106 36.40 6.88 14.41
N GLN E 107 35.50 6.14 15.06
CA GLN E 107 35.21 6.39 16.48
C GLN E 107 35.53 5.09 17.22
N VAL E 108 36.77 4.90 17.70
CA VAL E 108 37.00 3.64 18.44
C VAL E 108 36.66 3.76 19.93
N GLY E 109 37.26 4.73 20.62
CA GLY E 109 37.04 4.87 22.04
C GLY E 109 36.03 5.96 22.32
N ASP E 110 34.98 5.86 21.50
CA ASP E 110 33.90 6.80 21.39
C ASP E 110 33.11 6.72 22.71
N PHE E 111 32.16 7.65 22.88
CA PHE E 111 31.39 7.68 24.11
C PHE E 111 30.75 6.33 24.42
N ASP E 112 29.89 5.81 23.55
CA ASP E 112 29.22 4.54 23.80
C ASP E 112 29.70 3.45 22.84
N TRP E 113 28.76 2.68 22.27
CA TRP E 113 29.00 1.57 21.31
C TRP E 113 29.68 1.89 20.04
N GLN E 114 30.21 0.86 19.42
CA GLN E 114 30.87 0.96 18.13
C GLN E 114 30.34 -0.17 17.26
N VAL E 115 29.03 -0.37 17.32
CA VAL E 115 28.40 -1.44 16.56
C VAL E 115 28.04 -0.89 15.19
N TYR E 116 28.78 0.12 14.77
CA TYR E 116 28.55 0.77 13.47
C TYR E 116 29.66 0.38 12.51
N TYR E 117 30.75 -0.13 13.06
CA TYR E 117 31.90 -0.55 12.29
C TYR E 117 32.65 -1.55 13.16
N TYR E 118 32.40 -2.83 12.93
CA TYR E 118 33.01 -3.87 13.73
C TYR E 118 34.25 -4.43 13.12
N TYR E 119 34.45 -4.15 11.86
CA TYR E 119 35.61 -4.65 11.17
C TYR E 119 36.85 -4.27 11.94
N GLY E 120 37.79 -5.17 12.06
CA GLY E 120 38.99 -4.86 12.81
C GLY E 120 39.91 -4.00 11.96
N MET E 121 41.21 -4.20 12.09
CA MET E 121 42.18 -3.47 11.31
C MET E 121 42.40 -4.28 10.04
N ASP E 122 41.88 -3.78 8.92
CA ASP E 122 41.94 -4.48 7.64
C ASP E 122 43.17 -4.12 6.81
N VAL E 123 43.28 -2.88 6.40
CA VAL E 123 44.39 -2.42 5.58
C VAL E 123 45.52 -2.02 6.51
N TRP E 124 46.76 -2.36 6.14
CA TRP E 124 47.91 -2.04 6.96
C TRP E 124 49.06 -1.57 6.08
N GLY E 125 50.17 -1.26 6.74
CA GLY E 125 51.36 -0.78 6.07
C GLY E 125 52.50 -1.77 6.14
N GLN E 126 53.51 -1.57 5.29
CA GLN E 126 54.66 -2.47 5.27
C GLN E 126 55.43 -2.44 6.58
N GLY E 127 55.39 -1.34 7.31
CA GLY E 127 56.07 -1.20 8.58
C GLY E 127 57.32 -0.35 8.50
N THR E 128 57.75 0.12 9.67
CA THR E 128 58.94 0.95 9.82
C THR E 128 59.78 0.42 10.96
N THR E 129 60.99 -0.05 10.65
CA THR E 129 61.86 -0.58 11.70
C THR E 129 62.53 0.56 12.45
N VAL E 130 62.35 0.60 13.76
CA VAL E 130 62.96 1.63 14.60
C VAL E 130 63.94 0.95 15.53
N THR E 131 65.20 1.40 15.49
CA THR E 131 66.32 0.86 16.25
C THR E 131 66.79 1.87 17.29
N VAL E 132 66.51 1.63 18.56
CA VAL E 132 66.93 2.53 19.64
C VAL E 132 68.17 1.91 20.28
N SER E 133 69.36 2.34 19.81
CA SER E 133 70.61 1.80 20.35
C SER E 133 71.68 2.88 20.43
N SER E 134 72.45 2.84 21.53
CA SER E 134 73.52 3.81 21.76
C SER E 134 74.71 3.58 20.84
N ALA E 135 74.95 2.33 20.44
CA ALA E 135 76.10 1.96 19.63
C ALA E 135 76.21 2.76 18.33
N SER E 136 77.44 2.97 17.89
CA SER E 136 77.80 3.66 16.67
C SER E 136 77.89 2.70 15.49
N THR E 137 77.76 3.26 14.28
CA THR E 137 77.81 2.48 13.05
C THR E 137 79.15 1.77 12.89
N LYS E 138 79.15 0.44 12.94
CA LYS E 138 80.36 -0.36 12.87
C LYS E 138 80.22 -1.50 11.86
N GLY E 139 81.25 -1.66 11.02
CA GLY E 139 81.31 -2.75 10.06
C GLY E 139 81.61 -4.05 10.77
N PRO E 140 81.21 -5.18 10.19
CA PRO E 140 81.44 -6.46 10.86
C PRO E 140 82.87 -6.97 10.73
N SER E 141 83.19 -7.86 11.67
CA SER E 141 84.46 -8.59 11.70
C SER E 141 84.15 -10.02 11.25
N VAL E 142 84.74 -10.42 10.13
CA VAL E 142 84.46 -11.72 9.53
C VAL E 142 85.57 -12.71 9.86
N PHE E 143 85.24 -13.76 10.63
CA PHE E 143 86.16 -14.82 11.03
C PHE E 143 85.71 -16.14 10.39
N PRO E 144 86.64 -16.95 9.88
CA PRO E 144 86.23 -18.20 9.22
C PRO E 144 85.96 -19.35 10.18
N LEU E 145 85.06 -20.24 9.74
CA LEU E 145 84.71 -21.47 10.46
C LEU E 145 85.18 -22.64 9.59
N ALA E 146 86.47 -22.95 9.74
CA ALA E 146 87.16 -23.98 8.95
C ALA E 146 86.68 -25.39 9.31
N PRO E 147 86.51 -26.26 8.31
CA PRO E 147 86.13 -27.65 8.61
C PRO E 147 87.34 -28.44 9.12
N SER E 148 87.15 -29.16 10.23
CA SER E 148 88.23 -29.92 10.85
C SER E 148 87.90 -31.40 10.93
N SER E 149 88.51 -32.12 11.89
CA SER E 149 88.25 -33.54 12.04
C SER E 149 87.08 -33.85 12.96
N LYS E 150 86.69 -32.91 13.81
CA LYS E 150 85.49 -33.05 14.62
C LYS E 150 84.24 -32.57 13.90
N SER E 151 84.39 -31.66 12.92
CA SER E 151 83.30 -31.23 12.07
C SER E 151 83.30 -31.94 10.72
N THR E 152 84.06 -33.04 10.59
CA THR E 152 84.01 -33.92 9.43
C THR E 152 83.65 -35.32 9.92
N SER E 153 82.60 -35.91 9.34
CA SER E 153 82.10 -37.21 9.76
C SER E 153 81.71 -38.02 8.53
N GLY E 154 82.71 -38.41 7.73
CA GLY E 154 82.48 -39.21 6.55
C GLY E 154 82.57 -38.38 5.28
N GLY E 155 81.59 -38.55 4.40
CA GLY E 155 81.52 -37.80 3.15
C GLY E 155 80.66 -36.56 3.23
N THR E 156 80.41 -36.09 4.45
CA THR E 156 79.58 -34.91 4.71
C THR E 156 80.39 -33.96 5.58
N ALA E 157 80.77 -32.81 5.03
CA ALA E 157 81.57 -31.82 5.76
C ALA E 157 80.91 -30.45 5.75
N ALA E 158 80.94 -29.78 6.91
CA ALA E 158 80.34 -28.46 7.09
C ALA E 158 81.42 -27.40 7.33
N LEU E 159 81.17 -26.19 6.82
CA LEU E 159 82.09 -25.07 6.99
C LEU E 159 81.29 -23.77 6.92
N GLY E 160 81.84 -22.68 7.45
CA GLY E 160 81.08 -21.44 7.40
C GLY E 160 81.86 -20.18 7.77
N CYS E 161 81.11 -19.13 8.11
CA CYS E 161 81.65 -17.83 8.47
C CYS E 161 80.94 -17.23 9.68
N LEU E 162 81.70 -16.50 10.50
CA LEU E 162 81.21 -15.76 11.66
C LEU E 162 81.28 -14.25 11.40
N VAL E 163 80.11 -13.63 11.26
CA VAL E 163 79.96 -12.20 11.00
C VAL E 163 79.64 -11.56 12.36
N LYS E 164 80.67 -11.16 13.11
CA LYS E 164 80.52 -10.62 14.45
C LYS E 164 80.72 -9.11 14.61
N ASP E 165 80.08 -8.55 15.66
CA ASP E 165 80.19 -7.14 16.09
C ASP E 165 79.87 -6.03 15.07
N TYR E 166 78.75 -6.14 14.35
CA TYR E 166 78.34 -5.02 13.49
C TYR E 166 77.04 -4.34 13.93
N PHE E 167 76.95 -3.05 13.61
CA PHE E 167 75.81 -2.22 13.96
C PHE E 167 75.70 -1.06 12.96
N PRO E 168 74.48 -0.81 12.32
CA PRO E 168 73.35 -1.69 12.67
C PRO E 168 73.22 -2.85 11.68
N GLU E 169 72.00 -3.31 11.48
CA GLU E 169 71.76 -4.42 10.55
C GLU E 169 70.95 -3.94 9.33
N PRO E 170 70.68 -4.83 8.28
CA PRO E 170 71.21 -6.19 8.42
C PRO E 170 72.39 -6.44 7.47
N VAL E 171 72.91 -7.65 7.49
CA VAL E 171 74.03 -8.02 6.62
C VAL E 171 73.56 -9.01 5.58
N THR E 172 74.41 -9.28 4.59
CA THR E 172 74.09 -10.21 3.53
C THR E 172 75.26 -11.16 3.34
N VAL E 173 74.95 -12.43 3.08
CA VAL E 173 75.99 -13.44 2.90
C VAL E 173 75.84 -14.11 1.58
N SER E 174 76.99 -14.43 1.02
CA SER E 174 76.99 -15.08 -0.29
C SER E 174 78.29 -15.85 -0.48
N TRP E 175 78.18 -17.10 -0.91
CA TRP E 175 79.35 -17.94 -1.14
C TRP E 175 79.74 -17.98 -2.63
N ASN E 176 79.93 -16.81 -3.22
CA ASN E 176 80.31 -16.73 -4.64
C ASN E 176 79.26 -17.25 -5.62
N SER E 177 78.05 -17.46 -5.14
CA SER E 177 76.91 -17.96 -5.96
C SER E 177 76.96 -19.38 -6.56
N GLY E 178 77.92 -20.21 -6.12
CA GLY E 178 78.04 -21.56 -6.62
C GLY E 178 77.37 -22.59 -5.72
N ALA E 179 77.42 -22.33 -4.42
CA ALA E 179 76.80 -23.24 -3.45
C ALA E 179 75.56 -22.65 -2.78
N LEU E 180 75.34 -21.36 -3.00
CA LEU E 180 74.19 -20.66 -2.40
C LEU E 180 72.90 -21.00 -2.94
N THR E 181 72.93 -21.96 -3.85
CA THR E 181 71.72 -22.46 -4.49
C THR E 181 71.22 -23.64 -3.69
N SER E 182 72.12 -24.35 -3.03
CA SER E 182 71.73 -25.51 -2.23
C SER E 182 72.59 -25.74 -0.98
N GLY E 183 71.92 -25.84 0.16
CA GLY E 183 72.58 -26.09 1.44
C GLY E 183 73.10 -25.05 2.27
N VAL E 184 72.67 -23.85 1.91
CA VAL E 184 73.05 -22.63 2.62
C VAL E 184 72.11 -22.48 3.81
N HIS E 185 72.70 -22.21 4.97
CA HIS E 185 71.94 -22.04 6.22
C HIS E 185 72.51 -20.83 6.95
N THR E 186 71.87 -19.68 6.75
CA THR E 186 72.25 -18.42 7.38
C THR E 186 71.36 -18.18 8.59
N PHE E 187 71.97 -18.01 9.77
CA PHE E 187 71.25 -17.78 11.02
C PHE E 187 70.92 -16.31 11.21
N PRO E 188 69.73 -15.99 11.71
CA PRO E 188 69.39 -14.58 11.98
C PRO E 188 70.24 -14.01 13.10
N ALA E 189 70.52 -12.70 12.98
CA ALA E 189 71.32 -11.98 13.97
C ALA E 189 70.77 -12.14 15.39
N VAL E 190 71.69 -12.02 16.36
CA VAL E 190 71.36 -12.04 17.78
C VAL E 190 72.13 -10.89 18.43
N LEU E 191 71.40 -9.95 19.04
CA LEU E 191 72.01 -8.76 19.63
C LEU E 191 72.69 -9.09 20.96
N GLN E 192 73.98 -8.79 21.05
CA GLN E 192 74.78 -9.02 22.26
C GLN E 192 74.70 -7.83 23.21
N SER E 193 75.05 -8.10 24.48
CA SER E 193 75.03 -7.07 25.52
C SER E 193 75.86 -5.84 25.15
N SER E 194 76.81 -5.99 24.22
CA SER E 194 77.61 -4.88 23.75
C SER E 194 76.80 -3.90 22.92
N GLY E 195 75.68 -4.35 22.39
CA GLY E 195 74.84 -3.56 21.51
C GLY E 195 75.21 -3.73 20.06
N LEU E 196 76.03 -4.74 19.76
CA LEU E 196 76.48 -5.07 18.43
C LEU E 196 75.95 -6.46 18.10
N TYR E 197 75.54 -6.64 16.84
CA TYR E 197 74.96 -7.91 16.41
C TYR E 197 76.05 -8.91 16.03
N SER E 198 75.65 -10.17 15.97
CA SER E 198 76.56 -11.25 15.58
C SER E 198 75.73 -12.40 15.03
N LEU E 199 76.21 -12.99 13.94
CA LEU E 199 75.53 -14.14 13.36
C LEU E 199 76.56 -15.03 12.68
N SER E 200 76.16 -16.28 12.44
CA SER E 200 76.98 -17.24 11.72
C SER E 200 76.20 -17.78 10.53
N SER E 201 76.89 -18.02 9.43
CA SER E 201 76.29 -18.58 8.22
C SER E 201 77.12 -19.78 7.79
N VAL E 202 76.47 -20.93 7.59
CA VAL E 202 77.19 -22.16 7.28
C VAL E 202 76.64 -22.86 6.04
N VAL E 203 77.48 -23.72 5.47
CA VAL E 203 77.18 -24.52 4.28
C VAL E 203 77.71 -25.93 4.49
N THR E 204 77.00 -26.90 3.89
CA THR E 204 77.36 -28.32 3.96
C THR E 204 77.64 -28.85 2.56
N VAL E 205 78.85 -29.36 2.36
CA VAL E 205 79.32 -29.89 1.09
C VAL E 205 79.86 -31.30 1.25
N PRO E 206 79.82 -32.13 0.20
CA PRO E 206 80.41 -33.48 0.32
C PRO E 206 81.92 -33.38 0.51
N SER E 207 82.42 -34.11 1.51
CA SER E 207 83.83 -34.07 1.89
C SER E 207 84.79 -34.17 0.71
N SER E 208 84.40 -34.88 -0.35
CA SER E 208 85.28 -35.05 -1.50
C SER E 208 85.67 -33.72 -2.14
N SER E 209 84.73 -32.77 -2.17
CA SER E 209 85.00 -31.49 -2.79
C SER E 209 86.03 -30.66 -2.03
N LEU E 210 86.15 -30.85 -0.70
CA LEU E 210 87.05 -30.05 0.12
C LEU E 210 88.45 -29.80 -0.44
N GLY E 211 89.09 -30.82 -1.01
CA GLY E 211 90.45 -30.66 -1.50
C GLY E 211 90.65 -29.91 -2.80
N THR E 212 89.67 -29.95 -3.69
CA THR E 212 89.79 -29.31 -5.01
C THR E 212 89.05 -27.98 -5.12
N GLN E 213 87.88 -27.85 -4.49
CA GLN E 213 87.09 -26.63 -4.55
C GLN E 213 87.50 -25.64 -3.47
N THR E 214 87.69 -24.38 -3.87
CA THR E 214 88.05 -23.28 -2.96
C THR E 214 86.79 -22.59 -2.47
N TYR E 215 86.81 -22.26 -1.18
CA TYR E 215 85.71 -21.61 -0.52
C TYR E 215 86.10 -20.23 0.02
N ILE E 216 85.54 -19.19 -0.59
CA ILE E 216 85.83 -17.82 -0.15
C ILE E 216 84.52 -17.19 0.33
N CYS E 217 84.60 -16.25 1.27
CA CYS E 217 83.40 -15.63 1.86
C CYS E 217 83.03 -14.21 1.44
N ASN E 218 81.83 -14.05 0.90
CA ASN E 218 81.31 -12.75 0.45
C ASN E 218 80.28 -12.09 1.51
N VAL E 219 80.70 -11.17 2.42
CA VAL E 219 79.89 -10.49 3.43
C VAL E 219 79.69 -9.05 2.98
N ASN E 220 78.44 -8.56 3.05
CA ASN E 220 78.11 -7.19 2.68
C ASN E 220 77.31 -6.51 3.78
N HIS E 221 77.76 -5.31 4.17
CA HIS E 221 77.14 -4.45 5.18
C HIS E 221 77.01 -3.04 4.61
N LYS E 222 75.91 -2.82 3.89
CA LYS E 222 75.61 -1.54 3.24
C LYS E 222 75.70 -0.30 4.13
N PRO E 223 75.20 -0.30 5.38
CA PRO E 223 75.28 0.94 6.19
C PRO E 223 76.69 1.48 6.36
N SER E 224 77.69 0.61 6.47
CA SER E 224 79.07 1.06 6.60
C SER E 224 79.82 0.91 5.29
N ASN E 225 79.12 0.54 4.21
CA ASN E 225 79.70 0.33 2.88
C ASN E 225 80.83 -0.70 2.94
N THR E 226 80.71 -1.67 3.84
CA THR E 226 81.74 -2.68 4.05
C THR E 226 81.47 -3.94 3.25
N LYS E 227 82.46 -4.38 2.48
CA LYS E 227 82.39 -5.65 1.74
C LYS E 227 83.65 -6.43 2.07
N VAL E 228 83.47 -7.65 2.60
CA VAL E 228 84.60 -8.52 2.95
C VAL E 228 84.74 -9.88 2.34
N ASP E 229 85.93 -10.12 1.83
CA ASP E 229 86.24 -11.39 1.22
C ASP E 229 87.32 -12.09 2.01
N LYS E 230 86.88 -13.13 2.72
CA LYS E 230 87.70 -13.95 3.57
C LYS E 230 87.63 -15.40 3.14
N LYS E 231 88.79 -16.02 3.00
CA LYS E 231 88.93 -17.40 2.57
C LYS E 231 88.73 -18.37 3.74
N VAL E 232 87.96 -19.43 3.48
CA VAL E 232 87.72 -20.44 4.50
C VAL E 232 88.44 -21.71 4.07
N GLU E 233 89.65 -21.92 4.60
CA GLU E 233 90.46 -23.08 4.28
C GLU E 233 90.60 -24.00 5.48
N PRO E 234 90.73 -25.32 5.27
CA PRO E 234 90.89 -26.23 6.41
C PRO E 234 92.25 -26.06 7.08
N LYS E 235 92.29 -26.38 8.37
CA LYS E 235 93.51 -26.25 9.16
C LYS E 235 94.03 -27.62 9.57
N SER E 236 95.35 -27.78 9.44
CA SER E 236 96.06 -29.02 9.77
C SER E 236 96.08 -29.28 11.29
N CYS E 237 95.09 -30.03 11.77
CA CYS E 237 94.98 -30.35 13.18
C CYS E 237 94.69 -31.83 13.40
N PHE F 119 -15.43 -9.60 8.61
CA PHE F 119 -15.87 -8.27 8.17
C PHE F 119 -14.62 -7.42 7.85
N LEU F 120 -14.64 -6.96 6.60
CA LEU F 120 -13.59 -6.29 5.84
C LEU F 120 -13.25 -4.89 6.38
N GLN F 121 -12.21 -4.32 5.78
CA GLN F 121 -11.81 -2.94 6.00
C GLN F 121 -12.06 -2.11 4.75
N TYR F 122 -13.25 -1.51 4.71
CA TYR F 122 -13.68 -0.69 3.60
C TYR F 122 -12.96 0.64 3.75
N HIS F 123 -12.58 1.27 2.64
CA HIS F 123 -11.90 2.53 2.85
C HIS F 123 -12.82 3.75 2.69
N PHE F 124 -14.05 3.56 2.24
CA PHE F 124 -15.08 4.60 2.28
C PHE F 124 -16.13 4.22 3.33
N LYS F 125 -16.18 4.91 4.48
CA LYS F 125 -17.08 4.37 5.51
C LYS F 125 -17.95 5.42 6.14
N GLU F 126 -17.36 6.50 6.62
CA GLU F 126 -18.11 7.59 7.23
C GLU F 126 -18.43 8.68 6.23
N LEU F 127 -19.56 9.32 6.48
CA LEU F 127 -20.01 10.48 5.74
C LEU F 127 -20.34 11.57 6.74
N SER F 128 -20.05 11.30 8.02
CA SER F 128 -20.28 12.14 9.18
C SER F 128 -19.02 12.24 10.04
N ASN F 129 -17.86 12.41 9.39
CA ASN F 129 -16.56 12.60 10.07
C ASN F 129 -16.10 14.00 9.65
N TYR F 130 -16.38 14.99 10.50
CA TYR F 130 -16.22 16.40 10.19
C TYR F 130 -14.76 16.84 10.05
N ASN F 131 -13.80 15.91 10.18
CA ASN F 131 -12.39 16.24 10.02
C ASN F 131 -12.06 16.70 8.61
N ILE F 132 -12.71 16.12 7.60
CA ILE F 132 -12.48 16.46 6.20
C ILE F 132 -13.69 17.20 5.61
N ALA F 133 -13.42 18.39 5.11
CA ALA F 133 -14.42 19.29 4.56
C ALA F 133 -15.08 18.72 3.31
N ASN F 134 -16.41 18.84 3.24
CA ASN F 134 -17.19 18.37 2.10
C ASN F 134 -17.05 19.38 0.97
N SER F 135 -16.18 19.09 0.01
CA SER F 135 -15.89 20.02 -1.07
C SER F 135 -16.99 20.03 -2.13
N ILE F 136 -17.56 21.21 -2.38
CA ILE F 136 -18.68 21.39 -3.30
C ILE F 136 -18.15 22.01 -4.58
N ASP F 137 -18.47 21.39 -5.72
CA ASP F 137 -18.05 21.88 -7.03
C ASP F 137 -19.24 22.53 -7.73
N ILE F 138 -19.00 23.72 -8.30
CA ILE F 138 -20.00 24.46 -9.06
C ILE F 138 -19.68 24.30 -10.54
N LEU F 139 -20.69 23.96 -11.33
CA LEU F 139 -20.56 23.73 -12.76
C LEU F 139 -21.59 24.53 -13.55
N GLN F 140 -21.11 25.33 -14.50
CA GLN F 140 -21.93 26.22 -15.32
C GLN F 140 -21.63 25.92 -16.79
N GLU F 141 -21.94 24.68 -17.20
CA GLU F 141 -21.64 24.22 -18.56
C GLU F 141 -22.21 25.12 -19.65
N LYS F 142 -23.50 25.44 -19.57
CA LYS F 142 -24.13 26.27 -20.59
C LYS F 142 -24.58 27.58 -19.95
N GLU F 143 -24.57 28.66 -20.73
CA GLU F 143 -24.96 29.95 -20.19
C GLU F 143 -26.37 29.91 -19.63
N GLY F 144 -26.51 30.26 -18.36
CA GLY F 144 -27.79 30.30 -17.69
C GLY F 144 -28.19 29.03 -16.98
N HIS F 145 -27.29 28.07 -16.84
CA HIS F 145 -27.56 26.83 -16.14
C HIS F 145 -26.52 26.65 -15.04
N LEU F 146 -26.91 25.99 -13.95
CA LEU F 146 -26.00 25.81 -12.82
C LEU F 146 -26.25 24.45 -12.17
N ASP F 147 -25.18 23.83 -11.70
CA ASP F 147 -25.25 22.54 -11.01
C ASP F 147 -24.11 22.44 -10.01
N PHE F 148 -24.28 21.53 -9.05
CA PHE F 148 -23.30 21.36 -7.98
C PHE F 148 -23.12 19.88 -7.66
N VAL F 149 -21.91 19.53 -7.24
CA VAL F 149 -21.58 18.18 -6.82
C VAL F 149 -20.89 18.22 -5.47
N ILE F 150 -21.34 17.40 -4.53
CA ILE F 150 -20.64 17.28 -3.25
C ILE F 150 -19.73 16.08 -3.44
N ILE F 151 -18.48 16.35 -3.83
CA ILE F 151 -17.49 15.35 -4.22
C ILE F 151 -17.43 14.16 -3.26
N PRO F 152 -17.38 14.36 -1.93
CA PRO F 152 -17.44 13.18 -1.03
C PRO F 152 -18.57 12.23 -1.38
N HIS F 153 -19.78 12.78 -1.58
CA HIS F 153 -20.95 11.97 -1.90
C HIS F 153 -20.83 11.31 -3.25
N TYR F 154 -20.32 12.04 -4.25
CA TYR F 154 -20.18 11.47 -5.59
C TYR F 154 -19.24 10.26 -5.55
N THR F 155 -18.10 10.42 -4.91
CA THR F 155 -17.13 9.32 -4.88
C THR F 155 -17.69 8.16 -4.09
N PHE F 156 -18.17 8.43 -2.87
CA PHE F 156 -18.82 7.40 -2.05
C PHE F 156 -19.79 6.53 -2.87
N LEU F 157 -20.82 7.18 -3.42
CA LEU F 157 -21.82 6.50 -4.23
C LEU F 157 -21.19 5.68 -5.36
N ASP F 158 -20.18 6.23 -6.04
CA ASP F 158 -19.59 5.51 -7.16
C ASP F 158 -18.82 4.29 -6.65
N TYR F 159 -18.06 4.46 -5.58
CA TYR F 159 -17.32 3.36 -4.97
C TYR F 159 -18.25 2.18 -4.68
N TYR F 160 -19.42 2.45 -4.11
CA TYR F 160 -20.32 1.33 -3.89
C TYR F 160 -21.01 0.85 -5.16
N LYS F 161 -20.90 1.64 -6.22
CA LYS F 161 -21.43 1.24 -7.52
C LYS F 161 -20.51 0.16 -8.12
N HIS F 162 -19.19 0.33 -7.97
CA HIS F 162 -18.22 -0.63 -8.48
C HIS F 162 -18.22 -1.85 -7.59
N LEU F 163 -18.40 -1.67 -6.28
CA LEU F 163 -18.42 -2.82 -5.40
C LEU F 163 -19.58 -3.74 -5.80
N SER F 164 -20.76 -3.16 -5.99
CA SER F 164 -21.93 -3.96 -6.35
C SER F 164 -21.71 -4.70 -7.68
N TYR F 165 -21.21 -3.99 -8.71
CA TYR F 165 -20.99 -4.68 -9.98
C TYR F 165 -19.92 -5.76 -9.91
N ASN F 166 -18.79 -5.48 -9.26
CA ASN F 166 -17.76 -6.51 -9.15
C ASN F 166 -18.29 -7.72 -8.41
N SER F 167 -19.29 -7.50 -7.55
CA SER F 167 -19.90 -8.58 -6.79
C SER F 167 -20.78 -9.44 -7.69
N ILE F 168 -21.63 -8.82 -8.50
CA ILE F 168 -22.49 -9.65 -9.34
C ILE F 168 -21.74 -10.25 -10.53
N TYR F 169 -20.60 -9.67 -10.93
CA TYR F 169 -19.88 -10.20 -12.09
C TYR F 169 -18.85 -11.27 -11.72
N HIS F 170 -18.46 -11.39 -10.46
CA HIS F 170 -17.45 -12.39 -10.11
C HIS F 170 -17.88 -13.78 -10.60
N LYS F 171 -19.11 -14.20 -10.27
CA LYS F 171 -19.63 -15.50 -10.67
C LYS F 171 -20.56 -15.35 -11.87
N SER F 172 -20.50 -16.32 -12.79
CA SER F 172 -21.33 -16.29 -14.00
C SER F 172 -22.83 -16.36 -13.69
N SER F 173 -23.22 -17.06 -12.62
CA SER F 173 -24.63 -17.21 -12.28
C SER F 173 -25.31 -15.87 -12.01
N THR F 174 -24.55 -14.88 -11.56
CA THR F 174 -25.13 -13.57 -11.25
C THR F 174 -24.94 -12.54 -12.35
N TYR F 175 -24.27 -12.90 -13.45
CA TYR F 175 -24.05 -11.96 -14.56
C TYR F 175 -25.34 -11.27 -14.95
N GLY F 176 -26.37 -12.05 -15.24
CA GLY F 176 -27.64 -11.50 -15.71
C GLY F 176 -28.28 -10.49 -14.80
N LYS F 177 -28.09 -10.60 -13.48
CA LYS F 177 -28.74 -9.67 -12.55
C LYS F 177 -28.28 -8.21 -12.67
N CYS F 178 -27.45 -7.91 -13.68
CA CYS F 178 -26.94 -6.56 -13.90
C CYS F 178 -28.03 -5.48 -13.88
N ILE F 179 -29.04 -5.62 -14.73
CA ILE F 179 -30.06 -4.57 -14.82
C ILE F 179 -30.85 -4.40 -13.53
N ALA F 180 -30.79 -5.36 -12.61
CA ALA F 180 -31.46 -5.12 -11.34
C ALA F 180 -30.61 -4.20 -10.48
N VAL F 181 -29.28 -4.33 -10.61
CA VAL F 181 -28.38 -3.43 -9.92
C VAL F 181 -28.51 -2.05 -10.52
N ASP F 182 -28.59 -1.99 -11.85
CA ASP F 182 -28.81 -0.72 -12.50
C ASP F 182 -30.07 -0.08 -11.97
N ALA F 183 -31.14 -0.88 -11.81
CA ALA F 183 -32.38 -0.32 -11.30
C ALA F 183 -32.16 0.30 -9.94
N PHE F 184 -31.51 -0.45 -9.05
CA PHE F 184 -31.26 0.07 -7.71
C PHE F 184 -30.49 1.37 -7.81
N ILE F 185 -29.28 1.29 -8.38
CA ILE F 185 -28.45 2.48 -8.50
C ILE F 185 -29.24 3.66 -9.04
N LYS F 186 -30.05 3.43 -10.08
CA LYS F 186 -30.81 4.54 -10.64
C LYS F 186 -31.78 5.13 -9.64
N LYS F 187 -32.50 4.29 -8.91
CA LYS F 187 -33.43 4.81 -7.92
C LYS F 187 -32.70 5.57 -6.85
N ILE F 188 -31.51 5.09 -6.47
CA ILE F 188 -30.73 5.80 -5.46
C ILE F 188 -30.34 7.16 -6.01
N ASN F 189 -29.87 7.20 -7.25
CA ASN F 189 -29.52 8.47 -7.85
C ASN F 189 -30.73 9.38 -7.90
N GLU F 190 -31.88 8.86 -8.33
CA GLU F 190 -33.09 9.67 -8.36
C GLU F 190 -33.39 10.29 -7.00
N ALA F 191 -33.14 9.53 -5.93
CA ALA F 191 -33.41 10.06 -4.60
C ALA F 191 -32.42 11.15 -4.25
N TYR F 192 -31.16 10.97 -4.64
CA TYR F 192 -30.19 12.02 -4.37
C TYR F 192 -30.56 13.26 -5.15
N ASP F 193 -31.04 13.09 -6.39
CA ASP F 193 -31.44 14.26 -7.16
C ASP F 193 -32.59 14.98 -6.49
N LYS F 194 -33.48 14.23 -5.83
CA LYS F 194 -34.62 14.86 -5.17
C LYS F 194 -34.14 15.78 -4.05
N VAL F 195 -33.00 15.46 -3.44
CA VAL F 195 -32.50 16.29 -2.37
C VAL F 195 -31.79 17.51 -2.97
N LYS F 196 -31.08 17.34 -4.09
CA LYS F 196 -30.43 18.49 -4.69
C LYS F 196 -31.45 19.52 -5.16
N SER F 197 -32.60 19.04 -5.63
CA SER F 197 -33.62 19.95 -6.10
C SER F 197 -34.26 20.72 -4.96
N LYS F 198 -33.99 20.33 -3.71
CA LYS F 198 -34.56 21.07 -2.61
C LYS F 198 -33.84 22.39 -2.41
N CYS F 199 -32.74 22.60 -3.13
CA CYS F 199 -31.98 23.83 -3.05
C CYS F 199 -32.22 24.70 -4.29
N ASN F 200 -33.10 24.22 -5.19
CA ASN F 200 -33.28 24.90 -6.48
C ASN F 200 -33.60 26.37 -6.33
N ASP F 201 -34.36 26.75 -5.30
CA ASP F 201 -34.71 28.15 -5.13
C ASP F 201 -33.45 29.00 -5.06
N ILE F 202 -32.57 28.69 -4.11
CA ILE F 202 -31.33 29.44 -3.97
C ILE F 202 -30.50 29.30 -5.23
N LYS F 203 -30.53 28.11 -5.84
CA LYS F 203 -29.77 27.88 -7.05
C LYS F 203 -30.26 28.79 -8.17
N ASN F 204 -31.58 28.87 -8.35
CA ASN F 204 -32.06 29.73 -9.41
C ASN F 204 -31.84 31.18 -9.03
N ASP F 205 -31.95 31.50 -7.74
CA ASP F 205 -31.72 32.88 -7.31
C ASP F 205 -30.31 33.30 -7.66
N LEU F 206 -29.35 32.37 -7.58
CA LEU F 206 -27.99 32.69 -7.95
C LEU F 206 -27.83 32.86 -9.46
N ILE F 207 -28.49 32.00 -10.24
CA ILE F 207 -28.37 32.08 -11.70
C ILE F 207 -28.76 33.45 -12.22
N ALA F 208 -29.92 33.94 -11.80
CA ALA F 208 -30.33 35.27 -12.28
C ALA F 208 -29.38 36.35 -11.80
N THR F 209 -28.73 36.11 -10.67
CA THR F 209 -27.79 37.13 -10.19
C THR F 209 -26.62 37.18 -11.14
N ILE F 210 -26.06 36.01 -11.46
CA ILE F 210 -24.94 35.97 -12.39
C ILE F 210 -25.40 36.55 -13.72
N LYS F 211 -26.64 36.26 -14.11
CA LYS F 211 -27.18 36.79 -15.37
C LYS F 211 -27.10 38.30 -15.41
N LYS F 212 -27.52 38.98 -14.33
CA LYS F 212 -27.42 40.44 -14.34
C LYS F 212 -25.97 40.88 -14.26
N LEU F 213 -25.21 40.12 -13.51
CA LEU F 213 -23.83 40.42 -13.26
C LEU F 213 -22.89 40.14 -14.37
N GLU F 214 -23.39 39.61 -15.49
CA GLU F 214 -22.53 39.27 -16.62
C GLU F 214 -22.68 40.23 -17.79
N HIS F 215 -23.75 41.03 -17.79
CA HIS F 215 -24.00 41.99 -18.87
C HIS F 215 -24.08 43.42 -18.32
N PRO F 216 -24.40 44.41 -19.16
CA PRO F 216 -24.45 45.76 -18.59
C PRO F 216 -25.89 46.18 -18.30
N THR F 274 -24.14 50.27 -8.94
CA THR F 274 -24.81 48.99 -8.66
C THR F 274 -23.83 47.84 -8.44
N PHE F 275 -22.72 47.78 -9.18
CA PHE F 275 -21.76 46.66 -9.05
C PHE F 275 -21.52 46.26 -7.61
N LYS F 276 -21.50 47.24 -6.72
CA LYS F 276 -21.35 46.92 -5.31
C LYS F 276 -22.54 46.12 -4.81
N LYS F 277 -23.76 46.60 -5.08
CA LYS F 277 -24.97 45.88 -4.72
C LYS F 277 -25.08 44.55 -5.47
N MET F 278 -24.57 44.51 -6.71
CA MET F 278 -24.60 43.28 -7.50
C MET F 278 -23.69 42.22 -6.89
N MET F 279 -22.48 42.63 -6.50
CA MET F 279 -21.53 41.70 -5.90
C MET F 279 -22.01 41.26 -4.53
N ASP F 280 -22.67 42.15 -3.79
CA ASP F 280 -23.22 41.77 -2.50
C ASP F 280 -24.32 40.74 -2.69
N GLU F 281 -25.06 40.87 -3.80
CA GLU F 281 -26.12 39.92 -4.12
C GLU F 281 -25.51 38.56 -4.43
N TYR F 282 -24.46 38.54 -5.27
CA TYR F 282 -23.79 37.30 -5.61
C TYR F 282 -23.26 36.60 -4.36
N ASN F 283 -22.51 37.33 -3.53
CA ASN F 283 -21.94 36.70 -2.33
C ASN F 283 -23.02 36.12 -1.43
N THR F 284 -24.12 36.86 -1.23
CA THR F 284 -25.18 36.37 -0.36
C THR F 284 -25.84 35.10 -0.92
N LYS F 285 -26.18 35.11 -2.22
CA LYS F 285 -26.84 33.94 -2.80
C LYS F 285 -25.92 32.71 -2.82
N LYS F 286 -24.64 32.90 -3.15
CA LYS F 286 -23.71 31.77 -3.18
C LYS F 286 -23.56 31.15 -1.80
N LYS F 287 -23.43 32.00 -0.78
CA LYS F 287 -23.30 31.48 0.57
C LYS F 287 -24.60 30.79 0.99
N LYS F 288 -25.74 31.31 0.55
CA LYS F 288 -27.00 30.67 0.92
C LYS F 288 -27.12 29.32 0.25
N LEU F 289 -26.46 29.14 -0.90
CA LEU F 289 -26.49 27.87 -1.60
C LEU F 289 -25.72 26.82 -0.80
N ILE F 290 -24.53 27.17 -0.34
CA ILE F 290 -23.75 26.24 0.47
C ILE F 290 -24.50 25.94 1.77
N LYS F 291 -25.07 26.97 2.39
CA LYS F 291 -25.80 26.78 3.63
C LYS F 291 -26.96 25.80 3.40
N CYS F 292 -27.57 25.88 2.21
CA CYS F 292 -28.65 24.96 1.86
C CYS F 292 -28.13 23.54 1.88
N ILE F 293 -26.99 23.30 1.21
CA ILE F 293 -26.46 21.94 1.18
C ILE F 293 -26.19 21.44 2.59
N LYS F 294 -25.75 22.33 3.49
CA LYS F 294 -25.54 21.90 4.87
C LYS F 294 -26.85 21.50 5.54
N ASN F 295 -27.93 22.21 5.22
CA ASN F 295 -29.23 21.91 5.82
C ASN F 295 -29.73 20.51 5.50
N HIS F 296 -29.46 20.02 4.29
CA HIS F 296 -29.91 18.72 3.84
C HIS F 296 -28.86 17.62 3.96
N GLU F 297 -27.84 17.83 4.80
CA GLU F 297 -26.79 16.85 4.97
C GLU F 297 -27.34 15.47 5.37
N ASN F 298 -28.24 15.44 6.35
CA ASN F 298 -28.82 14.18 6.80
C ASN F 298 -29.54 13.43 5.67
N ASP F 299 -30.27 14.15 4.82
CA ASP F 299 -31.00 13.51 3.71
C ASP F 299 -30.03 12.88 2.70
N PHE F 300 -28.98 13.63 2.35
CA PHE F 300 -27.99 13.12 1.41
C PHE F 300 -27.32 11.90 2.01
N ASN F 301 -26.90 12.03 3.28
CA ASN F 301 -26.25 10.93 3.99
C ASN F 301 -27.10 9.67 3.98
N LYS F 302 -28.41 9.77 4.26
CA LYS F 302 -29.20 8.54 4.22
C LYS F 302 -29.15 7.92 2.82
N ILE F 303 -29.34 8.73 1.78
CA ILE F 303 -29.35 8.14 0.44
C ILE F 303 -28.03 7.46 0.14
N CYS F 304 -26.91 8.07 0.54
CA CYS F 304 -25.61 7.45 0.32
C CYS F 304 -25.44 6.19 1.16
N MET F 305 -25.95 6.22 2.40
CA MET F 305 -25.84 5.09 3.30
C MET F 305 -26.57 3.87 2.78
N ASP F 306 -27.80 4.06 2.27
CA ASP F 306 -28.53 2.93 1.72
C ASP F 306 -27.72 2.26 0.61
N MET F 307 -26.97 3.08 -0.14
CA MET F 307 -26.09 2.55 -1.18
C MET F 307 -24.92 1.79 -0.59
N LYS F 308 -24.34 2.29 0.50
CA LYS F 308 -23.26 1.54 1.13
C LYS F 308 -23.78 0.20 1.64
N ASN F 309 -24.87 0.24 2.40
CA ASN F 309 -25.48 -0.97 2.93
C ASN F 309 -25.75 -1.99 1.82
N TYR F 310 -26.15 -1.50 0.64
CA TYR F 310 -26.39 -2.38 -0.50
C TYR F 310 -25.08 -2.97 -1.02
N GLY F 311 -24.15 -2.11 -1.45
CA GLY F 311 -22.89 -2.61 -1.98
C GLY F 311 -22.21 -3.57 -1.03
N THR F 312 -22.13 -3.21 0.25
CA THR F 312 -21.52 -4.07 1.25
C THR F 312 -22.29 -5.39 1.37
N ASN F 313 -23.62 -5.34 1.31
CA ASN F 313 -24.37 -6.59 1.41
C ASN F 313 -24.04 -7.52 0.25
N LEU F 314 -24.00 -6.99 -0.98
CA LEU F 314 -23.66 -7.80 -2.14
C LEU F 314 -22.24 -8.33 -2.04
N PHE F 315 -21.28 -7.43 -1.77
CA PHE F 315 -19.87 -7.76 -1.68
C PHE F 315 -19.60 -8.76 -0.55
N GLU F 316 -20.35 -8.65 0.55
CA GLU F 316 -20.21 -9.59 1.66
C GLU F 316 -20.66 -10.99 1.26
N GLN F 317 -21.62 -11.07 0.35
CA GLN F 317 -22.15 -12.33 -0.16
C GLN F 317 -21.40 -12.82 -1.39
N LEU F 318 -20.17 -12.36 -1.59
CA LEU F 318 -19.34 -12.80 -2.70
C LEU F 318 -18.61 -14.07 -2.31
N SER F 319 -18.80 -15.12 -3.10
CA SER F 319 -18.22 -16.42 -2.83
C SER F 319 -17.55 -16.96 -4.08
N CYS F 320 -16.65 -17.92 -3.88
CA CYS F 320 -15.94 -18.57 -4.97
C CYS F 320 -16.26 -20.06 -4.94
N TYR F 321 -15.93 -20.72 -6.05
CA TYR F 321 -16.14 -22.17 -6.09
C TYR F 321 -15.07 -22.87 -5.29
N ASN F 322 -13.85 -22.33 -5.30
CA ASN F 322 -12.74 -22.81 -4.49
C ASN F 322 -12.10 -21.58 -3.87
N ASN F 323 -12.25 -21.43 -2.56
CA ASN F 323 -11.75 -20.24 -1.85
C ASN F 323 -10.24 -20.06 -1.98
N ASN F 324 -9.49 -21.09 -2.29
CA ASN F 324 -8.06 -20.95 -2.47
C ASN F 324 -7.66 -20.59 -3.90
N PHE F 325 -8.58 -20.66 -4.86
CA PHE F 325 -8.28 -20.34 -6.25
C PHE F 325 -9.46 -19.58 -6.86
N CYS F 326 -9.79 -18.43 -6.27
CA CYS F 326 -10.89 -17.63 -6.78
C CYS F 326 -10.61 -17.06 -8.17
N ASN F 327 -11.61 -17.12 -9.05
CA ASN F 327 -11.50 -16.56 -10.39
C ASN F 327 -11.51 -15.03 -10.34
N THR F 328 -10.96 -14.43 -11.39
CA THR F 328 -10.89 -12.98 -11.52
C THR F 328 -11.65 -12.49 -12.75
N ASN F 329 -12.54 -13.32 -13.29
CA ASN F 329 -13.29 -12.94 -14.49
C ASN F 329 -14.18 -11.73 -14.22
N GLY F 330 -14.73 -11.63 -13.01
CA GLY F 330 -15.54 -10.47 -12.66
C GLY F 330 -14.78 -9.17 -12.75
N ILE F 331 -13.57 -9.16 -12.19
CA ILE F 331 -12.71 -7.98 -12.24
C ILE F 331 -12.38 -7.63 -13.69
N ARG F 332 -12.01 -8.65 -14.47
CA ARG F 332 -11.61 -8.42 -15.87
C ARG F 332 -12.77 -7.82 -16.64
N TYR F 333 -13.93 -8.45 -16.54
CA TYR F 333 -15.12 -8.00 -17.24
C TYR F 333 -15.49 -6.57 -16.83
N HIS F 334 -15.75 -6.35 -15.53
CA HIS F 334 -16.11 -5.03 -15.05
C HIS F 334 -15.17 -3.96 -15.58
N TYR F 335 -13.85 -4.19 -15.49
CA TYR F 335 -12.90 -3.20 -15.99
C TYR F 335 -13.10 -2.95 -17.48
N ASP F 336 -13.12 -4.01 -18.28
CA ASP F 336 -13.28 -3.87 -19.74
C ASP F 336 -14.57 -3.14 -20.12
N GLU F 337 -15.70 -3.54 -19.53
CA GLU F 337 -17.01 -2.99 -19.89
C GLU F 337 -17.38 -1.70 -19.18
N TYR F 338 -16.65 -1.28 -18.15
CA TYR F 338 -17.06 -0.11 -17.39
C TYR F 338 -15.97 0.95 -17.24
N ILE F 339 -14.71 0.56 -17.08
CA ILE F 339 -13.64 1.49 -16.74
C ILE F 339 -12.68 1.72 -17.91
N HIS F 340 -12.30 0.65 -18.62
CA HIS F 340 -11.27 0.74 -19.67
C HIS F 340 -11.53 1.86 -20.67
N LYS F 341 -12.77 1.93 -21.17
CA LYS F 341 -13.13 2.97 -22.14
C LYS F 341 -12.73 4.36 -21.66
N LEU F 342 -13.02 4.67 -20.39
CA LEU F 342 -12.65 5.97 -19.85
C LEU F 342 -11.13 6.17 -19.81
N ILE F 343 -10.37 5.08 -19.67
CA ILE F 343 -8.92 5.22 -19.67
C ILE F 343 -8.46 5.61 -21.06
N LEU F 344 -9.07 5.01 -22.08
CA LEU F 344 -8.66 5.33 -23.45
C LEU F 344 -9.11 6.74 -23.80
N SER F 345 -10.33 7.11 -23.41
CA SER F 345 -10.83 8.45 -23.64
C SER F 345 -9.88 9.49 -23.05
N VAL F 346 -9.41 9.25 -21.83
CA VAL F 346 -8.48 10.16 -21.17
C VAL F 346 -7.14 10.21 -21.91
N LYS F 347 -6.61 9.04 -22.27
CA LYS F 347 -5.33 9.00 -22.99
C LYS F 347 -5.40 9.65 -24.36
N SER F 348 -6.56 9.58 -25.03
CA SER F 348 -6.71 10.21 -26.34
C SER F 348 -6.61 11.73 -26.23
N LYS F 349 -7.12 12.27 -25.13
CA LYS F 349 -7.08 13.71 -24.87
C LYS F 349 -5.74 14.07 -24.24
N ASN F 350 -5.20 15.23 -24.62
CA ASN F 350 -3.98 15.71 -23.99
C ASN F 350 -4.45 16.77 -23.01
N LEU F 351 -4.73 16.33 -21.78
CA LEU F 351 -5.25 17.20 -20.73
C LEU F 351 -4.23 18.26 -20.32
N ASN F 352 -2.95 17.93 -20.37
CA ASN F 352 -1.92 18.91 -20.04
C ASN F 352 -1.87 20.00 -21.08
N LYS F 353 -2.17 19.64 -22.33
CA LYS F 353 -2.25 20.64 -23.39
C LYS F 353 -3.47 21.52 -23.14
N ASP F 354 -4.59 20.91 -22.72
CA ASP F 354 -5.79 21.67 -22.41
C ASP F 354 -5.49 22.72 -21.33
N LEU F 355 -4.66 22.36 -20.35
CA LEU F 355 -4.33 23.31 -19.29
C LEU F 355 -3.34 24.37 -19.77
N SER F 356 -2.43 24.01 -20.67
CA SER F 356 -1.51 25.02 -21.20
C SER F 356 -2.26 26.03 -22.06
N ASP F 357 -3.24 25.55 -22.83
CA ASP F 357 -4.07 26.43 -23.66
C ASP F 357 -4.99 27.27 -22.81
N MET F 358 -5.35 26.78 -21.63
CA MET F 358 -6.20 27.56 -20.74
C MET F 358 -5.39 28.63 -20.04
N THR F 359 -4.17 28.29 -19.61
CA THR F 359 -3.31 29.32 -19.02
C THR F 359 -3.04 30.40 -20.06
N ASN F 360 -2.77 30.01 -21.31
CA ASN F 360 -2.56 30.99 -22.36
C ASN F 360 -3.76 31.93 -22.48
N ILE F 361 -4.97 31.38 -22.42
CA ILE F 361 -6.16 32.22 -22.51
C ILE F 361 -6.27 33.17 -21.31
N LEU F 362 -6.03 32.66 -20.10
CA LEU F 362 -6.11 33.52 -18.91
C LEU F 362 -5.06 34.62 -18.92
N GLN F 363 -3.83 34.30 -19.31
CA GLN F 363 -2.78 35.31 -19.38
C GLN F 363 -3.15 36.37 -20.41
N GLN F 364 -3.74 35.92 -21.52
CA GLN F 364 -4.19 36.85 -22.56
C GLN F 364 -5.24 37.80 -22.01
N SER F 365 -6.26 37.27 -21.34
CA SER F 365 -7.32 38.11 -20.80
C SER F 365 -6.79 39.09 -19.76
N GLU F 366 -5.82 38.66 -18.94
CA GLU F 366 -5.25 39.60 -17.98
C GLU F 366 -4.50 40.71 -18.70
N LEU F 367 -3.72 40.36 -19.73
CA LEU F 367 -2.98 41.37 -20.48
C LEU F 367 -3.93 42.36 -21.17
N LEU F 368 -4.96 41.84 -21.83
CA LEU F 368 -5.95 42.67 -22.53
C LEU F 368 -6.81 43.48 -21.58
N LEU F 369 -7.00 43.02 -20.35
CA LEU F 369 -7.80 43.79 -19.41
C LEU F 369 -6.96 44.88 -18.75
N THR F 370 -5.76 44.51 -18.31
CA THR F 370 -4.86 45.45 -17.67
C THR F 370 -4.58 46.64 -18.58
N ASN F 371 -4.24 46.35 -19.83
CA ASN F 371 -3.96 47.40 -20.80
C ASN F 371 -5.18 48.28 -21.13
N LEU F 372 -6.37 47.74 -20.93
CA LEU F 372 -7.60 48.49 -21.21
C LEU F 372 -8.09 49.28 -20.00
N ASN F 373 -8.06 48.65 -18.83
CA ASN F 373 -8.50 49.29 -17.60
C ASN F 373 -7.57 50.40 -17.11
N LYS F 374 -6.58 50.73 -17.94
CA LYS F 374 -5.62 51.77 -17.60
C LYS F 374 -5.98 53.14 -18.18
N LYS F 375 -6.22 53.20 -19.48
CA LYS F 375 -6.60 54.46 -20.12
C LYS F 375 -8.08 54.92 -20.03
N MET F 376 -9.00 54.15 -19.43
CA MET F 376 -10.38 54.66 -19.39
C MET F 376 -11.31 54.23 -18.24
N GLY F 377 -12.45 54.92 -18.15
CA GLY F 377 -13.49 54.69 -17.16
C GLY F 377 -14.73 54.02 -17.74
N SER F 378 -14.69 52.69 -17.76
CA SER F 378 -15.80 51.90 -18.28
C SER F 378 -16.18 50.83 -17.26
N TYR F 379 -16.53 51.27 -16.07
CA TYR F 379 -16.91 50.37 -14.98
C TYR F 379 -17.80 49.21 -15.44
N ILE F 380 -18.95 49.55 -16.04
CA ILE F 380 -19.89 48.56 -16.51
C ILE F 380 -19.20 47.40 -17.26
N TYR F 381 -18.16 47.73 -18.01
CA TYR F 381 -17.42 46.73 -18.77
C TYR F 381 -16.20 46.22 -18.01
N ILE F 382 -15.45 47.14 -17.41
CA ILE F 382 -14.25 46.78 -16.66
C ILE F 382 -14.59 45.81 -15.53
N ASP F 383 -15.65 46.10 -14.78
CA ASP F 383 -16.04 45.26 -13.65
C ASP F 383 -16.56 43.91 -14.15
N THR F 384 -17.33 43.89 -15.24
CA THR F 384 -17.83 42.59 -15.70
C THR F 384 -16.66 41.72 -16.16
N ILE F 385 -15.68 42.29 -16.86
CA ILE F 385 -14.52 41.52 -17.30
C ILE F 385 -13.72 41.02 -16.10
N LYS F 386 -13.44 41.90 -15.13
CA LYS F 386 -12.72 41.47 -13.93
C LYS F 386 -13.43 40.31 -13.24
N PHE F 387 -14.76 40.35 -13.22
CA PHE F 387 -15.53 39.30 -12.56
C PHE F 387 -15.41 37.98 -13.31
N ILE F 388 -15.67 38.00 -14.63
CA ILE F 388 -15.60 36.76 -15.39
C ILE F 388 -14.19 36.17 -15.33
N HIS F 389 -13.15 37.00 -15.42
CA HIS F 389 -11.79 36.46 -15.34
C HIS F 389 -11.54 35.81 -13.98
N LYS F 390 -12.04 36.42 -12.91
CA LYS F 390 -11.91 35.82 -11.57
C LYS F 390 -12.53 34.42 -11.55
N GLU F 391 -13.79 34.34 -11.96
CA GLU F 391 -14.52 33.06 -12.06
C GLU F 391 -13.73 32.06 -12.89
N MET F 392 -13.19 32.51 -14.02
CA MET F 392 -12.46 31.61 -14.90
C MET F 392 -11.19 31.09 -14.25
N LYS F 393 -10.52 31.88 -13.41
CA LYS F 393 -9.33 31.35 -12.77
C LYS F 393 -9.73 30.34 -11.71
N HIS F 394 -10.90 30.51 -11.09
CA HIS F 394 -11.36 29.54 -10.10
C HIS F 394 -11.69 28.22 -10.78
N ILE F 395 -12.41 28.29 -11.91
CA ILE F 395 -12.77 27.09 -12.65
C ILE F 395 -11.50 26.40 -13.15
N PHE F 396 -10.54 27.19 -13.65
CA PHE F 396 -9.28 26.62 -14.09
C PHE F 396 -8.63 25.84 -12.96
N ASN F 397 -8.51 26.45 -11.78
CA ASN F 397 -7.92 25.76 -10.64
C ASN F 397 -8.57 24.41 -10.40
N ARG F 398 -9.91 24.36 -10.50
CA ARG F 398 -10.58 23.07 -10.32
C ARG F 398 -10.21 22.09 -11.42
N ILE F 399 -10.14 22.56 -12.67
CA ILE F 399 -9.74 21.69 -13.78
C ILE F 399 -8.34 21.13 -13.55
N GLU F 400 -7.39 21.99 -13.17
CA GLU F 400 -6.04 21.53 -12.90
C GLU F 400 -6.00 20.48 -11.81
N TYR F 401 -6.81 20.69 -10.76
CA TYR F 401 -6.87 19.75 -9.64
C TYR F 401 -7.33 18.37 -10.12
N HIS F 402 -8.47 18.33 -10.80
CA HIS F 402 -8.97 17.05 -11.28
C HIS F 402 -8.02 16.42 -12.29
N THR F 403 -7.60 17.17 -13.33
CA THR F 403 -6.68 16.60 -14.31
C THR F 403 -5.48 15.94 -13.62
N LYS F 404 -4.94 16.60 -12.59
CA LYS F 404 -3.83 16.03 -11.83
C LYS F 404 -4.23 14.65 -11.28
N ILE F 405 -5.43 14.59 -10.66
CA ILE F 405 -5.88 13.32 -10.12
C ILE F 405 -6.03 12.28 -11.22
N ILE F 406 -6.71 12.65 -12.31
CA ILE F 406 -6.93 11.76 -13.45
C ILE F 406 -5.63 11.17 -13.96
N ASN F 407 -4.59 11.99 -14.01
CA ASN F 407 -3.28 11.53 -14.48
C ASN F 407 -2.66 10.49 -13.55
N ASP F 408 -2.78 10.73 -12.24
CA ASP F 408 -2.23 9.82 -11.25
C ASP F 408 -2.97 8.49 -11.26
N LYS F 409 -4.30 8.56 -11.38
CA LYS F 409 -5.12 7.36 -11.41
C LYS F 409 -4.88 6.55 -12.67
N THR F 410 -4.86 7.25 -13.82
CA THR F 410 -4.64 6.60 -15.10
C THR F 410 -3.46 5.63 -15.04
N LYS F 411 -2.36 6.07 -14.45
CA LYS F 411 -1.17 5.25 -14.31
C LYS F 411 -1.35 4.19 -13.24
N ILE F 412 -2.00 4.57 -12.14
CA ILE F 412 -2.25 3.66 -11.04
C ILE F 412 -3.19 2.54 -11.44
N ILE F 413 -4.29 2.91 -12.09
CA ILE F 413 -5.29 1.93 -12.55
C ILE F 413 -4.70 0.99 -13.59
N GLN F 414 -4.14 1.56 -14.65
CA GLN F 414 -3.59 0.73 -15.73
C GLN F 414 -2.54 -0.23 -15.18
N ASP F 415 -1.70 0.22 -14.25
CA ASP F 415 -0.64 -0.62 -13.73
C ASP F 415 -1.14 -1.65 -12.73
N LYS F 416 -2.27 -1.41 -12.07
CA LYS F 416 -2.78 -2.36 -11.09
C LYS F 416 -3.64 -3.45 -11.72
N ILE F 417 -4.53 -3.08 -12.65
CA ILE F 417 -5.43 -4.04 -13.28
C ILE F 417 -4.63 -5.20 -13.91
N LYS F 418 -3.46 -4.89 -14.46
CA LYS F 418 -2.60 -5.90 -15.06
C LYS F 418 -2.31 -7.08 -14.13
N LEU F 419 -2.27 -6.87 -12.81
CA LEU F 419 -1.89 -7.93 -11.88
C LEU F 419 -3.07 -8.66 -11.25
N ASN F 420 -4.29 -8.15 -11.41
CA ASN F 420 -5.48 -8.77 -10.83
C ASN F 420 -6.37 -9.43 -11.88
N ILE F 421 -5.89 -9.55 -13.11
CA ILE F 421 -6.73 -9.91 -14.24
C ILE F 421 -6.63 -11.37 -14.67
N TRP F 422 -5.45 -11.90 -14.94
CA TRP F 422 -5.34 -13.24 -15.50
C TRP F 422 -4.87 -14.31 -14.52
N ARG F 423 -5.39 -14.33 -13.30
CA ARG F 423 -4.92 -15.29 -12.32
C ARG F 423 -6.03 -15.61 -11.34
N THR F 424 -5.66 -16.24 -10.24
CA THR F 424 -6.57 -16.60 -9.17
C THR F 424 -6.01 -16.06 -7.86
N PHE F 425 -6.88 -15.79 -6.90
CA PHE F 425 -6.47 -15.29 -5.60
C PHE F 425 -7.18 -16.05 -4.49
N GLN F 426 -6.64 -15.95 -3.30
CA GLN F 426 -7.35 -16.49 -2.15
C GLN F 426 -8.49 -15.52 -1.87
N LYS F 427 -9.59 -16.03 -1.33
CA LYS F 427 -10.77 -15.20 -1.08
C LYS F 427 -10.42 -13.85 -0.44
N ASP F 428 -9.64 -13.89 0.65
CA ASP F 428 -9.24 -12.67 1.35
C ASP F 428 -8.46 -11.73 0.44
N GLU F 429 -7.54 -12.28 -0.37
CA GLU F 429 -6.73 -11.46 -1.25
C GLU F 429 -7.59 -10.91 -2.39
N LEU F 430 -8.53 -11.73 -2.86
CA LEU F 430 -9.42 -11.32 -3.94
C LEU F 430 -10.26 -10.12 -3.50
N LEU F 431 -10.77 -10.15 -2.26
CA LEU F 431 -11.58 -9.03 -1.78
C LEU F 431 -10.71 -7.81 -1.53
N LYS F 432 -9.47 -7.99 -1.07
CA LYS F 432 -8.59 -6.84 -0.90
C LYS F 432 -8.39 -6.16 -2.24
N ARG F 433 -8.19 -6.98 -3.28
CA ARG F 433 -7.96 -6.51 -4.64
C ARG F 433 -9.16 -5.75 -5.18
N ILE F 434 -10.36 -6.31 -4.99
CA ILE F 434 -11.58 -5.67 -5.48
C ILE F 434 -11.82 -4.34 -4.76
N LEU F 435 -11.63 -4.31 -3.45
CA LEU F 435 -11.82 -3.05 -2.73
C LEU F 435 -10.88 -1.99 -3.29
N ASP F 436 -9.58 -2.29 -3.29
CA ASP F 436 -8.59 -1.34 -3.80
C ASP F 436 -8.97 -0.82 -5.18
N MET F 437 -9.27 -1.72 -6.11
CA MET F 437 -9.62 -1.31 -7.46
C MET F 437 -10.85 -0.41 -7.47
N SER F 438 -11.87 -0.76 -6.69
CA SER F 438 -13.09 0.04 -6.64
C SER F 438 -12.82 1.45 -6.13
N ASN F 439 -11.95 1.57 -5.13
CA ASN F 439 -11.60 2.88 -4.60
C ASN F 439 -10.85 3.71 -5.63
N GLU F 440 -9.89 3.09 -6.34
CA GLU F 440 -9.18 3.80 -7.37
C GLU F 440 -10.19 4.31 -8.40
N TYR F 441 -10.94 3.38 -9.01
CA TYR F 441 -11.93 3.76 -10.00
C TYR F 441 -12.74 4.96 -9.52
N SER F 442 -13.33 4.85 -8.32
CA SER F 442 -14.18 5.91 -7.77
C SER F 442 -13.50 7.27 -7.82
N LEU F 443 -12.25 7.37 -7.38
CA LEU F 443 -11.58 8.67 -7.44
C LEU F 443 -11.38 9.11 -8.88
N PHE F 444 -11.02 8.17 -9.75
CA PHE F 444 -10.80 8.47 -11.17
C PHE F 444 -12.06 8.99 -11.84
N ILE F 445 -13.15 8.23 -11.75
CA ILE F 445 -14.44 8.62 -12.33
C ILE F 445 -14.85 9.98 -11.80
N THR F 446 -14.81 10.15 -10.47
CA THR F 446 -15.23 11.42 -9.89
C THR F 446 -14.51 12.58 -10.57
N SER F 447 -13.17 12.62 -10.46
CA SER F 447 -12.48 13.78 -11.00
C SER F 447 -12.53 13.85 -12.53
N ASP F 448 -12.75 12.74 -13.22
CA ASP F 448 -12.91 12.81 -14.67
C ASP F 448 -14.21 13.55 -15.02
N HIS F 449 -15.32 13.05 -14.47
CA HIS F 449 -16.65 13.63 -14.64
C HIS F 449 -16.62 15.14 -14.39
N LEU F 450 -16.00 15.51 -13.27
CA LEU F 450 -15.90 16.92 -12.95
C LEU F 450 -15.00 17.64 -13.94
N ARG F 451 -13.90 16.99 -14.35
CA ARG F 451 -13.00 17.63 -15.30
C ARG F 451 -13.72 18.04 -16.57
N GLN F 452 -14.45 17.11 -17.21
CA GLN F 452 -15.15 17.47 -18.43
C GLN F 452 -16.16 18.58 -18.17
N MET F 453 -16.91 18.47 -17.09
CA MET F 453 -17.93 19.47 -16.78
C MET F 453 -17.32 20.87 -16.63
N LEU F 454 -16.22 20.98 -15.89
CA LEU F 454 -15.58 22.28 -15.71
C LEU F 454 -14.91 22.75 -17.00
N TYR F 455 -14.48 21.84 -17.86
CA TYR F 455 -13.89 22.26 -19.13
C TYR F 455 -14.96 23.00 -19.93
N ASN F 456 -16.17 22.43 -19.95
CA ASN F 456 -17.28 23.07 -20.65
C ASN F 456 -17.61 24.42 -20.03
N THR F 457 -17.51 24.55 -18.70
CA THR F 457 -17.83 25.86 -18.13
C THR F 457 -16.72 26.88 -18.40
N PHE F 458 -15.46 26.44 -18.43
CA PHE F 458 -14.38 27.37 -18.70
C PHE F 458 -14.53 27.97 -20.09
N TYR F 459 -14.86 27.13 -21.08
CA TYR F 459 -14.97 27.73 -22.40
C TYR F 459 -16.31 28.43 -22.58
N SER F 460 -17.29 28.13 -21.72
CA SER F 460 -18.55 28.84 -21.78
C SER F 460 -18.35 30.28 -21.30
N LYS F 461 -17.53 30.46 -20.25
CA LYS F 461 -17.27 31.80 -19.75
C LYS F 461 -16.28 32.52 -20.67
N GLU F 462 -15.45 31.76 -21.36
CA GLU F 462 -14.51 32.36 -22.30
C GLU F 462 -15.29 32.97 -23.46
N LYS F 463 -16.36 32.31 -23.92
CA LYS F 463 -17.19 32.88 -24.98
C LYS F 463 -17.75 34.24 -24.56
N HIS F 464 -18.09 34.38 -23.27
CA HIS F 464 -18.62 35.65 -22.80
C HIS F 464 -17.52 36.70 -22.74
N LEU F 465 -16.27 36.29 -22.50
CA LEU F 465 -15.21 37.28 -22.53
C LEU F 465 -14.98 37.76 -23.95
N ASN F 466 -14.95 36.83 -24.91
CA ASN F 466 -14.80 37.22 -26.31
C ASN F 466 -15.88 38.19 -26.75
N ASN F 467 -17.12 37.96 -26.32
CA ASN F 467 -18.21 38.86 -26.70
C ASN F 467 -18.05 40.25 -26.07
N ILE F 468 -17.78 40.31 -24.76
CA ILE F 468 -17.64 41.62 -24.13
C ILE F 468 -16.43 42.38 -24.67
N PHE F 469 -15.32 41.69 -24.88
CA PHE F 469 -14.14 42.34 -25.44
C PHE F 469 -14.40 42.84 -26.86
N HIS F 470 -15.15 42.09 -27.66
CA HIS F 470 -15.47 42.56 -29.01
C HIS F 470 -16.43 43.75 -28.99
N HIS F 471 -17.39 43.74 -28.05
CA HIS F 471 -18.37 44.80 -27.89
C HIS F 471 -17.79 46.12 -27.37
N LEU F 472 -16.53 46.12 -26.96
CA LEU F 472 -15.76 47.25 -26.42
C LEU F 472 -15.18 48.04 -27.59
N ILE F 473 -15.99 48.33 -28.62
CA ILE F 473 -15.57 49.04 -29.82
C ILE F 473 -15.86 50.55 -29.85
N TYR F 474 -14.84 51.32 -30.27
CA TYR F 474 -14.87 52.78 -30.44
C TYR F 474 -14.06 53.07 -31.69
N TYR G 5 -3.63 37.56 4.96
CA TYR G 5 -4.91 38.23 5.04
C TYR G 5 -5.03 39.01 6.35
N GLU G 6 -5.47 40.25 6.25
CA GLU G 6 -5.64 41.13 7.39
C GLU G 6 -7.07 41.55 7.58
N LEU G 7 -7.59 41.40 8.80
CA LEU G 7 -8.97 41.78 9.09
C LEU G 7 -9.03 43.09 9.88
N THR G 8 -9.02 44.23 9.21
CA THR G 8 -9.06 45.52 9.91
C THR G 8 -10.07 45.52 11.06
N GLN G 9 -9.89 46.37 12.08
CA GLN G 9 -10.86 46.44 13.17
C GLN G 9 -10.51 47.57 14.12
N PRO G 10 -11.49 48.24 14.75
CA PRO G 10 -11.04 49.32 15.62
C PRO G 10 -10.62 48.79 16.99
N PRO G 11 -9.51 49.31 17.52
CA PRO G 11 -9.02 48.88 18.84
C PRO G 11 -10.03 48.89 19.98
N SER G 12 -10.81 49.96 20.13
CA SER G 12 -11.81 50.02 21.20
C SER G 12 -13.13 50.57 20.68
N VAL G 13 -14.19 50.21 21.41
CA VAL G 13 -15.57 50.63 21.14
C VAL G 13 -16.18 50.96 22.53
N SER G 14 -16.58 52.21 22.78
CA SER G 14 -17.18 52.60 24.07
C SER G 14 -18.65 52.94 23.88
N VAL G 15 -19.47 52.50 24.83
CA VAL G 15 -20.90 52.71 24.65
C VAL G 15 -21.74 52.92 25.89
N ALA G 16 -22.90 53.54 25.67
CA ALA G 16 -23.89 53.80 26.69
C ALA G 16 -24.75 52.55 26.92
N PRO G 17 -24.85 52.15 28.26
CA PRO G 17 -25.67 50.93 28.49
C PRO G 17 -27.08 51.10 27.98
N GLY G 18 -27.55 50.11 27.24
CA GLY G 18 -28.85 50.12 26.64
C GLY G 18 -28.87 50.52 25.18
N GLN G 19 -27.77 51.11 24.68
CA GLN G 19 -27.66 51.49 23.28
C GLN G 19 -26.98 50.36 22.52
N THR G 20 -26.67 50.55 21.24
CA THR G 20 -26.12 49.48 20.41
C THR G 20 -24.68 49.74 20.00
N ALA G 21 -23.84 48.72 20.17
CA ALA G 21 -22.42 48.76 19.81
C ALA G 21 -22.21 48.13 18.44
N THR G 22 -21.44 48.81 17.59
CA THR G 22 -21.17 48.30 16.24
C THR G 22 -19.67 48.08 16.10
N ILE G 23 -19.27 46.82 15.84
CA ILE G 23 -17.88 46.45 15.65
C ILE G 23 -17.67 46.01 14.21
N THR G 24 -16.81 46.73 13.50
CA THR G 24 -16.51 46.49 12.10
C THR G 24 -15.30 45.58 11.90
N CYS G 25 -15.37 44.76 10.86
CA CYS G 25 -14.32 43.86 10.37
C CYS G 25 -14.15 44.06 8.88
N GLY G 26 -13.11 44.81 8.55
CA GLY G 26 -12.78 45.08 7.18
C GLY G 26 -11.77 44.08 6.67
N GLY G 27 -11.70 43.95 5.36
CA GLY G 27 -10.77 43.02 4.75
C GLY G 27 -10.99 43.04 3.26
N LYS G 28 -9.93 42.67 2.55
CA LYS G 28 -9.97 42.67 1.09
C LYS G 28 -10.98 41.62 0.63
N ASN G 29 -11.97 42.06 -0.13
CA ASN G 29 -13.05 41.21 -0.64
C ASN G 29 -13.63 40.34 0.48
N ILE G 30 -13.97 40.98 1.60
CA ILE G 30 -14.50 40.22 2.73
C ILE G 30 -15.95 39.82 2.49
N GLY G 31 -16.69 40.58 1.69
CA GLY G 31 -18.06 40.21 1.38
C GLY G 31 -18.20 38.75 1.02
N SER G 32 -17.18 38.18 0.38
CA SER G 32 -17.17 36.79 -0.05
C SER G 32 -16.83 35.80 1.05
N LYS G 33 -16.22 36.22 2.16
CA LYS G 33 -15.83 35.30 3.23
C LYS G 33 -16.88 35.23 4.33
N SER G 34 -17.20 34.02 4.78
CA SER G 34 -18.13 33.82 5.90
C SER G 34 -17.38 34.08 7.20
N VAL G 35 -17.70 35.21 7.86
CA VAL G 35 -17.03 35.72 9.06
C VAL G 35 -17.67 35.25 10.36
N HIS G 36 -16.83 34.83 11.31
CA HIS G 36 -17.20 34.42 12.66
C HIS G 36 -16.79 35.50 13.66
N TRP G 37 -17.48 35.53 14.80
CA TRP G 37 -17.25 36.50 15.87
C TRP G 37 -17.22 35.80 17.22
N TYR G 38 -16.20 36.10 18.03
CA TYR G 38 -15.98 35.52 19.34
C TYR G 38 -15.98 36.57 20.43
N GLN G 39 -16.50 36.20 21.59
CA GLN G 39 -16.50 37.01 22.81
C GLN G 39 -15.45 36.47 23.76
N GLN G 40 -14.59 37.35 24.28
CA GLN G 40 -13.59 36.93 25.25
C GLN G 40 -13.57 37.91 26.41
N LYS G 41 -14.14 37.49 27.54
CA LYS G 41 -14.19 38.24 28.79
C LYS G 41 -12.82 38.17 29.47
N PRO G 42 -12.43 39.20 30.23
CA PRO G 42 -11.13 39.19 30.89
C PRO G 42 -10.81 37.88 31.61
N GLY G 43 -9.58 37.41 31.38
CA GLY G 43 -9.04 36.19 31.96
C GLY G 43 -9.81 34.94 31.60
N GLN G 44 -10.68 35.02 30.61
CA GLN G 44 -11.50 33.91 30.16
C GLN G 44 -11.09 33.48 28.76
N ALA G 45 -11.65 32.34 28.32
CA ALA G 45 -11.49 31.71 27.02
C ALA G 45 -12.50 32.30 26.03
N PRO G 46 -12.19 32.36 24.74
CA PRO G 46 -13.15 32.92 23.79
C PRO G 46 -14.36 32.02 23.62
N VAL G 47 -15.48 32.64 23.24
CA VAL G 47 -16.75 31.97 23.05
C VAL G 47 -17.40 32.42 21.74
N LEU G 48 -17.75 31.48 20.89
CA LEU G 48 -18.44 31.80 19.65
C LEU G 48 -19.80 32.42 19.92
N VAL G 49 -19.96 33.67 19.49
CA VAL G 49 -21.21 34.37 19.68
C VAL G 49 -22.01 34.41 18.37
N VAL G 50 -21.30 34.58 17.27
CA VAL G 50 -21.88 34.57 15.93
C VAL G 50 -20.89 33.70 15.18
N TYR G 51 -21.37 32.64 14.52
CA TYR G 51 -20.48 31.73 13.81
C TYR G 51 -20.48 31.87 12.30
N ASP G 52 -21.65 32.10 11.72
CA ASP G 52 -21.76 32.26 10.28
C ASP G 52 -22.11 33.75 10.00
N ASP G 53 -21.95 34.23 8.75
CA ASP G 53 -22.26 35.61 8.40
C ASP G 53 -23.40 36.15 9.25
N SER G 54 -24.49 35.40 9.38
CA SER G 54 -25.59 35.87 10.22
C SER G 54 -26.16 34.84 11.20
N ASP G 55 -25.45 33.73 11.39
CA ASP G 55 -25.89 32.69 12.32
C ASP G 55 -25.31 32.88 13.72
N ARG G 56 -26.18 32.82 14.73
CA ARG G 56 -25.75 32.98 16.13
C ARG G 56 -25.92 31.51 16.85
N PRO G 57 -24.91 30.91 17.53
CA PRO G 57 -25.07 29.62 18.21
C PRO G 57 -26.10 29.62 19.33
N SER G 58 -26.43 28.40 19.72
CA SER G 58 -27.39 28.09 20.79
C SER G 58 -26.98 28.73 22.11
N GLY G 59 -27.88 29.55 22.66
CA GLY G 59 -27.66 30.25 23.90
C GLY G 59 -27.08 31.63 23.75
N ILE G 60 -26.85 32.08 22.52
CA ILE G 60 -26.40 33.44 22.27
C ILE G 60 -27.66 34.28 22.11
N PRO G 61 -27.81 35.36 22.86
CA PRO G 61 -29.06 36.14 22.81
C PRO G 61 -29.25 36.94 21.53
N GLU G 62 -30.52 37.07 21.13
CA GLU G 62 -30.93 37.82 19.93
C GLU G 62 -30.28 39.19 19.86
N ARG G 63 -29.80 39.70 21.00
CA ARG G 63 -29.14 40.99 21.05
C ARG G 63 -27.93 41.01 20.13
N PHE G 64 -27.19 39.91 20.06
CA PHE G 64 -26.04 39.76 19.17
C PHE G 64 -26.47 39.54 17.72
N SER G 65 -26.28 40.55 16.88
CA SER G 65 -26.59 40.53 15.45
C SER G 65 -25.28 40.53 14.66
N GLY G 66 -25.33 39.98 13.45
CA GLY G 66 -24.16 39.89 12.59
C GLY G 66 -24.39 40.08 11.10
N SER G 67 -23.48 40.74 10.40
CA SER G 67 -23.66 40.93 8.95
C SER G 67 -22.30 40.97 8.28
N ASN G 68 -22.32 40.83 6.94
CA ASN G 68 -21.13 40.90 6.07
C ASN G 68 -21.53 41.57 4.76
N SER G 69 -21.71 42.89 4.80
CA SER G 69 -22.10 43.64 3.60
C SER G 69 -21.00 44.56 3.08
N GLY G 70 -20.69 44.42 1.81
CA GLY G 70 -19.72 45.28 1.17
C GLY G 70 -18.33 44.74 1.25
N ASN G 71 -17.41 45.62 1.64
CA ASN G 71 -16.12 45.27 2.20
C ASN G 71 -16.13 45.33 3.72
N THR G 72 -17.28 45.06 4.36
CA THR G 72 -17.24 45.12 5.82
C THR G 72 -18.25 44.19 6.48
N ALA G 73 -17.80 43.48 7.50
CA ALA G 73 -18.66 42.62 8.30
C ALA G 73 -18.92 43.39 9.59
N THR G 74 -20.17 43.44 10.03
CA THR G 74 -20.52 44.21 11.21
C THR G 74 -21.22 43.40 12.28
N LEU G 75 -20.57 43.27 13.44
CA LEU G 75 -21.17 42.63 14.60
C LEU G 75 -21.85 43.74 15.41
N THR G 76 -23.18 43.75 15.44
CA THR G 76 -23.95 44.73 16.18
C THR G 76 -24.52 44.09 17.43
N ILE G 77 -24.29 44.69 18.58
CA ILE G 77 -24.82 44.16 19.83
C ILE G 77 -25.80 45.20 20.37
N SER G 78 -27.09 44.85 20.30
CA SER G 78 -28.23 45.68 20.68
C SER G 78 -28.51 45.60 22.18
N ARG G 79 -29.02 46.70 22.72
CA ARG G 79 -29.39 46.82 24.13
C ARG G 79 -28.29 46.27 25.03
N VAL G 80 -27.11 46.87 24.86
CA VAL G 80 -25.87 46.49 25.53
C VAL G 80 -25.98 46.45 27.04
N GLU G 81 -25.64 45.30 27.62
CA GLU G 81 -25.59 45.11 29.07
C GLU G 81 -24.14 45.29 29.54
N ALA G 82 -23.98 45.42 30.86
CA ALA G 82 -22.63 45.54 31.40
C ALA G 82 -21.80 44.29 31.15
N GLY G 83 -22.46 43.12 31.09
CA GLY G 83 -21.79 41.87 30.83
C GLY G 83 -21.17 41.78 29.46
N ASP G 84 -21.50 42.70 28.56
CA ASP G 84 -20.95 42.71 27.22
C ASP G 84 -19.55 43.30 27.16
N GLU G 85 -19.05 43.86 28.26
CA GLU G 85 -17.69 44.39 28.32
C GLU G 85 -16.68 43.28 28.10
N ALA G 86 -16.03 43.25 26.94
CA ALA G 86 -15.10 42.16 26.64
C ALA G 86 -14.35 42.50 25.37
N ASP G 87 -13.40 41.67 25.00
CA ASP G 87 -12.76 41.81 23.69
C ASP G 87 -13.51 40.92 22.72
N TYR G 88 -13.82 41.45 21.53
CA TYR G 88 -14.51 40.71 20.49
C TYR G 88 -13.61 40.58 19.27
N TYR G 89 -13.49 39.36 18.76
CA TYR G 89 -12.67 39.07 17.59
C TYR G 89 -13.50 38.57 16.42
N CYS G 90 -13.10 38.96 15.21
CA CYS G 90 -13.69 38.38 14.00
C CYS G 90 -12.69 37.37 13.46
N GLN G 91 -13.19 36.41 12.68
CA GLN G 91 -12.36 35.30 12.24
C GLN G 91 -12.88 34.75 10.91
N VAL G 92 -12.01 34.68 9.91
CA VAL G 92 -12.36 34.12 8.60
C VAL G 92 -11.49 32.92 8.31
N TRP G 93 -11.74 32.26 7.18
CA TRP G 93 -10.94 31.17 6.67
C TRP G 93 -10.47 31.62 5.29
N ASP G 94 -9.20 31.38 4.99
CA ASP G 94 -8.65 31.77 3.70
C ASP G 94 -8.50 30.52 2.82
N SER G 95 -9.30 30.48 1.75
CA SER G 95 -9.28 29.33 0.84
C SER G 95 -7.92 29.15 0.17
N SER G 96 -7.16 30.24 0.02
CA SER G 96 -5.84 30.14 -0.57
C SER G 96 -4.88 29.33 0.32
N SER G 97 -4.68 29.79 1.54
CA SER G 97 -3.71 29.22 2.46
C SER G 97 -4.27 28.14 3.39
N ASP G 98 -5.59 27.95 3.44
CA ASP G 98 -6.23 27.03 4.37
C ASP G 98 -5.95 27.47 5.82
N HIS G 99 -5.74 28.77 6.00
CA HIS G 99 -5.44 29.34 7.31
C HIS G 99 -6.67 30.01 7.90
N ARG G 100 -6.91 29.77 9.19
CA ARG G 100 -7.93 30.53 9.89
C ARG G 100 -7.28 31.83 10.32
N VAL G 101 -7.95 32.96 10.06
CA VAL G 101 -7.39 34.27 10.36
C VAL G 101 -8.27 34.99 11.37
N PHE G 102 -7.64 35.48 12.44
CA PHE G 102 -8.33 36.26 13.46
C PHE G 102 -8.08 37.75 13.22
N GLY G 103 -9.03 38.57 13.66
CA GLY G 103 -8.90 40.00 13.56
C GLY G 103 -8.00 40.58 14.65
N GLY G 104 -7.83 41.90 14.59
CA GLY G 104 -7.08 42.58 15.62
C GLY G 104 -7.76 42.55 16.97
N GLY G 105 -9.09 42.45 16.98
CA GLY G 105 -9.88 42.45 18.19
C GLY G 105 -10.26 43.85 18.62
N THR G 106 -11.40 43.96 19.28
CA THR G 106 -11.91 45.24 19.75
C THR G 106 -12.35 45.13 21.20
N LYS G 107 -11.91 46.07 22.02
CA LYS G 107 -12.35 46.10 23.40
C LYS G 107 -13.70 46.82 23.45
N LEU G 108 -14.72 46.13 23.93
CA LEU G 108 -16.03 46.73 24.14
C LEU G 108 -16.07 47.14 25.58
N THR G 109 -16.36 48.42 25.81
CA THR G 109 -16.41 49.03 27.13
C THR G 109 -17.80 49.59 27.38
N VAL G 110 -18.43 49.14 28.45
CA VAL G 110 -19.75 49.65 28.78
C VAL G 110 -19.50 50.94 29.54
N LEU G 111 -20.00 52.05 29.02
CA LEU G 111 -19.76 53.36 29.64
C LEU G 111 -20.73 53.71 30.75
N GLY G 112 -21.21 52.77 31.54
CA GLY G 112 -22.14 53.25 32.54
C GLY G 112 -21.67 53.22 33.99
N GLN G 113 -20.90 54.23 34.40
CA GLN G 113 -20.44 54.28 35.77
C GLN G 113 -20.27 55.73 36.16
N PRO G 114 -20.29 56.06 37.44
CA PRO G 114 -20.12 57.46 37.84
C PRO G 114 -18.70 57.83 38.25
N LYS G 115 -18.40 59.14 38.29
CA LYS G 115 -17.07 59.59 38.69
C LYS G 115 -16.74 59.05 40.08
N ALA G 116 -15.63 58.35 40.22
CA ALA G 116 -15.26 57.87 41.55
C ALA G 116 -13.85 58.35 41.88
N ALA G 117 -13.75 59.16 42.92
CA ALA G 117 -12.46 59.69 43.35
C ALA G 117 -11.65 58.58 44.03
N PRO G 118 -10.34 58.53 43.81
CA PRO G 118 -9.55 57.45 44.41
C PRO G 118 -9.49 57.57 45.92
N SER G 119 -9.36 56.41 46.56
CA SER G 119 -9.14 56.27 48.00
C SER G 119 -7.68 55.86 48.13
N VAL G 120 -6.88 56.71 48.78
CA VAL G 120 -5.45 56.47 48.90
C VAL G 120 -5.11 56.08 50.33
N THR G 121 -4.33 55.01 50.48
CA THR G 121 -3.87 54.52 51.76
C THR G 121 -2.36 54.28 51.62
N LEU G 122 -1.57 55.12 52.27
CA LEU G 122 -0.11 55.03 52.19
C LEU G 122 0.48 54.44 53.47
N PHE G 123 1.30 53.41 53.29
CA PHE G 123 1.97 52.67 54.34
C PHE G 123 3.48 52.93 54.34
N PRO G 124 4.05 53.19 55.52
CA PRO G 124 5.50 53.40 55.64
C PRO G 124 6.22 52.07 55.78
N PRO G 125 7.55 52.05 55.70
CA PRO G 125 8.28 50.78 55.90
C PRO G 125 8.08 50.23 57.29
N SER G 126 8.06 48.89 57.38
CA SER G 126 7.85 48.20 58.64
C SER G 126 9.14 47.99 59.43
N SER G 127 8.96 47.56 60.69
CA SER G 127 10.09 47.27 61.56
C SER G 127 10.93 46.13 61.00
N GLU G 128 10.27 45.08 60.52
CA GLU G 128 10.96 43.93 59.94
C GLU G 128 11.84 44.33 58.75
N GLU G 129 11.29 45.19 57.87
CA GLU G 129 12.02 45.62 56.70
C GLU G 129 13.23 46.47 57.07
N LEU G 130 13.05 47.42 58.00
CA LEU G 130 14.20 48.22 58.41
C LEU G 130 15.22 47.36 59.13
N GLN G 131 14.77 46.28 59.78
CA GLN G 131 15.70 45.36 60.41
C GLN G 131 16.48 44.59 59.34
N ALA G 132 15.91 44.47 58.14
CA ALA G 132 16.58 43.82 57.02
C ALA G 132 17.32 44.84 56.14
N ASN G 133 17.52 46.05 56.65
CA ASN G 133 18.22 47.15 55.98
C ASN G 133 17.58 47.55 54.64
N LYS G 134 16.25 47.64 54.63
CA LYS G 134 15.50 48.03 53.45
C LYS G 134 14.31 48.88 53.88
N ALA G 135 13.75 49.62 52.92
CA ALA G 135 12.60 50.49 53.22
C ALA G 135 11.73 50.59 51.98
N THR G 136 10.48 50.16 52.09
CA THR G 136 9.54 50.21 50.97
C THR G 136 8.25 50.90 51.42
N LEU G 137 7.86 51.95 50.70
CA LEU G 137 6.64 52.70 50.95
C LEU G 137 5.58 52.20 49.98
N VAL G 138 4.41 51.83 50.51
CA VAL G 138 3.34 51.24 49.72
C VAL G 138 2.15 52.18 49.63
N CYS G 139 1.82 52.61 48.41
CA CYS G 139 0.67 53.47 48.15
C CYS G 139 -0.41 52.63 47.49
N LEU G 140 -1.59 52.55 48.13
CA LEU G 140 -2.70 51.75 47.63
C LEU G 140 -3.85 52.68 47.23
N ILE G 141 -4.08 52.77 45.92
CA ILE G 141 -5.09 53.61 45.31
C ILE G 141 -6.26 52.72 44.86
N SER G 142 -7.44 52.89 45.46
CA SER G 142 -8.55 52.02 45.12
C SER G 142 -9.84 52.79 44.89
N ASP G 143 -10.82 52.09 44.33
CA ASP G 143 -12.18 52.59 44.06
C ASP G 143 -12.24 53.90 43.27
N PHE G 144 -11.46 54.00 42.21
CA PHE G 144 -11.46 55.19 41.37
C PHE G 144 -12.00 54.87 39.97
N TYR G 145 -12.57 55.89 39.34
CA TYR G 145 -13.08 55.75 37.99
C TYR G 145 -13.07 57.16 37.36
N PRO G 146 -12.68 57.27 36.10
CA PRO G 146 -12.29 56.10 35.29
C PRO G 146 -11.02 55.36 35.77
N GLY G 147 -10.49 54.52 34.89
CA GLY G 147 -9.30 53.74 35.17
C GLY G 147 -7.94 54.39 35.06
N ALA G 148 -7.82 55.71 35.15
CA ALA G 148 -6.49 56.33 35.06
C ALA G 148 -6.14 57.25 36.22
N VAL G 149 -5.07 56.93 36.96
CA VAL G 149 -4.66 57.78 38.05
C VAL G 149 -3.16 58.08 37.93
N THR G 150 -2.78 59.34 38.08
CA THR G 150 -1.38 59.76 37.97
C THR G 150 -0.72 59.70 39.35
N VAL G 151 0.33 58.92 39.49
CA VAL G 151 1.04 58.81 40.77
C VAL G 151 2.37 59.55 40.71
N ALA G 152 2.56 60.49 41.64
CA ALA G 152 3.78 61.26 41.78
C ALA G 152 4.19 61.22 43.25
N TRP G 153 5.44 60.84 43.52
CA TRP G 153 5.91 60.79 44.89
C TRP G 153 6.68 62.06 45.23
N LYS G 154 6.71 62.36 46.54
CA LYS G 154 7.42 63.54 47.02
C LYS G 154 8.20 63.20 48.28
N ALA G 155 9.31 63.91 48.45
CA ALA G 155 10.17 63.82 49.62
C ALA G 155 10.38 65.27 50.08
N ASP G 156 9.66 65.68 51.13
CA ASP G 156 9.69 67.06 51.60
C ASP G 156 9.35 68.03 50.47
N SER G 157 8.30 67.68 49.71
CA SER G 157 7.81 68.42 48.55
C SER G 157 8.75 68.33 47.34
N SER G 158 9.86 67.58 47.43
CA SER G 158 10.76 67.41 46.29
C SER G 158 10.38 66.15 45.53
N PRO G 159 10.14 66.22 44.22
CA PRO G 159 9.68 65.03 43.49
C PRO G 159 10.70 63.89 43.48
N VAL G 160 10.19 62.67 43.62
CA VAL G 160 11.00 61.46 43.62
C VAL G 160 10.61 60.61 42.41
N LYS G 161 11.59 60.30 41.57
CA LYS G 161 11.39 59.50 40.36
C LYS G 161 12.10 58.16 40.40
N ALA G 162 13.33 58.12 40.92
CA ALA G 162 14.12 56.89 41.03
C ALA G 162 13.59 55.96 42.12
N GLY G 163 13.07 54.81 41.69
CA GLY G 163 12.52 53.83 42.60
C GLY G 163 11.02 53.77 42.70
N VAL G 164 10.30 54.17 41.66
CA VAL G 164 8.84 54.15 41.63
C VAL G 164 8.44 53.01 40.71
N GLU G 165 7.73 52.04 41.27
CA GLU G 165 7.09 50.96 40.52
C GLU G 165 5.58 51.08 40.70
N THR G 166 4.87 51.48 39.64
CA THR G 166 3.43 51.74 39.73
C THR G 166 2.66 50.93 38.69
N THR G 167 1.72 50.14 39.19
CA THR G 167 0.84 49.28 38.41
C THR G 167 -0.10 50.11 37.55
N THR G 168 -0.77 49.43 36.65
CA THR G 168 -1.77 49.96 35.75
C THR G 168 -3.11 49.62 36.35
N PRO G 169 -4.04 50.57 36.46
CA PRO G 169 -5.30 50.27 37.16
C PRO G 169 -6.07 49.11 36.57
N SER G 170 -6.35 48.14 37.45
CA SER G 170 -7.13 46.94 37.17
C SER G 170 -8.56 47.14 37.68
N LYS G 171 -9.54 46.87 36.83
CA LYS G 171 -10.92 47.07 37.27
C LYS G 171 -11.23 46.08 38.40
N GLN G 172 -11.91 46.57 39.43
CA GLN G 172 -12.22 45.78 40.62
C GLN G 172 -13.53 45.00 40.48
N SER G 173 -13.86 44.28 41.57
CA SER G 173 -15.12 43.54 41.65
C SER G 173 -16.31 44.49 41.47
N ASN G 174 -16.30 45.61 42.19
CA ASN G 174 -17.37 46.60 42.12
C ASN G 174 -17.31 47.47 40.87
N ASN G 175 -16.45 47.15 39.90
CA ASN G 175 -16.23 47.84 38.63
C ASN G 175 -15.36 49.09 38.76
N LYS G 176 -14.99 49.52 39.96
CA LYS G 176 -14.08 50.65 40.08
C LYS G 176 -12.66 50.12 39.89
N TYR G 177 -11.69 51.03 39.73
CA TYR G 177 -10.33 50.62 39.46
C TYR G 177 -9.42 50.69 40.68
N ALA G 178 -8.34 49.90 40.64
CA ALA G 178 -7.34 49.83 41.69
C ALA G 178 -5.93 49.81 41.13
N ALA G 179 -5.05 50.66 41.66
CA ALA G 179 -3.63 50.71 41.32
C ALA G 179 -2.80 50.72 42.59
N SER G 180 -1.59 50.16 42.49
CA SER G 180 -0.66 50.07 43.61
C SER G 180 0.71 50.58 43.19
N SER G 181 1.20 51.62 43.87
CA SER G 181 2.53 52.17 43.58
C SER G 181 3.48 51.96 44.76
N TYR G 182 4.73 51.64 44.45
CA TYR G 182 5.75 51.30 45.44
C TYR G 182 6.97 52.19 45.27
N LEU G 183 7.47 52.74 46.39
CA LEU G 183 8.68 53.56 46.40
C LEU G 183 9.72 52.88 47.27
N SER G 184 10.85 52.51 46.68
CA SER G 184 11.92 51.85 47.41
C SER G 184 13.02 52.82 47.81
N LEU G 185 13.35 52.81 49.10
CA LEU G 185 14.39 53.65 49.68
C LEU G 185 15.26 52.82 50.62
N THR G 186 16.42 53.39 50.94
CA THR G 186 17.29 52.80 51.95
C THR G 186 16.89 53.37 53.30
N PRO G 187 17.04 52.63 54.40
CA PRO G 187 16.65 53.21 55.70
C PRO G 187 17.25 54.60 55.92
N GLU G 188 18.47 54.81 55.39
CA GLU G 188 19.14 56.10 55.50
C GLU G 188 18.34 57.18 54.79
N GLN G 189 17.97 56.94 53.52
CA GLN G 189 17.19 57.91 52.76
C GLN G 189 15.86 58.18 53.44
N TRP G 190 15.24 57.14 53.98
CA TRP G 190 13.96 57.26 54.66
C TRP G 190 14.05 58.21 55.85
N LYS G 191 15.05 58.01 56.71
CA LYS G 191 15.22 58.86 57.88
C LYS G 191 15.84 60.22 57.57
N SER G 192 16.44 60.40 56.40
CA SER G 192 17.06 61.67 56.01
C SER G 192 16.06 62.75 55.60
N HIS G 193 14.75 62.50 55.66
CA HIS G 193 13.76 63.50 55.28
C HIS G 193 12.67 63.64 56.33
N ARG G 194 12.03 64.81 56.33
CA ARG G 194 10.95 65.09 57.25
C ARG G 194 9.70 64.27 56.92
N SER G 195 9.35 64.18 55.65
CA SER G 195 8.15 63.44 55.26
C SER G 195 8.23 63.06 53.79
N TYR G 196 7.49 62.01 53.46
CA TYR G 196 7.34 61.52 52.09
C TYR G 196 5.85 61.54 51.78
N SER G 197 5.49 61.86 50.54
CA SER G 197 4.09 61.91 50.18
C SER G 197 3.82 61.12 48.91
N CYS G 198 2.58 60.65 48.80
CA CYS G 198 2.05 59.97 47.62
C CYS G 198 0.91 60.85 47.14
N GLN G 199 1.09 61.44 45.94
CA GLN G 199 0.12 62.33 45.31
C GLN G 199 -0.48 61.62 44.10
N VAL G 200 -1.79 61.43 44.14
CA VAL G 200 -2.55 60.71 43.14
C VAL G 200 -3.52 61.69 42.49
N THR G 201 -3.35 61.96 41.20
CA THR G 201 -4.19 62.90 40.46
C THR G 201 -5.15 62.15 39.55
N HIS G 202 -6.44 62.44 39.72
CA HIS G 202 -7.51 61.76 39.01
C HIS G 202 -8.51 62.81 38.56
N GLU G 203 -8.77 62.86 37.25
CA GLU G 203 -9.70 63.81 36.64
C GLU G 203 -9.45 65.21 37.18
N GLY G 204 -8.19 65.63 37.12
CA GLY G 204 -7.75 66.94 37.58
C GLY G 204 -8.05 67.23 39.04
N SER G 205 -8.07 66.20 39.87
CA SER G 205 -8.29 66.33 41.32
C SER G 205 -7.23 65.50 42.02
N THR G 206 -6.35 66.16 42.79
CA THR G 206 -5.24 65.49 43.44
C THR G 206 -5.56 65.08 44.88
N VAL G 207 -5.42 63.79 45.14
CA VAL G 207 -5.63 63.15 46.43
C VAL G 207 -4.23 62.95 47.02
N GLU G 208 -4.02 63.38 48.25
CA GLU G 208 -2.69 63.31 48.85
C GLU G 208 -2.69 62.54 50.16
N LYS G 209 -1.59 61.82 50.39
CA LYS G 209 -1.36 61.14 51.65
C LYS G 209 0.13 61.27 51.97
N THR G 210 0.44 61.57 53.22
CA THR G 210 1.84 61.73 53.62
C THR G 210 2.17 60.85 54.82
N VAL G 211 3.43 60.39 54.84
CA VAL G 211 3.95 59.49 55.84
C VAL G 211 5.32 60.01 56.29
N ALA G 212 5.57 59.95 57.60
CA ALA G 212 6.78 60.50 58.21
C ALA G 212 7.56 59.45 58.99
N PRO G 213 8.91 59.52 58.98
CA PRO G 213 9.71 58.55 59.74
C PRO G 213 9.62 58.83 61.23
N THR G 214 8.58 58.30 61.87
CA THR G 214 8.28 58.61 63.25
C THR G 214 8.08 57.33 64.06
N GLU H 4 -22.71 17.26 27.28
CA GLU H 4 -22.25 18.54 26.75
C GLU H 4 -20.77 18.49 26.37
N VAL H 5 -20.39 19.28 25.38
CA VAL H 5 -19.01 19.34 24.92
C VAL H 5 -18.15 20.12 25.90
N GLN H 6 -16.99 19.56 26.26
CA GLN H 6 -16.08 20.21 27.18
C GLN H 6 -14.63 19.90 26.83
N LEU H 7 -13.82 20.95 26.75
CA LEU H 7 -12.39 20.87 26.47
C LEU H 7 -11.62 21.32 27.71
N VAL H 8 -11.06 20.37 28.45
CA VAL H 8 -10.34 20.64 29.69
C VAL H 8 -8.84 20.52 29.42
N GLN H 9 -8.11 21.62 29.57
CA GLN H 9 -6.69 21.65 29.24
C GLN H 9 -5.83 21.39 30.47
N SER H 10 -4.52 21.33 30.24
CA SER H 10 -3.56 21.15 31.32
C SER H 10 -3.31 22.49 32.03
N GLY H 11 -2.68 22.40 33.21
CA GLY H 11 -2.37 23.57 34.00
C GLY H 11 -1.22 24.41 33.47
N SER H 12 -1.13 25.63 34.02
CA SER H 12 -0.08 26.57 33.68
C SER H 12 1.29 25.95 33.86
N ASP H 13 2.25 26.40 33.05
CA ASP H 13 3.59 25.85 33.08
C ASP H 13 4.62 26.96 32.97
N LEU H 14 5.77 26.76 33.63
CA LEU H 14 6.91 27.66 33.52
C LEU H 14 8.12 26.83 33.10
N LYS H 15 8.80 27.25 32.02
CA LYS H 15 9.98 26.51 31.57
C LYS H 15 11.06 27.52 31.22
N LYS H 16 12.31 27.05 31.26
CA LYS H 16 13.41 27.94 30.91
C LYS H 16 13.63 27.90 29.40
N PRO H 17 14.09 28.98 28.78
CA PRO H 17 14.28 28.96 27.32
C PRO H 17 15.17 27.81 26.89
N GLY H 18 14.70 27.09 25.86
CA GLY H 18 15.35 25.90 25.35
C GLY H 18 14.61 24.62 25.68
N ALA H 19 13.84 24.63 26.78
CA ALA H 19 13.09 23.46 27.21
C ALA H 19 11.90 23.20 26.29
N SER H 20 11.16 22.13 26.59
CA SER H 20 9.99 21.72 25.81
C SER H 20 8.77 21.54 26.73
N VAL H 21 7.59 21.87 26.20
CA VAL H 21 6.33 21.73 26.89
C VAL H 21 5.42 20.82 26.08
N LYS H 22 4.40 20.27 26.76
CA LYS H 22 3.37 19.46 26.11
C LYS H 22 2.03 19.76 26.77
N VAL H 23 1.23 20.59 26.11
CA VAL H 23 -0.08 21.00 26.60
C VAL H 23 -1.12 19.96 26.19
N SER H 24 -1.88 19.47 27.16
CA SER H 24 -2.90 18.46 26.87
C SER H 24 -4.27 19.11 26.76
N CYS H 25 -5.18 18.41 26.09
CA CYS H 25 -6.56 18.87 25.86
C CYS H 25 -7.48 17.66 25.91
N LYS H 26 -8.14 17.42 27.04
CA LYS H 26 -9.05 16.29 27.12
C LYS H 26 -10.45 16.75 26.71
N ALA H 27 -11.00 16.08 25.71
CA ALA H 27 -12.31 16.36 25.12
C ALA H 27 -13.36 15.38 25.64
N SER H 28 -14.55 15.89 25.91
CA SER H 28 -15.61 15.05 26.44
C SER H 28 -16.95 15.55 25.90
N GLY H 29 -17.91 14.62 25.81
CA GLY H 29 -19.25 14.91 25.39
C GLY H 29 -19.48 14.86 23.89
N TYR H 30 -18.46 14.47 23.12
CA TYR H 30 -18.59 14.37 21.67
C TYR H 30 -17.64 13.30 21.16
N THR H 31 -17.93 12.81 19.95
CA THR H 31 -17.08 11.82 19.29
C THR H 31 -15.78 12.48 18.86
N PHE H 32 -14.77 12.38 19.72
CA PHE H 32 -13.46 13.00 19.56
C PHE H 32 -12.89 12.93 18.14
N THR H 33 -12.92 11.75 17.52
CA THR H 33 -12.30 11.57 16.20
C THR H 33 -13.16 12.10 15.07
N SER H 34 -14.42 12.41 15.34
CA SER H 34 -15.37 12.94 14.37
C SER H 34 -15.26 14.44 14.17
N TYR H 35 -14.42 15.16 14.93
CA TYR H 35 -14.30 16.60 14.82
C TYR H 35 -12.83 17.03 14.87
N ALA H 36 -12.46 17.92 13.95
CA ALA H 36 -11.12 18.52 13.88
C ALA H 36 -10.79 19.37 15.10
N MET H 37 -9.54 19.29 15.56
CA MET H 37 -9.12 20.10 16.71
C MET H 37 -8.11 21.15 16.29
N ASN H 38 -8.34 22.40 16.69
CA ASN H 38 -7.49 23.54 16.38
C ASN H 38 -6.73 24.01 17.62
N TRP H 39 -5.63 24.72 17.38
CA TRP H 39 -4.79 25.28 18.41
C TRP H 39 -4.59 26.76 18.08
N VAL H 40 -4.94 27.65 19.01
CA VAL H 40 -4.79 29.10 18.86
C VAL H 40 -3.98 29.62 20.03
N ARG H 41 -3.05 30.54 19.76
CA ARG H 41 -2.20 31.12 20.79
C ARG H 41 -2.56 32.58 21.03
N GLN H 42 -2.11 33.12 22.17
CA GLN H 42 -2.40 34.50 22.53
C GLN H 42 -1.35 35.02 23.50
N ALA H 43 -0.59 36.03 23.06
CA ALA H 43 0.43 36.63 23.91
C ALA H 43 -0.28 37.63 24.82
N PRO H 44 -0.02 37.53 26.12
CA PRO H 44 -0.68 38.44 27.06
C PRO H 44 -0.54 39.91 26.64
N GLY H 45 -1.62 40.51 26.14
CA GLY H 45 -1.62 41.88 25.70
C GLY H 45 -1.77 41.91 24.19
N GLN H 46 -2.25 40.79 23.63
CA GLN H 46 -2.44 40.71 22.17
C GLN H 46 -3.70 39.98 21.72
N GLY H 47 -3.70 39.52 20.46
CA GLY H 47 -4.81 38.82 19.87
C GLY H 47 -4.73 37.39 19.77
N LEU H 48 -5.78 36.87 19.20
CA LEU H 48 -5.72 35.43 19.10
C LEU H 48 -4.97 35.08 17.83
N GLU H 49 -4.01 34.18 17.98
CA GLU H 49 -3.12 33.73 16.92
C GLU H 49 -3.43 32.28 16.64
N TRP H 50 -3.90 31.98 15.42
CA TRP H 50 -4.14 30.60 15.05
C TRP H 50 -2.82 29.87 14.79
N VAL H 51 -2.62 28.77 15.52
CA VAL H 51 -1.41 27.98 15.44
C VAL H 51 -1.56 26.88 14.40
N GLY H 52 -2.73 26.26 14.35
CA GLY H 52 -2.94 25.21 13.37
C GLY H 52 -4.11 24.32 13.77
N TRP H 53 -4.27 23.25 12.99
CA TRP H 53 -5.34 22.30 13.27
C TRP H 53 -4.82 20.90 12.99
N ILE H 54 -5.53 19.91 13.53
CA ILE H 54 -5.15 18.52 13.38
C ILE H 54 -6.41 17.69 13.13
N ASN H 55 -6.30 16.75 12.20
CA ASN H 55 -7.35 15.79 11.89
C ASN H 55 -7.31 14.73 12.98
N THR H 56 -8.38 14.62 13.75
CA THR H 56 -8.41 13.70 14.87
C THR H 56 -8.59 12.24 14.48
N ASN H 57 -8.73 11.93 13.19
CA ASN H 57 -8.82 10.54 12.74
C ASN H 57 -7.51 10.05 12.13
N THR H 58 -6.85 10.90 11.36
CA THR H 58 -5.59 10.56 10.72
C THR H 58 -4.38 11.04 11.50
N GLY H 59 -4.54 12.04 12.35
CA GLY H 59 -3.43 12.61 13.08
C GLY H 59 -2.57 13.55 12.27
N ASN H 60 -3.00 13.90 11.07
CA ASN H 60 -2.24 14.80 10.20
C ASN H 60 -2.37 16.25 10.65
N PRO H 61 -1.27 16.90 11.02
CA PRO H 61 -1.35 18.29 11.45
C PRO H 61 -1.13 19.27 10.30
N THR H 62 -1.67 20.47 10.49
CA THR H 62 -1.54 21.57 9.55
C THR H 62 -1.17 22.81 10.37
N TYR H 63 0.02 23.34 10.15
CA TYR H 63 0.48 24.49 10.91
C TYR H 63 0.53 25.78 10.10
N ALA H 64 0.30 26.88 10.80
CA ALA H 64 0.32 28.21 10.21
C ALA H 64 1.75 28.60 9.84
N GLN H 65 1.85 29.66 9.03
CA GLN H 65 3.13 30.15 8.56
C GLN H 65 4.09 30.41 9.73
N GLY H 66 5.30 29.88 9.63
CA GLY H 66 6.31 30.06 10.66
C GLY H 66 5.94 29.48 12.00
N PHE H 67 4.98 28.56 11.99
CA PHE H 67 4.52 27.91 13.22
C PHE H 67 4.91 26.43 13.22
N THR H 68 5.69 26.03 12.22
CA THR H 68 6.14 24.65 12.10
C THR H 68 7.56 24.48 12.62
N GLY H 69 7.96 23.23 12.81
CA GLY H 69 9.30 22.92 13.30
C GLY H 69 9.34 22.68 14.80
N ARG H 70 9.13 23.75 15.57
CA ARG H 70 9.15 23.66 17.02
C ARG H 70 7.80 23.25 17.59
N PHE H 71 6.76 23.28 16.75
CA PHE H 71 5.41 22.91 17.19
C PHE H 71 5.02 21.55 16.63
N VAL H 72 4.44 20.69 17.46
CA VAL H 72 4.02 19.37 17.00
C VAL H 72 2.71 18.95 17.65
N PHE H 73 1.71 18.70 16.80
CA PHE H 73 0.39 18.28 17.27
C PHE H 73 0.35 16.77 17.35
N SER H 74 -0.18 16.26 18.46
CA SER H 74 -0.27 14.82 18.66
C SER H 74 -1.63 14.45 19.24
N LEU H 75 -1.98 13.17 19.14
CA LEU H 75 -3.27 12.71 19.65
C LEU H 75 -3.07 11.47 20.49
N ASP H 76 -4.04 11.24 21.38
CA ASP H 76 -4.18 10.04 22.18
C ASP H 76 -5.68 9.78 22.14
N THR H 77 -6.12 9.29 20.97
CA THR H 77 -7.52 9.03 20.67
C THR H 77 -8.16 8.08 21.68
N SER H 78 -7.37 7.25 22.36
CA SER H 78 -7.90 6.33 23.36
C SER H 78 -8.48 7.06 24.55
N VAL H 79 -7.84 8.15 24.98
CA VAL H 79 -8.33 8.92 26.11
C VAL H 79 -8.90 10.26 25.63
N SER H 80 -9.27 10.33 24.34
CA SER H 80 -9.84 11.52 23.73
C SER H 80 -9.05 12.77 24.08
N THR H 81 -7.73 12.73 23.87
CA THR H 81 -6.91 13.86 24.27
C THR H 81 -6.02 14.32 23.12
N ALA H 82 -6.01 15.63 22.87
CA ALA H 82 -5.19 16.28 21.86
C ALA H 82 -4.04 17.02 22.52
N TYR H 83 -2.83 16.87 22.00
CA TYR H 83 -1.65 17.52 22.59
C TYR H 83 -0.97 18.48 21.62
N LEU H 84 -0.29 19.46 22.22
CA LEU H 84 0.49 20.47 21.52
C LEU H 84 1.87 20.57 22.22
N GLN H 85 2.91 20.10 21.54
CA GLN H 85 4.27 20.08 22.05
C GLN H 85 5.10 21.20 21.43
N ILE H 86 5.66 22.06 22.27
CA ILE H 86 6.54 23.15 21.84
C ILE H 86 7.94 22.85 22.35
N SER H 87 8.89 22.66 21.44
CA SER H 87 10.27 22.38 21.80
C SER H 87 11.13 23.61 21.52
N SER H 88 12.30 23.64 22.16
CA SER H 88 13.27 24.73 22.02
C SER H 88 12.60 26.08 22.30
N LEU H 89 11.87 26.11 23.42
CA LEU H 89 11.11 27.28 23.85
C LEU H 89 11.92 28.57 23.92
N LYS H 90 11.26 29.66 23.55
CA LYS H 90 11.80 31.01 23.58
C LYS H 90 10.80 31.88 24.33
N ALA H 91 11.26 33.04 24.81
CA ALA H 91 10.38 33.98 25.52
C ALA H 91 9.15 34.39 24.72
N GLU H 92 9.26 34.53 23.40
CA GLU H 92 8.09 34.90 22.61
C GLU H 92 6.96 33.89 22.75
N ASP H 93 7.30 32.64 23.06
CA ASP H 93 6.30 31.57 23.23
C ASP H 93 5.49 31.70 24.51
N THR H 94 5.84 32.62 25.40
CA THR H 94 5.06 32.88 26.61
C THR H 94 3.68 33.40 26.23
N ALA H 95 2.66 32.56 26.39
CA ALA H 95 1.32 32.91 25.93
C ALA H 95 0.32 31.89 26.44
N VAL H 96 -0.95 32.24 26.31
CA VAL H 96 -2.08 31.35 26.61
C VAL H 96 -2.45 30.60 25.34
N TYR H 97 -2.37 29.27 25.40
CA TYR H 97 -2.64 28.40 24.26
C TYR H 97 -3.97 27.68 24.48
N TYR H 98 -4.89 27.82 23.52
CA TYR H 98 -6.21 27.22 23.55
C TYR H 98 -6.32 26.09 22.54
N CYS H 99 -7.18 25.12 22.84
CA CYS H 99 -7.54 24.04 21.93
C CYS H 99 -9.03 24.19 21.65
N ALA H 100 -9.40 24.44 20.40
CA ALA H 100 -10.79 24.67 20.05
C ALA H 100 -11.28 23.68 19.01
N ARG H 101 -12.48 23.15 19.22
CA ARG H 101 -13.08 22.19 18.30
C ARG H 101 -13.61 22.92 17.07
N GLU H 102 -13.36 22.35 15.90
CA GLU H 102 -13.76 22.95 14.63
C GLU H 102 -15.03 22.29 14.12
N SER H 103 -16.11 23.06 14.08
CA SER H 103 -17.40 22.58 13.60
C SER H 103 -17.29 22.26 12.11
N PRO H 104 -18.27 21.46 11.55
CA PRO H 104 -18.16 21.05 10.13
C PRO H 104 -17.86 22.19 9.18
N ASN H 105 -17.41 21.86 7.97
CA ASN H 105 -16.97 22.84 7.00
C ASN H 105 -17.53 22.51 5.63
N TYR H 106 -17.64 23.52 4.77
CA TYR H 106 -18.12 23.35 3.40
C TYR H 106 -17.31 24.18 2.42
N TYR H 107 -16.45 23.49 1.68
CA TYR H 107 -15.55 23.99 0.64
C TYR H 107 -16.36 24.50 -0.56
N ASP H 108 -15.69 25.23 -1.45
CA ASP H 108 -16.32 25.69 -2.69
C ASP H 108 -15.32 25.69 -3.85
N SER H 109 -15.87 25.59 -5.06
CA SER H 109 -15.04 25.66 -6.24
C SER H 109 -14.44 27.04 -6.38
N SER H 110 -15.12 28.05 -5.82
CA SER H 110 -14.58 29.41 -5.81
C SER H 110 -14.06 29.85 -4.45
N GLY H 111 -14.40 29.13 -3.39
CA GLY H 111 -13.86 29.42 -2.07
C GLY H 111 -14.78 29.89 -0.98
N TYR H 112 -16.08 30.03 -1.26
CA TYR H 112 -16.99 30.44 -0.21
C TYR H 112 -17.20 29.26 0.74
N TYR H 113 -17.60 29.54 1.98
CA TYR H 113 -17.62 28.43 2.92
C TYR H 113 -18.71 28.61 3.95
N SER H 114 -18.94 27.54 4.72
CA SER H 114 -19.92 27.47 5.80
C SER H 114 -19.29 26.55 6.84
N GLY H 115 -18.50 27.12 7.71
CA GLY H 115 -17.83 26.37 8.73
C GLY H 115 -16.54 27.08 9.12
N TYR H 116 -15.58 26.28 9.54
CA TYR H 116 -14.21 26.71 9.80
C TYR H 116 -14.16 27.52 11.09
N TYR H 117 -15.24 27.49 11.87
CA TYR H 117 -15.41 28.25 13.09
C TYR H 117 -15.22 27.29 14.25
N PHE H 118 -14.78 27.82 15.38
CA PHE H 118 -14.51 27.02 16.58
C PHE H 118 -15.65 27.21 17.58
N ASP H 119 -16.58 26.25 17.57
CA ASP H 119 -17.77 26.37 18.42
C ASP H 119 -17.45 26.17 19.90
N TYR H 120 -16.56 25.25 20.24
CA TYR H 120 -16.20 25.01 21.64
C TYR H 120 -14.71 25.19 21.84
N TRP H 121 -14.32 25.79 22.96
CA TRP H 121 -12.91 25.99 23.27
C TRP H 121 -12.52 25.43 24.63
N GLY H 122 -11.21 25.47 24.84
CA GLY H 122 -10.57 25.10 26.08
C GLY H 122 -10.48 26.30 26.99
N GLN H 123 -10.11 26.07 28.24
CA GLN H 123 -9.99 27.22 29.13
C GLN H 123 -8.74 28.02 28.81
N GLY H 124 -7.74 27.39 28.23
CA GLY H 124 -6.47 28.01 27.91
C GLY H 124 -5.40 27.59 28.91
N THR H 125 -4.23 27.26 28.39
CA THR H 125 -3.09 26.85 29.20
C THR H 125 -1.99 27.88 29.00
N LEU H 126 -1.58 28.54 30.07
CA LEU H 126 -0.51 29.50 30.00
C LEU H 126 0.85 28.82 30.00
N VAL H 127 1.68 29.18 29.04
CA VAL H 127 3.08 28.77 29.00
C VAL H 127 3.89 30.02 29.30
N THR H 128 4.81 29.90 30.25
CA THR H 128 5.66 31.00 30.69
C THR H 128 7.12 30.63 30.47
N VAL H 129 7.79 31.36 29.59
CA VAL H 129 9.19 31.12 29.28
C VAL H 129 9.96 32.28 29.88
N SER H 130 10.80 31.97 30.87
CA SER H 130 11.63 33.00 31.49
C SER H 130 12.83 32.33 32.16
N SER H 131 14.02 32.79 31.80
CA SER H 131 15.24 32.30 32.42
C SER H 131 15.33 32.68 33.90
N ALA H 132 14.55 33.69 34.32
CA ALA H 132 14.50 34.11 35.72
C ALA H 132 14.07 32.97 36.63
N SER H 133 14.79 32.82 37.75
CA SER H 133 14.56 31.77 38.73
C SER H 133 13.39 32.10 39.67
N THR H 134 12.77 31.02 40.16
CA THR H 134 11.62 31.08 41.07
C THR H 134 12.17 31.47 42.44
N LYS H 135 11.78 32.64 42.92
CA LYS H 135 12.25 33.11 44.21
C LYS H 135 11.10 33.38 45.18
N GLY H 136 11.24 32.88 46.41
CA GLY H 136 10.24 33.02 47.48
C GLY H 136 10.21 34.40 48.14
N PRO H 137 8.93 34.88 48.43
CA PRO H 137 8.90 36.26 48.95
C PRO H 137 9.11 36.43 50.43
N SER H 138 9.30 37.69 50.83
CA SER H 138 9.49 38.08 52.20
C SER H 138 8.27 38.89 52.61
N VAL H 139 7.68 38.54 53.76
CA VAL H 139 6.49 39.23 54.24
C VAL H 139 6.68 40.15 55.32
N PHE H 140 6.04 41.27 55.11
CA PHE H 140 6.18 42.30 56.13
C PHE H 140 4.81 42.84 56.59
N PRO H 141 4.61 42.97 57.91
CA PRO H 141 3.33 43.49 58.41
C PRO H 141 3.24 44.99 58.21
N LEU H 142 2.05 45.45 57.83
CA LEU H 142 1.74 46.86 57.60
C LEU H 142 0.80 47.34 58.70
N ALA H 143 1.40 47.79 59.80
CA ALA H 143 0.69 48.25 60.99
C ALA H 143 -0.18 49.45 60.67
N PRO H 144 -1.38 49.56 61.27
CA PRO H 144 -2.29 50.69 61.03
C PRO H 144 -1.85 51.96 61.74
N THR H 153 -12.12 54.48 59.85
CA THR H 153 -11.76 53.36 60.72
C THR H 153 -10.25 53.11 60.65
N ALA H 154 -9.81 51.86 60.59
CA ALA H 154 -8.37 51.62 60.53
C ALA H 154 -8.10 50.57 59.47
N ALA H 155 -6.96 50.68 58.78
CA ALA H 155 -6.65 49.69 57.75
C ALA H 155 -5.29 49.09 58.04
N LEU H 156 -5.21 47.77 57.96
CA LEU H 156 -3.93 47.08 58.21
C LEU H 156 -3.64 46.15 57.04
N GLY H 157 -2.37 46.02 56.64
CA GLY H 157 -2.09 45.16 55.51
C GLY H 157 -0.83 44.32 55.66
N CYS H 158 -0.59 43.54 54.60
CA CYS H 158 0.58 42.67 54.42
C CYS H 158 1.25 43.01 53.11
N LEU H 159 2.55 43.30 53.18
CA LEU H 159 3.35 43.53 51.98
C LEU H 159 4.13 42.26 51.63
N VAL H 160 3.91 41.79 50.40
CA VAL H 160 4.55 40.63 49.80
C VAL H 160 5.50 41.20 48.76
N LYS H 161 6.81 41.10 49.00
CA LYS H 161 7.78 41.68 48.07
C LYS H 161 8.85 40.72 47.55
N ASP H 162 9.18 40.89 46.25
CA ASP H 162 10.24 40.14 45.58
C ASP H 162 9.97 38.65 45.40
N TYR H 163 8.90 38.32 44.69
CA TYR H 163 8.55 36.93 44.44
C TYR H 163 8.32 36.64 42.96
N PHE H 164 8.61 35.41 42.55
CA PHE H 164 8.45 34.97 41.15
C PHE H 164 8.41 33.43 40.97
N PRO H 165 7.59 32.96 40.04
CA PRO H 165 6.69 33.84 39.28
C PRO H 165 5.28 33.71 40.06
N GLU H 166 4.21 34.45 39.71
CA GLU H 166 2.88 34.35 40.40
C GLU H 166 2.17 32.99 40.16
N PRO H 167 1.03 32.63 40.89
CA PRO H 167 0.56 33.59 41.89
C PRO H 167 0.72 33.22 43.36
N VAL H 168 0.54 34.26 44.16
CA VAL H 168 0.62 34.18 45.60
C VAL H 168 -0.79 34.33 46.14
N THR H 169 -1.04 33.70 47.28
CA THR H 169 -2.32 33.73 47.92
C THR H 169 -2.26 34.25 49.27
N VAL H 170 -3.16 35.18 49.48
CA VAL H 170 -3.18 35.82 50.79
C VAL H 170 -4.55 35.70 51.47
N SER H 171 -4.59 34.93 52.55
CA SER H 171 -5.81 34.73 53.31
C SER H 171 -5.60 35.44 54.64
N TRP H 172 -6.68 35.86 55.27
CA TRP H 172 -6.59 36.55 56.54
C TRP H 172 -7.22 35.73 57.65
N ASN H 173 -6.51 35.62 58.77
CA ASN H 173 -6.95 34.86 59.93
C ASN H 173 -7.35 33.45 59.54
N SER H 174 -6.54 32.84 58.67
CA SER H 174 -6.73 31.48 58.18
C SER H 174 -8.05 31.28 57.43
N GLY H 175 -8.66 32.35 56.94
CA GLY H 175 -9.90 32.25 56.19
C GLY H 175 -11.06 32.94 56.87
N ALA H 176 -11.11 32.85 58.19
CA ALA H 176 -12.18 33.46 58.98
C ALA H 176 -12.49 34.89 58.59
N LEU H 177 -11.52 35.61 58.03
CA LEU H 177 -11.64 37.00 57.61
C LEU H 177 -11.60 37.12 56.08
N THR H 178 -12.77 37.22 55.45
CA THR H 178 -12.81 37.32 54.00
C THR H 178 -13.64 38.47 53.46
N SER H 179 -14.48 39.12 54.27
CA SER H 179 -15.25 40.25 53.79
C SER H 179 -14.50 41.50 54.24
N GLY H 180 -14.14 42.34 53.28
CA GLY H 180 -13.42 43.57 53.60
C GLY H 180 -11.98 43.55 53.17
N VAL H 181 -11.52 42.46 52.56
CA VAL H 181 -10.12 42.29 52.19
C VAL H 181 -9.92 42.63 50.72
N HIS H 182 -9.06 43.61 50.45
CA HIS H 182 -8.69 44.02 49.11
C HIS H 182 -7.25 43.59 48.91
N THR H 183 -7.03 42.55 48.12
CA THR H 183 -5.67 42.14 47.77
C THR H 183 -5.35 42.76 46.42
N PHE H 184 -4.46 43.75 46.45
CA PHE H 184 -4.08 44.53 45.28
C PHE H 184 -3.27 43.71 44.28
N PRO H 185 -3.42 44.00 42.99
CA PRO H 185 -2.66 43.26 41.97
C PRO H 185 -1.16 43.44 42.16
N ALA H 186 -0.41 42.48 41.65
CA ALA H 186 1.04 42.54 41.74
C ALA H 186 1.63 43.56 40.78
N VAL H 187 2.77 44.11 41.18
CA VAL H 187 3.58 45.00 40.34
C VAL H 187 4.78 44.22 39.84
N LEU H 188 5.07 44.32 38.55
CA LEU H 188 6.27 43.69 38.03
C LEU H 188 7.31 44.81 38.06
N GLN H 189 8.36 44.59 38.85
CA GLN H 189 9.36 45.64 39.03
C GLN H 189 10.43 45.61 37.96
N SER H 190 11.24 46.68 37.96
CA SER H 190 12.40 46.76 37.07
C SER H 190 13.34 45.60 37.31
N SER H 191 13.24 44.97 38.48
CA SER H 191 14.02 43.81 38.88
C SER H 191 13.52 42.52 38.22
N GLY H 192 12.28 42.52 37.75
CA GLY H 192 11.68 41.35 37.16
C GLY H 192 10.92 40.49 38.14
N LEU H 193 10.95 40.83 39.42
CA LEU H 193 10.22 40.14 40.47
C LEU H 193 8.92 40.88 40.74
N TYR H 194 7.95 40.17 41.29
CA TYR H 194 6.64 40.75 41.57
C TYR H 194 6.53 41.20 43.03
N SER H 195 5.60 42.13 43.25
CA SER H 195 5.29 42.61 44.58
C SER H 195 3.80 42.95 44.62
N LEU H 196 3.14 42.59 45.72
CA LEU H 196 1.74 42.93 45.90
C LEU H 196 1.48 43.11 47.39
N SER H 197 0.36 43.78 47.69
CA SER H 197 -0.04 43.99 49.07
C SER H 197 -1.50 43.60 49.22
N SER H 198 -1.86 43.22 50.44
CA SER H 198 -3.24 42.90 50.76
C SER H 198 -3.61 43.72 51.98
N VAL H 199 -4.69 44.48 51.90
CA VAL H 199 -5.09 45.32 53.02
C VAL H 199 -6.51 44.96 53.41
N VAL H 200 -6.76 44.94 54.71
CA VAL H 200 -8.07 44.66 55.25
C VAL H 200 -8.53 45.87 56.06
N THR H 201 -9.69 46.40 55.71
CA THR H 201 -10.22 47.49 56.49
C THR H 201 -10.74 46.84 57.77
N VAL H 202 -10.22 47.28 58.91
CA VAL H 202 -10.50 46.70 60.22
C VAL H 202 -11.21 47.79 61.03
N PRO H 203 -12.18 47.43 61.86
CA PRO H 203 -12.84 48.47 62.65
C PRO H 203 -11.92 49.15 63.65
N SER H 204 -12.25 50.41 63.87
CA SER H 204 -11.55 51.33 64.78
C SER H 204 -11.36 50.82 66.20
N SER H 205 -12.39 50.18 66.78
CA SER H 205 -12.31 49.74 68.16
C SER H 205 -12.29 48.24 68.39
N SER H 206 -12.62 47.44 67.39
CA SER H 206 -12.55 45.99 67.55
C SER H 206 -11.12 45.57 67.25
N LEU H 207 -10.19 46.51 67.49
CA LEU H 207 -8.78 46.41 67.19
C LEU H 207 -7.95 45.83 68.34
N GLY H 208 -8.11 46.33 69.58
CA GLY H 208 -7.38 45.75 70.70
C GLY H 208 -7.82 44.33 70.99
N THR H 209 -9.13 44.11 70.93
CA THR H 209 -9.79 42.84 71.26
C THR H 209 -9.20 41.69 70.44
N GLN H 210 -9.38 41.70 69.13
CA GLN H 210 -8.93 40.60 68.25
C GLN H 210 -7.72 40.89 67.38
N THR H 211 -6.81 39.90 67.36
CA THR H 211 -5.55 39.84 66.64
C THR H 211 -5.81 39.75 65.13
N TYR H 212 -4.74 39.83 64.33
CA TYR H 212 -4.83 39.78 62.86
C TYR H 212 -3.58 39.18 62.22
N ILE H 213 -3.71 37.98 61.66
CA ILE H 213 -2.61 37.23 61.02
C ILE H 213 -2.93 36.95 59.55
N CYS H 214 -2.03 37.36 58.66
CA CYS H 214 -2.17 37.09 57.22
C CYS H 214 -1.31 35.90 56.81
N ASN H 215 -1.91 34.98 56.05
CA ASN H 215 -1.29 33.75 55.57
C ASN H 215 -0.98 33.85 54.08
N VAL H 216 0.31 33.93 53.75
CA VAL H 216 0.80 34.07 52.38
C VAL H 216 1.34 32.73 51.90
N ASN H 217 0.86 32.27 50.75
CA ASN H 217 1.32 31.03 50.13
C ASN H 217 1.79 31.26 48.70
N HIS H 218 3.09 31.01 48.47
CA HIS H 218 3.71 31.06 47.15
C HIS H 218 4.04 29.61 46.81
N LYS H 219 3.08 28.93 46.17
CA LYS H 219 3.23 27.53 45.79
C LYS H 219 4.45 27.23 44.94
N PRO H 220 4.76 28.03 43.92
CA PRO H 220 5.93 27.72 43.07
C PRO H 220 7.26 27.53 43.82
N SER H 221 7.34 28.03 45.06
CA SER H 221 8.57 27.91 45.86
C SER H 221 8.33 27.25 47.22
N ASN H 222 7.12 26.74 47.43
CA ASN H 222 6.79 26.08 48.68
C ASN H 222 7.04 26.96 49.91
N THR H 223 6.65 28.22 49.83
CA THR H 223 6.81 29.09 50.98
C THR H 223 5.44 29.40 51.56
N LYS H 224 5.32 29.17 52.86
CA LYS H 224 4.09 29.42 53.56
C LYS H 224 4.52 30.38 54.75
N VAL H 225 4.05 31.64 54.78
CA VAL H 225 4.42 32.60 55.83
C VAL H 225 3.16 33.13 56.49
N ASP H 226 3.09 32.96 57.81
CA ASP H 226 2.01 33.48 58.64
C ASP H 226 2.58 34.67 59.38
N LYS H 227 2.05 35.87 59.11
CA LYS H 227 2.58 37.07 59.75
C LYS H 227 1.54 37.78 60.61
N LYS H 228 1.91 37.98 61.88
CA LYS H 228 1.09 38.71 62.84
C LYS H 228 1.23 40.21 62.56
N VAL H 229 0.10 40.90 62.47
CA VAL H 229 0.08 42.34 62.21
C VAL H 229 -0.43 43.01 63.49
N GLU H 230 0.51 43.58 64.25
CA GLU H 230 0.27 44.27 65.50
C GLU H 230 0.80 45.71 65.43
N PRO H 231 0.11 46.67 66.05
CA PRO H 231 0.55 48.07 66.00
C PRO H 231 1.95 48.27 66.56
N LYS H 232 2.50 49.47 66.32
CA LYS H 232 3.90 49.78 66.62
C LYS H 232 4.17 49.90 68.12
N SER H 233 4.95 48.94 68.63
CA SER H 233 5.30 48.79 70.03
C SER H 233 5.84 50.06 70.69
N CYS H 234 6.92 50.62 70.15
CA CYS H 234 7.55 51.85 70.68
C CYS H 234 7.91 51.67 72.15
N ILE I 7 -50.17 -17.50 1.76
CA ILE I 7 -50.14 -16.33 0.89
C ILE I 7 -51.09 -15.25 1.39
N ARG I 8 -51.94 -15.60 2.35
CA ARG I 8 -52.90 -14.66 2.92
C ARG I 8 -52.23 -13.60 3.78
N MET I 9 -52.89 -12.44 3.84
CA MET I 9 -52.45 -11.29 4.61
C MET I 9 -53.63 -10.73 5.40
N THR I 10 -53.39 -10.46 6.68
CA THR I 10 -54.40 -9.92 7.57
C THR I 10 -53.83 -8.66 8.29
N GLN I 11 -54.61 -7.58 8.39
CA GLN I 11 -54.19 -6.35 9.09
C GLN I 11 -54.94 -6.50 10.40
N SER I 12 -54.54 -5.74 11.41
CA SER I 12 -55.15 -5.80 12.73
C SER I 12 -56.37 -4.91 12.89
N PRO I 13 -56.19 -3.60 12.71
CA PRO I 13 -57.33 -2.69 12.87
C PRO I 13 -58.00 -2.39 11.54
N SER I 14 -59.27 -2.71 11.42
CA SER I 14 -60.01 -2.46 10.19
C SER I 14 -60.36 -0.99 10.11
N THR I 15 -60.65 -0.40 11.27
CA THR I 15 -61.01 1.01 11.36
C THR I 15 -60.41 1.59 12.64
N LEU I 16 -59.74 2.72 12.52
CA LEU I 16 -59.12 3.35 13.68
C LEU I 16 -59.34 4.74 13.77
N SER I 17 -59.64 5.03 14.98
CA SER I 17 -59.96 6.42 15.29
C SER I 17 -58.82 6.99 16.12
N ALA I 18 -58.19 8.04 15.61
CA ALA I 18 -57.07 8.66 16.31
C ALA I 18 -57.14 10.18 16.17
N SER I 19 -56.36 10.86 17.00
CA SER I 19 -56.25 12.31 17.06
C SER I 19 -54.86 12.79 16.64
N VAL I 20 -54.82 14.05 16.19
CA VAL I 20 -53.56 14.66 15.75
C VAL I 20 -52.58 14.69 16.93
N GLY I 21 -51.40 14.12 16.72
CA GLY I 21 -50.36 14.06 17.73
C GLY I 21 -50.18 12.68 18.32
N ASP I 22 -51.19 11.82 18.24
CA ASP I 22 -51.14 10.47 18.76
C ASP I 22 -50.07 9.64 18.05
N ARG I 23 -49.61 8.59 18.74
CA ARG I 23 -48.72 7.61 18.14
C ARG I 23 -49.61 6.48 17.64
N VAL I 24 -49.53 6.16 16.35
CA VAL I 24 -50.39 5.16 15.73
C VAL I 24 -49.56 3.96 15.30
N THR I 25 -50.03 2.76 15.66
CA THR I 25 -49.36 1.50 15.32
C THR I 25 -50.35 0.56 14.64
N ILE I 26 -50.02 0.11 13.43
CA ILE I 26 -50.86 -0.81 12.67
C ILE I 26 -50.08 -2.10 12.45
N THR I 27 -50.67 -3.25 12.78
CA THR I 27 -50.02 -4.54 12.60
C THR I 27 -50.45 -5.18 11.28
N CYS I 28 -49.56 -6.03 10.74
CA CYS I 28 -49.82 -6.78 9.51
C CYS I 28 -49.23 -8.18 9.66
N ARG I 29 -50.09 -9.18 9.81
CA ARG I 29 -49.74 -10.59 9.93
C ARG I 29 -49.96 -11.34 8.62
N ALA I 30 -49.26 -12.46 8.49
CA ALA I 30 -49.30 -13.29 7.29
C ALA I 30 -49.63 -14.74 7.65
N SER I 31 -49.97 -15.50 6.61
CA SER I 31 -50.23 -16.92 6.75
C SER I 31 -48.91 -17.69 6.73
N GLN I 32 -48.04 -17.34 5.80
CA GLN I 32 -46.75 -17.94 5.54
C GLN I 32 -45.66 -16.94 5.95
N SER I 33 -44.42 -17.31 5.66
CA SER I 33 -43.30 -16.45 6.04
C SER I 33 -42.86 -15.41 5.03
N ILE I 34 -43.31 -14.18 5.22
CA ILE I 34 -42.94 -13.07 4.35
C ILE I 34 -41.80 -12.38 5.08
N ASN I 35 -40.64 -13.05 5.08
CA ASN I 35 -39.46 -12.59 5.78
C ASN I 35 -38.72 -11.33 5.31
N THR I 36 -38.89 -10.25 6.07
CA THR I 36 -38.20 -8.99 5.84
C THR I 36 -38.63 -8.31 4.55
N TRP I 37 -39.58 -8.90 3.83
CA TRP I 37 -40.01 -8.26 2.60
C TRP I 37 -41.47 -7.89 2.64
N LEU I 38 -41.76 -6.69 3.07
CA LEU I 38 -43.13 -6.19 3.19
C LEU I 38 -43.16 -4.69 2.98
N ALA I 39 -43.81 -4.26 1.91
CA ALA I 39 -43.97 -2.84 1.64
C ALA I 39 -45.20 -2.31 2.36
N TRP I 40 -45.15 -1.04 2.73
CA TRP I 40 -46.28 -0.35 3.32
C TRP I 40 -46.67 0.79 2.38
N TYR I 41 -47.99 1.01 2.26
CA TYR I 41 -48.55 2.00 1.36
C TYR I 41 -49.63 2.82 2.05
N GLN I 42 -49.78 4.07 1.62
CA GLN I 42 -50.81 4.98 2.09
C GLN I 42 -51.67 5.40 0.91
N GLN I 43 -52.99 5.37 1.10
CA GLN I 43 -53.92 5.73 0.04
C GLN I 43 -55.08 6.56 0.60
N LYS I 44 -55.25 7.77 0.06
CA LYS I 44 -56.42 8.55 0.45
C LYS I 44 -57.55 8.19 -0.51
N PRO I 45 -58.80 8.11 -0.03
CA PRO I 45 -59.90 7.74 -0.93
C PRO I 45 -59.96 8.61 -2.18
N GLY I 46 -60.17 7.94 -3.32
CA GLY I 46 -60.23 8.60 -4.61
C GLY I 46 -58.89 8.95 -5.20
N LYS I 47 -57.81 8.47 -4.59
CA LYS I 47 -56.45 8.74 -5.05
C LYS I 47 -55.65 7.45 -5.24
N ALA I 48 -54.61 7.55 -6.06
CA ALA I 48 -53.70 6.44 -6.28
C ALA I 48 -52.83 6.24 -5.04
N PRO I 49 -52.44 5.01 -4.73
CA PRO I 49 -51.60 4.76 -3.55
C PRO I 49 -50.22 5.42 -3.69
N ASN I 50 -49.54 5.49 -2.55
CA ASN I 50 -48.21 6.07 -2.45
C ASN I 50 -47.35 5.13 -1.63
N LEU I 51 -46.13 4.88 -2.09
CA LEU I 51 -45.24 4.00 -1.34
C LEU I 51 -44.75 4.69 -0.08
N LEU I 52 -44.81 3.93 1.02
CA LEU I 52 -44.37 4.38 2.33
C LEU I 52 -43.06 3.68 2.68
N ILE I 53 -43.10 2.38 2.97
CA ILE I 53 -41.92 1.61 3.31
C ILE I 53 -41.78 0.46 2.31
N SER I 54 -40.57 -0.06 2.14
CA SER I 54 -40.37 -1.15 1.20
C SER I 54 -39.87 -2.32 2.01
N LYS I 55 -38.55 -2.43 2.08
CA LYS I 55 -37.93 -3.49 2.82
C LYS I 55 -38.10 -2.95 4.27
N ALA I 56 -38.49 -3.79 5.22
CA ALA I 56 -38.66 -3.34 6.61
C ALA I 56 -37.51 -2.52 7.21
N SER I 57 -37.88 -1.37 7.79
CA SER I 57 -36.92 -0.47 8.40
C SER I 57 -36.34 0.51 7.39
N SER I 58 -36.86 0.49 6.17
CA SER I 58 -36.36 1.39 5.12
C SER I 58 -37.35 2.34 4.47
N LEU I 59 -37.61 3.45 5.14
CA LEU I 59 -38.54 4.44 4.62
C LEU I 59 -38.04 4.85 3.23
N GLU I 60 -38.96 5.30 2.38
CA GLU I 60 -38.61 5.73 1.03
C GLU I 60 -38.23 7.21 1.03
N SER I 61 -37.69 7.68 -0.09
CA SER I 61 -37.29 9.08 -0.19
C SER I 61 -38.54 9.98 -0.28
N GLY I 62 -38.59 10.99 0.58
CA GLY I 62 -39.71 11.93 0.63
C GLY I 62 -40.87 11.58 1.53
N VAL I 63 -40.74 10.61 2.43
CA VAL I 63 -41.87 10.24 3.29
C VAL I 63 -41.56 10.83 4.67
N PRO I 64 -42.55 11.38 5.36
CA PRO I 64 -42.32 11.98 6.68
C PRO I 64 -41.53 11.03 7.59
N SER I 65 -40.54 11.61 8.30
CA SER I 65 -39.64 10.81 9.12
C SER I 65 -40.35 10.14 10.29
N ARG I 66 -41.59 10.49 10.54
CA ARG I 66 -42.38 9.84 11.58
C ARG I 66 -42.91 8.47 11.17
N PHE I 67 -42.69 8.02 9.94
CA PHE I 67 -43.16 6.70 9.53
C PHE I 67 -42.08 5.68 9.92
N SER I 68 -42.48 4.41 10.08
CA SER I 68 -41.49 3.42 10.49
C SER I 68 -42.04 2.00 10.30
N GLY I 69 -41.13 1.07 10.04
CA GLY I 69 -41.48 -0.34 9.84
C GLY I 69 -40.64 -1.30 10.65
N SER I 70 -41.30 -2.23 11.35
CA SER I 70 -40.59 -3.21 12.16
C SER I 70 -41.04 -4.62 11.78
N GLY I 71 -40.09 -5.54 11.59
CA GLY I 71 -40.47 -6.90 11.24
C GLY I 71 -39.38 -7.84 10.78
N SER I 72 -39.66 -9.14 10.89
CA SER I 72 -38.71 -10.19 10.49
C SER I 72 -39.33 -11.42 9.80
N GLY I 73 -40.65 -11.46 9.64
CA GLY I 73 -41.28 -12.59 8.98
C GLY I 73 -42.73 -12.89 9.16
N THR I 74 -43.09 -13.23 10.39
CA THR I 74 -44.48 -13.58 10.67
C THR I 74 -45.39 -12.36 10.70
N GLU I 75 -45.11 -11.40 11.58
CA GLU I 75 -45.91 -10.20 11.80
C GLU I 75 -45.04 -8.96 11.72
N PHE I 76 -45.67 -7.83 11.39
CA PHE I 76 -44.94 -6.58 11.19
C PHE I 76 -45.82 -5.44 11.68
N THR I 77 -45.23 -4.25 11.83
CA THR I 77 -45.96 -3.05 12.23
C THR I 77 -45.46 -1.81 11.51
N LEU I 78 -46.42 -0.91 11.26
CA LEU I 78 -46.21 0.42 10.69
C LEU I 78 -46.53 1.43 11.78
N THR I 79 -45.54 2.24 12.14
CA THR I 79 -45.68 3.25 13.18
C THR I 79 -45.62 4.67 12.64
N ILE I 80 -46.57 5.49 13.09
CA ILE I 80 -46.58 6.94 12.85
C ILE I 80 -46.40 7.58 14.23
N SER I 81 -45.19 8.06 14.50
CA SER I 81 -44.85 8.63 15.81
C SER I 81 -45.80 9.75 16.26
N SER I 82 -46.20 10.64 15.34
CA SER I 82 -47.10 11.73 15.73
C SER I 82 -47.98 12.11 14.53
N LEU I 83 -49.23 11.66 14.57
CA LEU I 83 -50.20 11.87 13.51
C LEU I 83 -50.41 13.35 13.15
N GLN I 84 -50.35 13.65 11.86
CA GLN I 84 -50.60 14.96 11.27
C GLN I 84 -51.90 14.90 10.45
N PRO I 85 -52.51 16.05 10.15
CA PRO I 85 -53.81 16.00 9.42
C PRO I 85 -53.76 15.26 8.08
N ASP I 86 -52.63 15.30 7.37
CA ASP I 86 -52.52 14.62 6.08
C ASP I 86 -52.63 13.10 6.22
N ASP I 87 -52.12 12.52 7.31
CA ASP I 87 -52.11 11.07 7.51
C ASP I 87 -53.49 10.42 7.59
N PHE I 88 -54.56 11.17 7.79
CA PHE I 88 -55.86 10.50 7.87
C PHE I 88 -56.29 10.01 6.49
N ALA I 89 -56.00 8.73 6.26
CA ALA I 89 -56.24 8.00 5.02
C ALA I 89 -56.27 6.53 5.39
N THR I 90 -56.24 5.64 4.40
CA THR I 90 -56.22 4.21 4.66
C THR I 90 -54.86 3.62 4.27
N TYR I 91 -54.37 2.70 5.11
CA TYR I 91 -53.05 2.09 4.97
C TYR I 91 -53.14 0.62 4.56
N PHE I 92 -52.20 0.18 3.74
CA PHE I 92 -52.14 -1.21 3.28
C PHE I 92 -50.74 -1.76 3.37
N CYS I 93 -50.62 -3.06 3.57
CA CYS I 93 -49.33 -3.73 3.54
C CYS I 93 -49.31 -4.71 2.38
N GLN I 94 -48.13 -4.92 1.80
CA GLN I 94 -47.99 -5.80 0.66
C GLN I 94 -46.84 -6.77 0.88
N GLN I 95 -47.03 -7.98 0.38
CA GLN I 95 -46.05 -9.04 0.49
C GLN I 95 -45.37 -9.19 -0.88
N TYR I 96 -44.07 -9.48 -0.87
CA TYR I 96 -43.37 -9.70 -2.12
C TYR I 96 -42.21 -10.66 -1.95
N ASN I 97 -42.40 -11.63 -1.04
CA ASN I 97 -41.44 -12.70 -0.87
C ASN I 97 -41.44 -13.57 -2.13
N SER I 98 -42.63 -13.83 -2.66
CA SER I 98 -42.86 -14.60 -3.87
C SER I 98 -43.59 -13.72 -4.89
N TYR I 99 -43.30 -13.94 -6.17
CA TYR I 99 -43.85 -13.11 -7.25
C TYR I 99 -45.35 -12.89 -7.15
N LEU I 100 -46.08 -13.84 -6.55
CA LEU I 100 -47.53 -13.72 -6.38
C LEU I 100 -47.85 -12.75 -5.24
N TYR I 101 -47.83 -11.45 -5.57
CA TYR I 101 -48.09 -10.42 -4.56
C TYR I 101 -49.49 -10.56 -3.97
N THR I 102 -49.61 -10.21 -2.69
CA THR I 102 -50.89 -10.18 -2.01
C THR I 102 -50.91 -8.97 -1.09
N PHE I 103 -52.07 -8.32 -0.94
CA PHE I 103 -52.12 -7.16 -0.09
C PHE I 103 -53.01 -7.45 1.11
N GLY I 104 -52.74 -6.80 2.24
CA GLY I 104 -53.63 -6.96 3.37
C GLY I 104 -54.88 -6.15 3.19
N GLN I 105 -55.89 -6.41 4.02
CA GLN I 105 -57.12 -5.63 3.92
C GLN I 105 -56.83 -4.23 4.46
N GLY I 106 -57.38 -3.20 3.84
CA GLY I 106 -57.17 -1.81 4.24
C GLY I 106 -57.41 -1.37 5.68
N THR I 107 -56.57 -0.45 6.20
CA THR I 107 -56.73 0.09 7.56
C THR I 107 -56.92 1.59 7.44
N LYS I 108 -58.19 2.00 7.59
CA LYS I 108 -58.65 3.38 7.55
C LYS I 108 -58.46 4.13 8.88
N VAL I 109 -57.81 5.29 8.83
CA VAL I 109 -57.55 6.13 10.00
C VAL I 109 -58.53 7.31 10.01
N GLU I 110 -59.39 7.33 11.03
CA GLU I 110 -60.49 8.27 11.28
C GLU I 110 -60.22 9.28 12.39
N ILE I 111 -60.83 10.47 12.25
CA ILE I 111 -60.61 11.56 13.21
C ILE I 111 -61.52 11.38 14.43
N ARG I 112 -60.90 11.35 15.60
CA ARG I 112 -61.64 11.27 16.86
C ARG I 112 -62.49 12.47 17.26
N ARG I 113 -63.77 12.50 16.90
CA ARG I 113 -64.62 13.65 17.23
C ARG I 113 -65.42 13.21 18.44
N THR I 114 -66.17 14.14 19.03
CA THR I 114 -66.99 13.76 20.18
C THR I 114 -67.97 12.65 19.80
N VAL I 115 -68.62 12.09 20.82
CA VAL I 115 -69.74 11.20 20.58
C VAL I 115 -70.99 12.04 20.40
N ALA I 116 -71.53 12.01 19.19
CA ALA I 116 -72.74 12.75 18.83
C ALA I 116 -73.81 11.80 18.30
N ALA I 117 -75.03 11.91 18.83
CA ALA I 117 -76.12 11.04 18.41
C ALA I 117 -76.71 11.53 17.09
N PRO I 118 -77.49 10.71 16.40
CA PRO I 118 -78.02 11.13 15.09
C PRO I 118 -79.40 11.81 14.97
N SER I 119 -79.43 12.82 14.10
CA SER I 119 -80.64 13.57 13.80
C SER I 119 -81.32 12.78 12.71
N VAL I 120 -82.40 12.09 13.09
CA VAL I 120 -83.15 11.23 12.20
C VAL I 120 -84.30 11.77 11.55
N PHE I 121 -84.28 11.46 10.28
CA PHE I 121 -85.38 11.98 9.48
C PHE I 121 -85.83 10.86 8.57
N ILE I 122 -87.13 10.81 8.26
CA ILE I 122 -87.68 9.79 7.38
C ILE I 122 -88.39 10.49 6.23
N PHE I 123 -88.30 9.90 5.04
CA PHE I 123 -88.93 10.48 3.86
C PHE I 123 -89.76 9.46 3.11
N PRO I 124 -91.07 9.67 2.99
CA PRO I 124 -91.97 8.76 2.24
C PRO I 124 -91.76 8.89 0.75
N PRO I 125 -92.13 7.88 -0.04
CA PRO I 125 -91.96 7.98 -1.50
C PRO I 125 -92.75 9.14 -2.09
N SER I 126 -92.12 9.86 -3.01
CA SER I 126 -92.76 10.99 -3.68
C SER I 126 -93.89 10.54 -4.61
N ASP I 127 -94.83 11.45 -4.85
CA ASP I 127 -95.98 11.18 -5.72
C ASP I 127 -95.52 10.76 -7.12
N GLU I 128 -94.48 11.43 -7.63
CA GLU I 128 -93.96 11.12 -8.95
C GLU I 128 -93.45 9.69 -9.02
N GLN I 129 -92.74 9.24 -7.99
CA GLN I 129 -92.25 7.87 -8.00
C GLN I 129 -93.41 6.89 -7.86
N LEU I 130 -94.39 7.21 -7.00
CA LEU I 130 -95.54 6.34 -6.83
C LEU I 130 -96.29 6.14 -8.14
N LYS I 131 -96.23 7.11 -9.05
CA LYS I 131 -96.88 6.92 -10.35
C LYS I 131 -96.12 5.92 -11.21
N SER I 132 -94.78 5.91 -11.11
CA SER I 132 -93.90 5.05 -11.90
C SER I 132 -93.90 3.60 -11.44
N GLY I 133 -94.75 3.23 -10.48
CA GLY I 133 -94.82 1.87 -10.01
C GLY I 133 -93.68 1.44 -9.13
N THR I 134 -93.00 2.39 -8.47
CA THR I 134 -91.89 2.11 -7.59
C THR I 134 -92.09 2.90 -6.31
N ALA I 135 -91.57 2.37 -5.21
CA ALA I 135 -91.65 3.06 -3.92
C ALA I 135 -90.36 2.88 -3.14
N SER I 136 -89.66 3.98 -2.89
CA SER I 136 -88.42 4.00 -2.13
C SER I 136 -88.61 4.89 -0.91
N VAL I 137 -88.39 4.33 0.28
CA VAL I 137 -88.53 5.05 1.55
C VAL I 137 -87.12 5.25 2.09
N VAL I 138 -86.74 6.51 2.34
CA VAL I 138 -85.41 6.79 2.85
C VAL I 138 -85.38 7.21 4.32
N CYS I 139 -84.49 6.57 5.08
CA CYS I 139 -84.33 6.87 6.52
C CYS I 139 -82.92 7.42 6.68
N LEU I 140 -82.81 8.72 6.91
CA LEU I 140 -81.50 9.36 7.04
C LEU I 140 -81.08 9.65 8.48
N LEU I 141 -79.78 9.47 8.72
CA LEU I 141 -79.17 9.71 10.03
C LEU I 141 -78.00 10.66 9.82
N ASN I 142 -78.27 11.97 9.85
CA ASN I 142 -77.26 13.00 9.60
C ASN I 142 -76.31 13.49 10.70
N ASN I 143 -75.05 13.67 10.30
CA ASN I 143 -73.96 14.18 11.15
C ASN I 143 -73.69 13.59 12.56
N PHE I 144 -73.17 12.36 12.59
CA PHE I 144 -72.83 11.68 13.85
C PHE I 144 -71.55 10.84 13.81
N TYR I 145 -71.09 10.44 15.00
CA TYR I 145 -69.91 9.63 15.21
C TYR I 145 -70.14 8.83 16.50
N PRO I 146 -69.65 7.61 16.55
CA PRO I 146 -68.89 7.02 15.45
C PRO I 146 -69.75 6.50 14.34
N ARG I 147 -69.10 6.07 13.27
CA ARG I 147 -69.78 5.55 12.09
C ARG I 147 -70.72 4.40 12.42
N GLU I 148 -70.35 3.55 13.39
CA GLU I 148 -71.15 2.38 13.74
C GLU I 148 -72.54 2.73 14.27
N ALA I 149 -73.55 2.47 13.44
CA ALA I 149 -74.96 2.71 13.72
C ALA I 149 -75.79 1.59 13.10
N LYS I 150 -76.86 1.20 13.79
CA LYS I 150 -77.73 0.12 13.35
C LYS I 150 -79.10 0.65 12.95
N VAL I 151 -79.55 0.29 11.74
CA VAL I 151 -80.84 0.71 11.21
C VAL I 151 -81.66 -0.52 10.84
N GLN I 152 -82.85 -0.64 11.42
CA GLN I 152 -83.76 -1.76 11.15
C GLN I 152 -85.08 -1.21 10.62
N TRP I 153 -85.63 -1.86 9.58
CA TRP I 153 -86.88 -1.43 8.98
C TRP I 153 -88.05 -2.32 9.39
N LYS I 154 -89.20 -1.69 9.63
CA LYS I 154 -90.42 -2.42 9.96
C LYS I 154 -91.62 -1.82 9.24
N VAL I 155 -92.33 -2.68 8.51
CA VAL I 155 -93.53 -2.33 7.74
C VAL I 155 -94.70 -3.00 8.44
N ASP I 156 -95.61 -2.20 8.98
CA ASP I 156 -96.74 -2.67 9.77
C ASP I 156 -96.24 -3.50 10.95
N ASN I 157 -95.21 -2.96 11.62
CA ASN I 157 -94.53 -3.51 12.79
C ASN I 157 -93.73 -4.78 12.50
N ALA I 158 -93.60 -5.20 11.25
CA ALA I 158 -92.87 -6.41 10.88
C ALA I 158 -91.49 -6.14 10.28
N LEU I 159 -90.47 -6.81 10.84
CA LEU I 159 -89.08 -6.69 10.41
C LEU I 159 -88.87 -7.07 8.94
N GLN I 160 -88.03 -6.28 8.25
CA GLN I 160 -87.68 -6.47 6.85
C GLN I 160 -86.19 -6.76 6.71
N SER I 161 -85.82 -7.56 5.69
CA SER I 161 -84.43 -7.90 5.47
C SER I 161 -84.15 -8.16 3.99
N GLY I 162 -83.07 -7.56 3.47
CA GLY I 162 -82.61 -7.71 2.10
C GLY I 162 -83.08 -6.64 1.14
N ASN I 163 -84.25 -6.07 1.37
CA ASN I 163 -84.85 -5.06 0.49
C ASN I 163 -84.39 -3.63 0.80
N SER I 164 -83.33 -3.46 1.59
CA SER I 164 -82.83 -2.13 1.94
C SER I 164 -81.32 -2.04 1.68
N GLN I 165 -80.90 -0.88 1.15
CA GLN I 165 -79.49 -0.62 0.86
C GLN I 165 -79.01 0.60 1.64
N GLU I 166 -77.79 0.50 2.18
CA GLU I 166 -77.19 1.56 2.98
C GLU I 166 -75.96 2.17 2.30
N SER I 167 -75.80 3.48 2.48
CA SER I 167 -74.64 4.19 1.98
C SER I 167 -74.27 5.26 3.00
N VAL I 168 -73.01 5.66 3.06
CA VAL I 168 -72.64 6.68 4.03
C VAL I 168 -71.52 7.55 3.57
N THR I 169 -71.69 8.85 3.74
CA THR I 169 -70.64 9.76 3.34
C THR I 169 -69.70 9.88 4.50
N GLU I 170 -68.39 9.77 4.23
CA GLU I 170 -67.37 9.82 5.30
C GLU I 170 -67.36 11.10 6.11
N GLN I 171 -66.47 11.16 7.10
CA GLN I 171 -66.35 12.33 7.97
C GLN I 171 -66.47 13.64 7.21
N ASP I 172 -67.07 14.64 7.85
CA ASP I 172 -67.24 15.94 7.24
C ASP I 172 -65.99 16.79 7.42
N SER I 173 -65.67 17.55 6.39
CA SER I 173 -64.49 18.41 6.35
C SER I 173 -64.34 19.38 7.53
N LYS I 174 -65.46 19.92 8.04
CA LYS I 174 -65.51 20.84 9.18
C LYS I 174 -65.78 20.29 10.58
N ASP I 175 -66.89 19.59 10.79
CA ASP I 175 -67.30 18.97 12.05
C ASP I 175 -66.98 17.49 12.19
N SER I 176 -66.59 16.81 11.11
CA SER I 176 -65.98 15.47 11.18
C SER I 176 -66.91 14.53 11.95
N THR I 177 -68.03 14.33 11.27
CA THR I 177 -69.13 13.44 11.59
C THR I 177 -69.54 12.72 10.32
N TYR I 178 -70.26 11.61 10.47
CA TYR I 178 -70.72 10.77 9.38
C TYR I 178 -72.19 10.98 9.06
N SER I 179 -72.58 10.64 7.82
CA SER I 179 -74.00 10.71 7.48
C SER I 179 -74.40 9.44 6.73
N LEU I 180 -75.58 8.90 7.05
CA LEU I 180 -75.98 7.60 6.48
C LEU I 180 -77.39 7.66 5.89
N SER I 181 -77.56 6.97 4.75
CA SER I 181 -78.83 6.83 4.05
C SER I 181 -79.21 5.36 3.93
N SER I 182 -80.40 4.99 4.44
CA SER I 182 -80.94 3.63 4.33
C SER I 182 -82.20 3.67 3.46
N THR I 183 -82.11 3.05 2.28
CA THR I 183 -83.19 3.07 1.28
C THR I 183 -83.92 1.72 1.18
N LEU I 184 -85.18 1.71 1.59
CA LEU I 184 -86.06 0.54 1.50
C LEU I 184 -86.85 0.61 0.19
N THR I 185 -86.66 -0.36 -0.70
CA THR I 185 -87.32 -0.34 -2.01
C THR I 185 -88.33 -1.47 -2.17
N LEU I 186 -89.55 -1.12 -2.58
CA LEU I 186 -90.63 -2.07 -2.85
C LEU I 186 -91.47 -1.54 -4.00
N SER I 187 -92.23 -2.44 -4.61
CA SER I 187 -93.12 -2.07 -5.71
C SER I 187 -94.34 -1.30 -5.22
N LYS I 188 -94.92 -0.49 -6.12
CA LYS I 188 -96.13 0.26 -5.79
C LYS I 188 -97.25 -0.68 -5.36
N ALA I 189 -97.42 -1.78 -6.10
CA ALA I 189 -98.44 -2.78 -5.78
C ALA I 189 -98.38 -3.22 -4.33
N ASP I 190 -97.18 -3.53 -3.83
CA ASP I 190 -97.03 -3.97 -2.46
C ASP I 190 -96.88 -2.82 -1.47
N TYR I 191 -96.62 -1.60 -1.96
CA TYR I 191 -96.60 -0.44 -1.06
C TYR I 191 -98.01 -0.15 -0.58
N GLU I 192 -99.00 -0.33 -1.47
CA GLU I 192 -100.39 -0.12 -1.13
C GLU I 192 -100.93 -1.21 -0.20
N LYS I 193 -100.25 -2.33 -0.07
CA LYS I 193 -100.72 -3.39 0.82
C LYS I 193 -100.44 -3.09 2.29
N HIS I 194 -99.77 -1.99 2.62
CA HIS I 194 -99.41 -1.66 3.99
C HIS I 194 -99.66 -0.18 4.27
N LYS I 195 -99.57 0.20 5.54
CA LYS I 195 -99.83 1.60 5.91
C LYS I 195 -98.75 2.24 6.78
N VAL I 196 -98.32 1.59 7.85
CA VAL I 196 -97.33 2.16 8.77
C VAL I 196 -95.92 1.76 8.33
N TYR I 197 -95.06 2.76 8.17
CA TYR I 197 -93.66 2.57 7.78
C TYR I 197 -92.75 3.19 8.84
N ALA I 198 -91.82 2.39 9.39
CA ALA I 198 -90.95 2.90 10.45
C ALA I 198 -89.53 2.37 10.33
N CYS I 199 -88.57 3.22 10.72
CA CYS I 199 -87.16 2.85 10.79
C CYS I 199 -86.62 3.11 12.19
N GLU I 200 -86.03 2.07 12.79
CA GLU I 200 -85.46 2.12 14.13
C GLU I 200 -83.95 2.31 14.04
N VAL I 201 -83.45 3.35 14.70
CA VAL I 201 -82.03 3.70 14.73
C VAL I 201 -81.47 3.45 16.13
N THR I 202 -80.38 2.68 16.20
CA THR I 202 -79.68 2.42 17.45
C THR I 202 -78.24 2.91 17.26
N HIS I 203 -77.84 3.86 18.11
CA HIS I 203 -76.51 4.47 18.07
C HIS I 203 -75.89 4.48 19.46
N GLN I 204 -74.55 4.47 19.51
CA GLN I 204 -73.87 4.46 20.79
C GLN I 204 -74.19 5.68 21.65
N GLY I 205 -74.82 6.71 21.08
CA GLY I 205 -75.03 7.92 21.85
C GLY I 205 -76.50 8.28 21.79
N LEU I 206 -77.34 7.25 21.65
CA LEU I 206 -78.78 7.35 21.81
C LEU I 206 -79.17 6.48 23.00
N SER I 207 -79.55 7.11 24.12
CA SER I 207 -79.86 6.37 25.34
C SER I 207 -80.80 5.19 25.07
N SER I 208 -81.80 5.40 24.23
CA SER I 208 -82.79 4.42 23.81
C SER I 208 -82.98 4.51 22.29
N PRO I 209 -83.36 3.42 21.63
CA PRO I 209 -83.51 3.46 20.17
C PRO I 209 -84.56 4.48 19.74
N VAL I 210 -84.24 5.19 18.66
CA VAL I 210 -85.11 6.22 18.09
C VAL I 210 -85.86 5.64 16.91
N THR I 211 -87.19 5.77 16.91
CA THR I 211 -88.01 5.26 15.82
C THR I 211 -88.68 6.42 15.10
N LYS I 212 -88.44 6.52 13.79
CA LYS I 212 -89.07 7.54 12.95
C LYS I 212 -90.02 6.81 12.01
N SER I 213 -91.30 7.22 12.02
CA SER I 213 -92.31 6.54 11.23
C SER I 213 -93.30 7.51 10.60
N PHE I 214 -94.16 6.95 9.74
CA PHE I 214 -95.22 7.70 9.08
C PHE I 214 -96.31 6.72 8.66
N ASN I 215 -97.48 7.29 8.36
CA ASN I 215 -98.63 6.55 7.86
C ASN I 215 -98.95 6.95 6.43
N ARG I 216 -99.20 5.96 5.57
CA ARG I 216 -99.56 6.22 4.19
C ARG I 216 -101.02 6.63 4.06
N GLN J 6 -38.86 13.96 -11.31
CA GLN J 6 -40.19 14.04 -11.93
C GLN J 6 -40.40 12.88 -12.91
N VAL J 7 -40.88 11.78 -12.34
CA VAL J 7 -41.16 10.53 -13.05
C VAL J 7 -42.65 10.27 -12.97
N GLN J 8 -43.27 9.86 -14.08
CA GLN J 8 -44.71 9.62 -13.96
C GLN J 8 -45.22 8.55 -14.92
N LEU J 9 -46.30 7.90 -14.50
CA LEU J 9 -47.07 6.94 -15.29
C LEU J 9 -48.44 7.54 -15.58
N VAL J 10 -48.80 7.68 -16.85
CA VAL J 10 -50.07 8.25 -17.28
C VAL J 10 -50.87 7.17 -18.01
N GLN J 11 -51.97 6.74 -17.38
CA GLN J 11 -52.82 5.66 -17.87
C GLN J 11 -53.91 6.15 -18.82
N SER J 12 -54.45 5.21 -19.60
CA SER J 12 -55.52 5.46 -20.56
C SER J 12 -56.83 5.83 -19.87
N GLY J 13 -57.70 6.50 -20.64
CA GLY J 13 -59.01 6.90 -20.17
C GLY J 13 -59.88 5.73 -19.73
N ALA J 14 -60.83 6.06 -18.84
CA ALA J 14 -61.75 5.08 -18.29
C ALA J 14 -62.51 4.33 -19.39
N GLU J 15 -62.95 3.12 -19.07
CA GLU J 15 -63.65 2.26 -20.01
C GLU J 15 -64.96 1.71 -19.48
N VAL J 16 -65.93 1.62 -20.37
CA VAL J 16 -67.24 1.01 -20.13
C VAL J 16 -67.32 -0.12 -21.15
N LYS J 17 -67.27 -1.36 -20.66
CA LYS J 17 -67.27 -2.53 -21.52
C LYS J 17 -68.33 -3.55 -21.13
N LYS J 18 -69.02 -4.08 -22.13
CA LYS J 18 -70.05 -5.07 -21.90
C LYS J 18 -69.39 -6.41 -21.55
N PRO J 19 -70.02 -7.21 -20.68
CA PRO J 19 -69.41 -8.48 -20.28
C PRO J 19 -69.11 -9.37 -21.48
N GLY J 20 -67.91 -9.96 -21.47
CA GLY J 20 -67.40 -10.81 -22.52
C GLY J 20 -66.39 -10.13 -23.43
N ALA J 21 -66.52 -8.82 -23.61
CA ALA J 21 -65.62 -8.05 -24.45
C ALA J 21 -64.24 -8.00 -23.80
N SER J 22 -63.26 -7.49 -24.53
CA SER J 22 -61.91 -7.34 -24.00
C SER J 22 -61.56 -5.86 -23.89
N VAL J 23 -60.62 -5.54 -23.02
CA VAL J 23 -60.20 -4.15 -22.80
C VAL J 23 -58.69 -4.05 -22.76
N ARG J 24 -58.16 -3.01 -23.38
CA ARG J 24 -56.74 -2.72 -23.36
C ARG J 24 -56.52 -1.43 -22.59
N VAL J 25 -55.67 -1.49 -21.57
CA VAL J 25 -55.33 -0.34 -20.74
C VAL J 25 -53.85 -0.01 -20.92
N SER J 26 -53.57 1.19 -21.41
CA SER J 26 -52.20 1.65 -21.60
C SER J 26 -51.71 2.35 -20.33
N CYS J 27 -50.42 2.23 -20.08
CA CYS J 27 -49.73 2.87 -18.95
C CYS J 27 -48.46 3.46 -19.57
N LYS J 28 -48.47 4.75 -19.89
CA LYS J 28 -47.33 5.42 -20.50
C LYS J 28 -46.37 5.96 -19.43
N ALA J 29 -45.18 5.39 -19.37
CA ALA J 29 -44.15 5.81 -18.41
C ALA J 29 -43.43 7.04 -18.93
N SER J 30 -42.69 7.70 -18.03
CA SER J 30 -41.96 8.87 -18.49
C SER J 30 -40.94 9.31 -17.45
N GLY J 31 -39.86 9.89 -17.96
CA GLY J 31 -38.71 10.47 -17.28
C GLY J 31 -37.86 9.56 -16.43
N TYR J 32 -37.63 8.33 -16.92
CA TYR J 32 -36.79 7.35 -16.23
C TYR J 32 -36.39 6.32 -17.28
N THR J 33 -35.54 5.38 -16.91
CA THR J 33 -35.08 4.40 -17.90
C THR J 33 -35.95 3.15 -17.82
N PHE J 34 -37.10 3.27 -18.50
CA PHE J 34 -38.12 2.22 -18.53
C PHE J 34 -37.54 0.86 -18.91
N THR J 35 -36.52 0.85 -19.76
CA THR J 35 -35.92 -0.41 -20.20
C THR J 35 -35.32 -1.20 -19.04
N SER J 36 -34.83 -0.54 -18.01
CA SER J 36 -34.26 -1.23 -16.86
C SER J 36 -35.18 -1.18 -15.64
N TYR J 37 -36.50 -1.21 -15.88
CA TYR J 37 -37.50 -1.26 -14.82
C TYR J 37 -38.71 -2.04 -15.33
N GLY J 38 -39.51 -2.54 -14.38
CA GLY J 38 -40.72 -3.26 -14.68
C GLY J 38 -41.97 -2.46 -14.36
N ILE J 39 -43.12 -3.11 -14.60
CA ILE J 39 -44.43 -2.52 -14.39
C ILE J 39 -45.34 -3.61 -13.84
N SER J 40 -45.92 -3.37 -12.68
CA SER J 40 -46.94 -4.24 -12.12
C SER J 40 -48.31 -3.64 -12.38
N TRP J 41 -49.34 -4.43 -12.10
CA TRP J 41 -50.72 -4.01 -12.27
C TRP J 41 -51.49 -4.49 -11.05
N VAL J 42 -52.18 -3.58 -10.37
CA VAL J 42 -53.02 -3.94 -9.24
C VAL J 42 -54.38 -3.26 -9.41
N ARG J 43 -55.46 -4.03 -9.18
CA ARG J 43 -56.81 -3.51 -9.33
C ARG J 43 -57.53 -3.48 -7.99
N GLN J 44 -58.45 -2.54 -7.88
CA GLN J 44 -59.22 -2.26 -6.66
C GLN J 44 -60.72 -2.22 -6.95
N ALA J 45 -61.44 -3.29 -6.60
CA ALA J 45 -62.87 -3.30 -6.84
C ALA J 45 -63.49 -2.14 -6.07
N PRO J 46 -64.71 -1.70 -6.42
CA PRO J 46 -65.29 -0.57 -5.69
C PRO J 46 -65.64 -0.94 -4.26
N GLY J 47 -65.01 -0.27 -3.30
CA GLY J 47 -65.28 -0.50 -1.92
C GLY J 47 -64.35 -1.49 -1.24
N GLN J 48 -63.64 -2.30 -2.02
CA GLN J 48 -62.72 -3.29 -1.49
C GLN J 48 -61.26 -2.85 -1.56
N GLY J 49 -60.37 -3.77 -1.20
CA GLY J 49 -58.93 -3.54 -1.18
C GLY J 49 -58.26 -3.67 -2.53
N LEU J 50 -56.93 -3.78 -2.47
CA LEU J 50 -56.09 -3.92 -3.64
C LEU J 50 -55.82 -5.39 -3.94
N GLU J 51 -55.98 -5.78 -5.20
CA GLU J 51 -55.75 -7.15 -5.65
C GLU J 51 -54.72 -7.10 -6.77
N TRP J 52 -53.60 -7.82 -6.59
CA TRP J 52 -52.57 -7.83 -7.61
C TRP J 52 -53.07 -8.49 -8.88
N MET J 53 -52.53 -8.06 -10.02
CA MET J 53 -52.91 -8.63 -11.31
C MET J 53 -51.76 -9.35 -11.98
N GLY J 54 -50.66 -8.67 -12.23
CA GLY J 54 -49.50 -9.27 -12.87
C GLY J 54 -48.35 -8.30 -12.88
N TRP J 55 -47.24 -8.75 -13.45
CA TRP J 55 -46.05 -7.93 -13.59
C TRP J 55 -45.45 -8.25 -14.96
N ILE J 56 -44.78 -7.25 -15.54
CA ILE J 56 -44.16 -7.36 -16.86
C ILE J 56 -42.91 -6.49 -16.87
N SER J 57 -41.79 -7.03 -17.34
CA SER J 57 -40.55 -6.27 -17.34
C SER J 57 -40.31 -5.51 -18.65
N GLY J 58 -39.40 -4.55 -18.57
CA GLY J 58 -38.95 -3.70 -19.66
C GLY J 58 -37.61 -4.10 -20.21
N TYR J 59 -37.00 -5.10 -19.60
CA TYR J 59 -35.73 -5.70 -19.99
C TYR J 59 -35.95 -7.02 -20.71
N ASP J 60 -36.54 -7.96 -20.00
CA ASP J 60 -36.80 -9.29 -20.52
C ASP J 60 -38.05 -9.35 -21.35
N GLY J 61 -39.04 -8.53 -20.99
CA GLY J 61 -40.31 -8.61 -21.66
C GLY J 61 -40.98 -9.82 -21.08
N ASN J 62 -40.56 -10.22 -19.89
CA ASN J 62 -41.09 -11.37 -19.17
C ASN J 62 -42.37 -10.99 -18.45
N THR J 63 -43.08 -12.00 -17.96
CA THR J 63 -44.34 -11.72 -17.29
C THR J 63 -44.62 -12.73 -16.18
N ASN J 64 -45.41 -12.27 -15.21
CA ASN J 64 -45.93 -13.12 -14.15
C ASN J 64 -47.38 -12.70 -13.95
N TYR J 65 -48.32 -13.58 -14.29
CA TYR J 65 -49.73 -13.28 -14.16
C TYR J 65 -50.30 -14.01 -12.96
N ALA J 66 -51.25 -13.37 -12.27
CA ALA J 66 -51.88 -14.01 -11.13
C ALA J 66 -52.66 -15.24 -11.56
N GLN J 67 -52.54 -16.31 -10.77
CA GLN J 67 -53.20 -17.58 -11.09
C GLN J 67 -54.69 -17.40 -11.35
N LYS J 68 -55.36 -16.55 -10.58
CA LYS J 68 -56.79 -16.32 -10.74
C LYS J 68 -57.14 -15.68 -12.09
N LEU J 69 -56.18 -15.07 -12.76
CA LEU J 69 -56.42 -14.40 -14.03
C LEU J 69 -55.69 -15.04 -15.20
N GLN J 70 -54.85 -16.05 -14.95
CA GLN J 70 -54.07 -16.74 -15.97
C GLN J 70 -54.87 -17.11 -17.21
N GLY J 71 -54.31 -16.81 -18.38
CA GLY J 71 -54.88 -17.07 -19.67
C GLY J 71 -55.79 -15.98 -20.19
N ARG J 72 -56.51 -15.33 -19.28
CA ARG J 72 -57.42 -14.25 -19.64
C ARG J 72 -56.71 -12.91 -19.75
N VAL J 73 -55.51 -12.76 -19.20
CA VAL J 73 -54.81 -11.49 -19.25
C VAL J 73 -53.51 -11.63 -20.05
N THR J 74 -53.19 -10.56 -20.77
CA THR J 74 -52.00 -10.42 -21.59
C THR J 74 -51.49 -9.02 -21.29
N MET J 75 -50.16 -8.88 -21.22
CA MET J 75 -49.60 -7.54 -21.02
C MET J 75 -48.19 -7.49 -21.57
N THR J 76 -47.99 -6.59 -22.52
CA THR J 76 -46.77 -6.41 -23.26
C THR J 76 -46.16 -5.05 -22.96
N THR J 77 -44.97 -4.82 -23.50
CA THR J 77 -44.26 -3.57 -23.34
C THR J 77 -43.72 -3.08 -24.67
N ASP J 78 -43.81 -1.77 -24.88
CA ASP J 78 -43.32 -1.11 -26.10
C ASP J 78 -42.28 -0.08 -25.65
N THR J 79 -41.02 -0.52 -25.55
CA THR J 79 -39.93 0.31 -25.05
C THR J 79 -39.62 1.50 -25.97
N SER J 80 -40.08 1.49 -27.22
CA SER J 80 -39.86 2.63 -28.08
C SER J 80 -40.62 3.85 -27.56
N THR J 81 -41.83 3.64 -27.06
CA THR J 81 -42.64 4.68 -26.44
C THR J 81 -42.72 4.47 -24.94
N SER J 82 -41.94 3.52 -24.43
CA SER J 82 -41.87 3.14 -23.02
C SER J 82 -43.24 2.96 -22.37
N THR J 83 -44.18 2.40 -23.13
CA THR J 83 -45.55 2.21 -22.65
C THR J 83 -45.78 0.73 -22.34
N ALA J 84 -46.52 0.47 -21.26
CA ALA J 84 -46.87 -0.87 -20.82
C ALA J 84 -48.36 -1.07 -21.03
N TYR J 85 -48.75 -2.12 -21.72
CA TYR J 85 -50.17 -2.38 -21.93
C TYR J 85 -50.65 -3.56 -21.10
N MET J 86 -51.97 -3.65 -20.97
CA MET J 86 -52.63 -4.67 -20.16
C MET J 86 -54.00 -4.94 -20.78
N GLU J 87 -54.18 -6.12 -21.36
CA GLU J 87 -55.43 -6.48 -22.02
C GLU J 87 -56.13 -7.60 -21.25
N LEU J 88 -57.27 -7.26 -20.64
CA LEU J 88 -58.11 -8.24 -19.94
C LEU J 88 -59.28 -8.60 -20.84
N ARG J 89 -59.30 -9.84 -21.29
CA ARG J 89 -60.35 -10.32 -22.17
C ARG J 89 -61.48 -10.96 -21.38
N SER J 90 -62.51 -11.37 -22.11
CA SER J 90 -63.70 -12.00 -21.54
C SER J 90 -64.07 -11.41 -20.18
N LEU J 91 -64.23 -10.09 -20.18
CA LEU J 91 -64.60 -9.32 -19.00
C LEU J 91 -65.85 -9.89 -18.33
N ARG J 92 -65.90 -9.78 -17.00
CA ARG J 92 -67.07 -10.21 -16.25
C ARG J 92 -67.35 -9.17 -15.16
N SER J 93 -68.57 -9.21 -14.61
CA SER J 93 -69.00 -8.25 -13.59
C SER J 93 -68.01 -8.08 -12.44
N ASP J 94 -67.40 -9.17 -11.98
CA ASP J 94 -66.45 -9.01 -10.88
C ASP J 94 -65.15 -8.34 -11.31
N ASP J 95 -65.00 -7.99 -12.59
CA ASP J 95 -63.83 -7.26 -13.05
C ASP J 95 -64.01 -5.76 -13.00
N THR J 96 -65.21 -5.28 -12.66
CA THR J 96 -65.45 -3.85 -12.51
C THR J 96 -64.61 -3.35 -11.34
N ALA J 97 -63.66 -2.46 -11.64
CA ALA J 97 -62.73 -2.00 -10.61
C ALA J 97 -61.89 -0.86 -11.18
N VAL J 98 -60.97 -0.35 -10.37
CA VAL J 98 -60.02 0.66 -10.81
C VAL J 98 -58.69 -0.06 -11.01
N TYR J 99 -58.08 0.16 -12.17
CA TYR J 99 -56.86 -0.52 -12.57
C TYR J 99 -55.67 0.42 -12.45
N TYR J 100 -54.62 -0.03 -11.76
CA TYR J 100 -53.41 0.77 -11.52
C TYR J 100 -52.15 0.06 -12.03
N CYS J 101 -51.18 0.85 -12.47
CA CYS J 101 -49.90 0.35 -12.96
C CYS J 101 -48.81 0.97 -12.08
N ALA J 102 -47.80 0.18 -11.70
CA ALA J 102 -46.76 0.71 -10.82
C ALA J 102 -45.35 0.31 -11.26
N ARG J 103 -44.40 1.22 -11.09
CA ARG J 103 -43.02 0.94 -11.47
C ARG J 103 -42.41 -0.05 -10.49
N ASP J 104 -41.98 -1.20 -10.99
CA ASP J 104 -41.48 -2.30 -10.16
C ASP J 104 -40.07 -2.70 -10.58
N GLY J 105 -39.56 -3.72 -9.90
CA GLY J 105 -38.25 -4.28 -10.18
C GLY J 105 -38.26 -4.98 -11.52
N PRO J 106 -37.12 -5.00 -12.20
CA PRO J 106 -37.09 -5.59 -13.54
C PRO J 106 -37.11 -7.11 -13.52
N GLN J 107 -36.70 -7.72 -12.44
CA GLN J 107 -36.72 -9.17 -12.36
C GLN J 107 -37.47 -9.54 -11.10
N VAL J 108 -38.79 -9.61 -11.18
CA VAL J 108 -39.51 -9.94 -9.94
C VAL J 108 -39.56 -11.43 -9.67
N GLY J 109 -40.08 -12.19 -10.64
CA GLY J 109 -40.22 -13.62 -10.48
C GLY J 109 -39.06 -14.28 -11.16
N ASP J 110 -37.93 -13.63 -10.93
CA ASP J 110 -36.67 -14.02 -11.52
C ASP J 110 -36.32 -15.40 -11.04
N PHE J 111 -35.22 -15.92 -11.58
CA PHE J 111 -34.78 -17.25 -11.20
C PHE J 111 -34.55 -17.32 -9.69
N ASP J 112 -33.63 -16.52 -9.17
CA ASP J 112 -33.38 -16.59 -7.75
C ASP J 112 -33.87 -15.35 -7.00
N TRP J 113 -33.18 -15.04 -5.91
CA TRP J 113 -33.40 -13.92 -5.01
C TRP J 113 -33.50 -12.61 -5.76
N GLN J 114 -34.41 -11.73 -5.33
CA GLN J 114 -34.41 -10.37 -5.87
C GLN J 114 -34.08 -9.37 -4.77
N VAL J 115 -32.96 -9.60 -4.05
CA VAL J 115 -32.43 -8.60 -3.12
C VAL J 115 -31.68 -7.51 -3.86
N TYR J 116 -31.50 -7.66 -5.16
CA TYR J 116 -30.83 -6.68 -6.00
C TYR J 116 -31.63 -5.37 -6.04
N TYR J 117 -32.93 -5.48 -5.86
CA TYR J 117 -33.86 -4.36 -5.80
C TYR J 117 -34.78 -4.72 -4.65
N TYR J 118 -34.82 -3.90 -3.63
CA TYR J 118 -35.63 -4.25 -2.48
C TYR J 118 -36.82 -3.32 -2.37
N TYR J 119 -36.78 -2.23 -3.12
CA TYR J 119 -37.82 -1.24 -3.14
C TYR J 119 -39.09 -1.88 -3.70
N GLY J 120 -40.23 -1.53 -3.12
CA GLY J 120 -41.50 -2.05 -3.58
C GLY J 120 -41.97 -1.30 -4.80
N MET J 121 -43.29 -1.09 -4.91
CA MET J 121 -43.86 -0.33 -6.03
C MET J 121 -43.89 1.13 -5.59
N ASP J 122 -43.00 1.94 -6.15
CA ASP J 122 -42.86 3.34 -5.76
C ASP J 122 -43.72 4.30 -6.60
N VAL J 123 -43.46 4.39 -7.88
CA VAL J 123 -44.18 5.29 -8.78
C VAL J 123 -45.42 4.56 -9.27
N TRP J 124 -46.55 5.28 -9.35
CA TRP J 124 -47.79 4.69 -9.80
C TRP J 124 -48.53 5.63 -10.73
N GLY J 125 -49.69 5.17 -11.19
CA GLY J 125 -50.51 5.94 -12.10
C GLY J 125 -51.82 6.36 -11.46
N GLN J 126 -52.49 7.32 -12.09
CA GLN J 126 -53.75 7.83 -11.58
C GLN J 126 -54.83 6.75 -11.55
N GLY J 127 -54.74 5.77 -12.44
CA GLY J 127 -55.70 4.68 -12.50
C GLY J 127 -56.67 4.82 -13.66
N THR J 128 -57.30 3.69 -14.00
CA THR J 128 -58.27 3.59 -15.09
C THR J 128 -59.49 2.83 -14.57
N THR J 129 -60.64 3.49 -14.52
CA THR J 129 -61.85 2.83 -14.05
C THR J 129 -62.45 1.99 -15.17
N VAL J 130 -62.63 0.70 -14.91
CA VAL J 130 -63.20 -0.23 -15.88
C VAL J 130 -64.53 -0.72 -15.32
N THR J 131 -65.59 -0.53 -16.12
CA THR J 131 -66.97 -0.88 -15.76
C THR J 131 -67.47 -2.00 -16.66
N VAL J 132 -67.60 -3.20 -16.10
CA VAL J 132 -68.09 -4.35 -16.86
C VAL J 132 -69.57 -4.52 -16.49
N SER J 133 -70.45 -3.95 -17.31
CA SER J 133 -71.88 -4.04 -17.05
C SER J 133 -72.68 -4.15 -18.35
N SER J 134 -73.70 -5.00 -18.32
CA SER J 134 -74.56 -5.23 -19.49
C SER J 134 -75.48 -4.05 -19.78
N ALA J 135 -75.86 -3.31 -18.74
CA ALA J 135 -76.80 -2.20 -18.85
C ALA J 135 -76.37 -1.15 -19.88
N SER J 136 -77.37 -0.53 -20.48
CA SER J 136 -77.24 0.54 -21.47
C SER J 136 -77.22 1.90 -20.80
N THR J 137 -76.67 2.88 -21.51
CA THR J 137 -76.56 4.25 -21.00
C THR J 137 -77.94 4.85 -20.73
N LYS J 138 -78.25 5.12 -19.45
CA LYS J 138 -79.55 5.63 -19.05
C LYS J 138 -79.42 6.83 -18.12
N GLY J 139 -80.19 7.88 -18.40
CA GLY J 139 -80.24 9.05 -17.56
C GLY J 139 -80.99 8.77 -16.29
N PRO J 140 -80.71 9.50 -15.22
CA PRO J 140 -81.38 9.24 -13.95
C PRO J 140 -82.79 9.78 -13.86
N SER J 141 -83.57 9.13 -13.00
CA SER J 141 -84.96 9.44 -12.74
C SER J 141 -84.85 10.20 -11.38
N VAL J 142 -85.27 11.45 -11.35
CA VAL J 142 -85.18 12.26 -10.13
C VAL J 142 -86.51 12.36 -9.39
N PHE J 143 -86.50 11.96 -8.12
CA PHE J 143 -87.71 12.02 -7.30
C PHE J 143 -87.40 12.92 -6.06
N PRO J 144 -88.32 13.80 -5.60
CA PRO J 144 -88.04 14.64 -4.43
C PRO J 144 -88.28 13.96 -3.10
N LEU J 145 -87.53 14.42 -2.10
CA LEU J 145 -87.63 13.98 -0.71
C LEU J 145 -88.11 15.18 0.10
N ALA J 146 -89.43 15.38 0.08
CA ALA J 146 -90.10 16.51 0.71
C ALA J 146 -90.03 16.45 2.23
N PRO J 147 -89.81 17.59 2.92
CA PRO J 147 -89.80 17.63 4.39
C PRO J 147 -91.21 17.57 4.97
N THR J 156 -84.45 23.09 12.81
CA THR J 156 -84.05 21.74 12.42
C THR J 156 -85.00 21.13 11.40
N ALA J 157 -84.52 20.92 10.17
CA ALA J 157 -85.37 20.34 9.14
C ALA J 157 -84.50 19.80 8.01
N ALA J 158 -84.85 18.60 7.52
CA ALA J 158 -84.12 17.92 6.45
C ALA J 158 -84.96 17.76 5.18
N LEU J 159 -84.33 17.88 4.01
CA LEU J 159 -85.01 17.67 2.73
C LEU J 159 -83.98 17.24 1.69
N GLY J 160 -84.43 16.60 0.61
CA GLY J 160 -83.46 16.18 -0.41
C GLY J 160 -84.07 15.66 -1.70
N CYS J 161 -83.27 14.87 -2.41
CA CYS J 161 -83.65 14.29 -3.68
C CYS J 161 -83.02 12.91 -3.88
N LEU J 162 -83.75 12.08 -4.61
CA LEU J 162 -83.38 10.70 -4.96
C LEU J 162 -83.06 10.59 -6.45
N VAL J 163 -81.79 10.35 -6.76
CA VAL J 163 -81.27 10.20 -8.13
C VAL J 163 -81.16 8.70 -8.39
N LYS J 164 -82.25 8.11 -8.91
CA LYS J 164 -82.33 6.67 -9.12
C LYS J 164 -82.24 6.19 -10.57
N ASP J 165 -81.81 4.93 -10.71
CA ASP J 165 -81.69 4.20 -11.99
C ASP J 165 -80.89 4.81 -13.15
N TYR J 166 -79.61 5.13 -12.95
CA TYR J 166 -78.76 5.69 -14.01
C TYR J 166 -77.46 4.90 -14.24
N PHE J 167 -76.90 5.06 -15.44
CA PHE J 167 -75.65 4.46 -15.89
C PHE J 167 -75.14 5.20 -17.13
N PRO J 168 -73.84 5.49 -17.20
CA PRO J 168 -72.91 5.09 -16.12
C PRO J 168 -72.96 5.80 -14.74
N GLU J 169 -71.95 5.51 -13.91
CA GLU J 169 -71.80 5.98 -12.52
C GLU J 169 -71.67 7.49 -12.20
N PRO J 170 -70.86 8.26 -13.03
CA PRO J 170 -70.76 9.68 -12.61
C PRO J 170 -72.02 10.54 -12.70
N VAL J 171 -72.45 11.08 -11.55
CA VAL J 171 -73.62 11.96 -11.45
C VAL J 171 -73.24 13.18 -10.48
N THR J 172 -73.67 14.44 -10.72
CA THR J 172 -73.40 15.56 -9.81
C THR J 172 -74.71 16.20 -9.34
N VAL J 173 -74.74 16.63 -8.08
CA VAL J 173 -75.90 17.27 -7.50
C VAL J 173 -75.52 18.68 -7.05
N SER J 174 -76.45 19.62 -7.18
CA SER J 174 -76.22 21.00 -6.79
C SER J 174 -77.55 21.72 -6.55
N TRP J 175 -77.62 22.47 -5.46
CA TRP J 175 -78.82 23.20 -5.07
C TRP J 175 -78.73 24.71 -5.36
N ASN J 176 -78.50 25.04 -6.62
CA ASN J 176 -78.41 26.45 -7.03
C ASN J 176 -77.22 27.27 -6.49
N SER J 177 -76.36 26.65 -5.68
CA SER J 177 -75.14 27.30 -5.18
C SER J 177 -75.16 28.14 -3.88
N GLY J 178 -76.34 28.38 -3.32
CA GLY J 178 -76.50 29.17 -2.10
C GLY J 178 -76.37 28.45 -0.75
N ALA J 179 -76.84 27.20 -0.68
CA ALA J 179 -76.76 26.40 0.54
C ALA J 179 -75.72 25.30 0.34
N LEU J 180 -75.33 25.09 -0.91
CA LEU J 180 -74.35 24.06 -1.26
C LEU J 180 -72.94 24.30 -0.71
N THR J 181 -72.77 25.38 0.04
CA THR J 181 -71.47 25.69 0.63
C THR J 181 -71.37 25.09 2.03
N SER J 182 -72.44 25.25 2.81
CA SER J 182 -72.50 24.71 4.16
C SER J 182 -73.74 23.84 4.32
N GLY J 183 -73.55 22.53 4.47
CA GLY J 183 -74.68 21.64 4.65
C GLY J 183 -75.10 20.81 3.45
N VAL J 184 -74.11 20.26 2.73
CA VAL J 184 -74.40 19.43 1.56
C VAL J 184 -73.99 18.00 1.90
N HIS J 185 -74.96 17.10 1.97
CA HIS J 185 -74.64 15.69 2.32
C HIS J 185 -75.14 14.80 1.19
N THR J 186 -74.23 14.49 0.25
CA THR J 186 -74.50 13.62 -0.88
C THR J 186 -73.96 12.22 -0.60
N PHE J 187 -74.81 11.21 -0.68
CA PHE J 187 -74.40 9.83 -0.44
C PHE J 187 -73.81 9.19 -1.70
N PRO J 188 -72.74 8.41 -1.58
CA PRO J 188 -72.19 7.74 -2.77
C PRO J 188 -73.14 6.69 -3.34
N ALA J 189 -73.07 6.55 -4.67
CA ALA J 189 -73.91 5.60 -5.40
C ALA J 189 -73.81 4.18 -4.86
N VAL J 190 -74.88 3.41 -5.07
CA VAL J 190 -74.96 2.00 -4.72
C VAL J 190 -75.57 1.26 -5.91
N LEU J 191 -74.83 0.31 -6.47
CA LEU J 191 -75.28 -0.41 -7.66
C LEU J 191 -76.33 -1.46 -7.27
N GLN J 192 -77.51 -1.36 -7.89
CA GLN J 192 -78.61 -2.28 -7.64
C GLN J 192 -78.53 -3.51 -8.55
N SER J 193 -79.22 -4.58 -8.15
CA SER J 193 -79.25 -5.82 -8.91
C SER J 193 -79.69 -5.60 -10.36
N SER J 194 -80.38 -4.50 -10.64
CA SER J 194 -80.80 -4.16 -11.99
C SER J 194 -79.63 -3.77 -12.87
N GLY J 195 -78.52 -3.38 -12.25
CA GLY J 195 -77.34 -2.92 -12.94
C GLY J 195 -77.35 -1.42 -13.14
N LEU J 196 -78.26 -0.73 -12.46
CA LEU J 196 -78.41 0.72 -12.49
C LEU J 196 -78.11 1.26 -11.11
N TYR J 197 -77.44 2.41 -11.05
CA TYR J 197 -77.06 3.02 -9.79
C TYR J 197 -78.20 3.84 -9.20
N SER J 198 -78.08 4.13 -7.91
CA SER J 198 -79.06 4.95 -7.21
C SER J 198 -78.38 5.62 -6.01
N LEU J 199 -78.69 6.89 -5.80
CA LEU J 199 -78.14 7.60 -4.65
C LEU J 199 -79.11 8.67 -4.20
N SER J 200 -78.93 9.13 -2.97
CA SER J 200 -79.73 10.22 -2.40
C SER J 200 -78.81 11.34 -1.93
N SER J 201 -79.29 12.58 -2.11
CA SER J 201 -78.55 13.77 -1.69
C SER J 201 -79.48 14.61 -0.83
N VAL J 202 -79.02 14.98 0.38
CA VAL J 202 -79.85 15.70 1.32
C VAL J 202 -79.16 16.96 1.86
N VAL J 203 -80.01 17.86 2.37
CA VAL J 203 -79.60 19.14 2.95
C VAL J 203 -80.42 19.37 4.22
N THR J 204 -79.80 20.04 5.18
CA THR J 204 -80.41 20.40 6.46
C THR J 204 -80.43 21.92 6.61
N VAL J 205 -81.63 22.49 6.75
CA VAL J 205 -81.82 23.93 6.86
C VAL J 205 -82.62 24.28 8.11
N PRO J 206 -82.46 25.47 8.68
CA PRO J 206 -83.30 25.84 9.84
C PRO J 206 -84.76 25.93 9.43
N SER J 207 -85.61 25.27 10.23
CA SER J 207 -87.04 25.18 9.95
C SER J 207 -87.70 26.51 9.56
N SER J 208 -87.21 27.63 10.09
CA SER J 208 -87.82 28.92 9.78
C SER J 208 -87.80 29.22 8.28
N SER J 209 -86.72 28.83 7.60
CA SER J 209 -86.60 29.12 6.18
C SER J 209 -87.60 28.36 5.32
N LEU J 210 -88.05 27.18 5.77
CA LEU J 210 -88.95 26.34 4.97
C LEU J 210 -90.12 27.04 4.27
N GLY J 211 -90.78 27.97 4.94
CA GLY J 211 -91.96 28.61 4.36
C GLY J 211 -91.71 29.69 3.32
N THR J 212 -90.59 30.39 3.38
CA THR J 212 -90.31 31.48 2.44
C THR J 212 -89.33 31.13 1.32
N GLN J 213 -88.32 30.31 1.61
CA GLN J 213 -87.30 29.93 0.63
C GLN J 213 -87.68 28.68 -0.18
N THR J 214 -87.50 28.75 -1.49
CA THR J 214 -87.81 27.63 -2.37
C THR J 214 -86.56 26.82 -2.64
N TYR J 215 -86.71 25.50 -2.72
CA TYR J 215 -85.55 24.63 -2.97
C TYR J 215 -85.63 23.74 -4.23
N ILE J 216 -84.58 23.79 -5.05
CA ILE J 216 -84.51 22.98 -6.27
C ILE J 216 -83.21 22.16 -6.31
N CYS J 217 -83.24 21.02 -6.99
CA CYS J 217 -82.07 20.17 -7.08
C CYS J 217 -81.61 20.08 -8.50
N ASN J 218 -80.33 20.36 -8.72
CA ASN J 218 -79.77 20.32 -10.07
C ASN J 218 -79.00 19.04 -10.30
N VAL J 219 -79.65 18.08 -10.97
CA VAL J 219 -79.03 16.80 -11.26
C VAL J 219 -78.36 16.83 -12.63
N ASN J 220 -77.09 16.44 -12.68
CA ASN J 220 -76.36 16.44 -13.93
C ASN J 220 -75.70 15.10 -14.17
N HIS J 221 -75.96 14.55 -15.34
CA HIS J 221 -75.43 13.24 -15.78
C HIS J 221 -74.86 13.42 -17.18
N LYS J 222 -73.59 13.83 -17.23
CA LYS J 222 -72.87 14.07 -18.48
C LYS J 222 -72.91 12.92 -19.50
N PRO J 223 -72.76 11.64 -19.13
CA PRO J 223 -72.78 10.60 -20.17
C PRO J 223 -74.03 10.59 -21.01
N SER J 224 -75.19 10.91 -20.44
CA SER J 224 -76.42 10.95 -21.20
C SER J 224 -76.83 12.38 -21.51
N ASN J 225 -75.97 13.34 -21.19
CA ASN J 225 -76.22 14.77 -21.38
C ASN J 225 -77.53 15.19 -20.71
N THR J 226 -77.86 14.56 -19.59
CA THR J 226 -79.10 14.81 -18.88
C THR J 226 -78.92 15.83 -17.76
N LYS J 227 -79.75 16.87 -17.76
CA LYS J 227 -79.77 17.86 -16.69
C LYS J 227 -81.21 18.01 -16.23
N VAL J 228 -81.46 17.68 -14.96
CA VAL J 228 -82.80 17.75 -14.39
C VAL J 228 -82.86 18.66 -13.17
N ASP J 229 -83.83 19.57 -13.18
CA ASP J 229 -84.04 20.52 -12.10
C ASP J 229 -85.41 20.17 -11.50
N LYS J 230 -85.41 19.64 -10.29
CA LYS J 230 -86.64 19.22 -9.64
C LYS J 230 -86.94 20.01 -8.37
N LYS J 231 -88.16 20.53 -8.28
CA LYS J 231 -88.64 21.31 -7.14
C LYS J 231 -88.97 20.39 -5.97
N VAL J 232 -88.45 20.71 -4.79
CA VAL J 232 -88.70 19.95 -3.58
C VAL J 232 -89.57 20.79 -2.66
N GLU J 233 -90.88 20.55 -2.69
CA GLU J 233 -91.82 21.30 -1.88
C GLU J 233 -92.47 20.48 -0.76
N PRO J 234 -92.83 21.13 0.34
CA PRO J 234 -93.46 20.45 1.48
C PRO J 234 -94.88 19.95 1.20
N LYS J 235 -95.24 18.93 1.98
CA LYS J 235 -96.51 18.22 1.92
C LYS J 235 -97.30 18.59 3.17
N SER J 236 -98.60 18.85 2.99
CA SER J 236 -99.47 19.24 4.09
C SER J 236 -99.73 18.16 5.11
N CYS J 237 -99.25 16.93 4.91
CA CYS J 237 -99.48 15.89 5.89
C CYS J 237 -98.35 15.91 6.92
#